data_2WTU
#
_entry.id   2WTU
#
_cell.length_a   91.105
_cell.length_b   137.890
_cell.length_c   161.446
_cell.angle_alpha   90.00
_cell.angle_beta   90.00
_cell.angle_gamma   90.00
#
_symmetry.space_group_name_H-M   'P 21 21 21'
#
loop_
_entity.id
_entity.type
_entity.pdbx_description
1 polymer 'DNA MISMATCH REPAIR PROTEIN MUTS'
2 polymer DNA
3 polymer DNA
4 non-polymer "ADENOSINE-5'-DIPHOSPHATE"
5 non-polymer 'CHLORIDE ION'
6 water water
#
loop_
_entity_poly.entity_id
_entity_poly.type
_entity_poly.pdbx_seq_one_letter_code
_entity_poly.pdbx_strand_id
1 'polypeptide(L)'
;MSAIENFDAHTPMMQQYLRLKAQHPEILLFYRMGDFYELFYDDAKRASQLLDISLTKRGASAGEPIPMAGIPYHAVENYL
AKLVNQGESVAICEQIGDPATSKGPVERKVVRIVTPGTISDEALLQERQDNLLAAIWQDSKGFGYATLDISSGRFRLSEP
ADRETMAAELQRTNPAELLYAEDFAEMSLIEGRRGLRRRPLWEFEIDTARQQLNLQFGTRDLVGFGVENAPRGLCAAGCL
LQYAKDTQRTTLPHIRSITMEREQDSIIMDAATRRNLEITQNLAGGAENTLASVLDCTVTPMGSRMLKRWLHMPVRDTRV
LLERQQTIGALQDFTAGLQPVLRQVGDLERILARLALRTARPRDLARMRHAFQQLPELRAQLETVDSAPVQALREKMGEF
AELRDLLERAIIDTPPVLVRDGGVIASGYNEELDEWRALADGATDYLERLEVRERERTGLDTLKVGFNAVHGYYIQISRG
QSHLAPINYMRRQTLKNAERYIIPELKEYEDKVLTSKGKALALEKQLYEELFDLLLPHLEALQQSASALAELDVLVNLAE
RAYTLNYTCPTFIDKPGIRITEGRHPVVEQVLNEPFIANPLNLSPQRRMLIITGPNMGGKSTYMRQTALIALMAYIGSYV
PAQKVEIGPIDRIFTRVGAADDLASGRSTFMVEMTETANILHNATEYSLVLMDEIGRGTSTYDGLSLAWACAENLANKIK
ALTLFATHYFELTQLPEKMEGVANVHLDALEHGDTIAFMHSVQDGAASKSYGLAVAALAGVPKEVIKRARQKLRELESIS
;
A,B
2 'polydeoxyribonucleotide' (DA)(DG)(DC)(DT)(DG)(DC)(DC)(DA)(DA)(DG)(DC)(DA)(DC)(DC)(DA)(DG) E
3 'polydeoxyribonucleotide' (DC)(DT)(DG)(DG)(DT)(DG)(DC)(DA)(DT)(DG)(DG)(DC)(DA)(DG)(DC)(DT) F
#
loop_
_chem_comp.id
_chem_comp.type
_chem_comp.name
_chem_comp.formula
ADP non-polymer ADENOSINE-5'-DIPHOSPHATE 'C10 H15 N5 O10 P2'
CL non-polymer 'CHLORIDE ION' 'Cl -1'
DA DNA linking 2'-DEOXYADENOSINE-5'-MONOPHOSPHATE 'C10 H14 N5 O6 P'
DC DNA linking 2'-DEOXYCYTIDINE-5'-MONOPHOSPHATE 'C9 H14 N3 O7 P'
DG DNA linking 2'-DEOXYGUANOSINE-5'-MONOPHOSPHATE 'C10 H14 N5 O7 P'
DT DNA linking THYMIDINE-5'-MONOPHOSPHATE 'C10 H15 N2 O8 P'
#
# COMPACT_ATOMS: atom_id res chain seq x y z
N SER A 2 31.40 17.26 23.30
CA SER A 2 30.78 17.66 21.99
C SER A 2 31.58 18.78 21.32
N ALA A 3 32.07 18.55 20.11
CA ALA A 3 33.11 19.39 19.49
C ALA A 3 32.65 20.71 18.87
N ILE A 4 33.43 21.76 19.09
CA ILE A 4 33.24 23.04 18.39
C ILE A 4 33.82 22.86 17.01
N GLU A 5 33.05 23.17 15.98
CA GLU A 5 33.52 23.00 14.61
C GLU A 5 33.53 24.32 13.90
N ASN A 6 34.66 25.00 13.96
CA ASN A 6 34.82 26.23 13.20
C ASN A 6 35.09 25.90 11.73
N PHE A 7 34.66 26.82 10.86
CA PHE A 7 34.72 26.65 9.40
C PHE A 7 36.12 26.27 8.95
N ASP A 8 37.12 26.99 9.45
CA ASP A 8 38.50 26.84 9.01
C ASP A 8 39.14 25.52 9.46
N ALA A 9 38.50 24.81 10.40
CA ALA A 9 38.98 23.51 10.89
C ALA A 9 38.63 22.30 10.01
N HIS A 10 37.62 22.43 9.15
CA HIS A 10 37.24 21.35 8.24
C HIS A 10 38.23 21.23 7.08
N THR A 11 38.57 19.98 6.73
CA THR A 11 39.47 19.73 5.61
C THR A 11 38.93 20.40 4.34
N PRO A 12 39.82 20.97 3.51
CA PRO A 12 39.47 21.64 2.25
C PRO A 12 38.24 21.09 1.50
N MET A 13 38.15 19.76 1.42
CA MET A 13 36.99 19.06 0.83
C MET A 13 35.66 19.44 1.48
N MET A 14 35.58 19.24 2.80
CA MET A 14 34.38 19.49 3.59
C MET A 14 33.93 20.95 3.61
N GLN A 15 34.87 21.86 3.39
CA GLN A 15 34.53 23.27 3.31
C GLN A 15 33.71 23.54 2.04
N GLN A 16 34.10 22.89 0.95
CA GLN A 16 33.37 23.04 -0.32
C GLN A 16 32.01 22.35 -0.23
N TYR A 17 31.94 21.28 0.58
CA TYR A 17 30.69 20.58 0.81
C TYR A 17 29.70 21.46 1.56
N LEU A 18 30.14 22.01 2.70
CA LEU A 18 29.24 22.67 3.64
C LEU A 18 28.64 23.99 3.12
N ARG A 19 29.42 24.77 2.37
CA ARG A 19 28.86 25.96 1.71
C ARG A 19 27.89 25.55 0.60
N LEU A 20 28.03 24.32 0.10
CA LEU A 20 27.09 23.80 -0.90
C LEU A 20 25.87 23.18 -0.24
N LYS A 21 26.07 22.39 0.81
CA LYS A 21 24.94 21.78 1.53
C LYS A 21 24.13 22.85 2.23
N ALA A 22 24.81 23.88 2.72
CA ALA A 22 24.15 25.02 3.36
C ALA A 22 23.16 25.70 2.42
N GLN A 23 23.40 25.58 1.12
CA GLN A 23 22.44 26.06 0.13
C GLN A 23 21.22 25.13 -0.02
N HIS A 24 21.32 23.90 0.50
CA HIS A 24 20.23 22.92 0.42
C HIS A 24 20.07 22.17 1.73
N PRO A 25 19.80 22.90 2.81
CA PRO A 25 19.82 22.30 4.14
C PRO A 25 18.82 21.15 4.35
N GLU A 26 17.68 21.20 3.68
CA GLU A 26 16.59 20.25 3.99
C GLU A 26 16.51 19.03 3.08
N ILE A 27 16.75 19.20 1.79
CA ILE A 27 16.72 18.11 0.82
C ILE A 27 18.09 17.41 0.73
N LEU A 28 18.09 16.14 0.32
CA LEU A 28 19.33 15.34 0.15
C LEU A 28 20.26 15.94 -0.90
N LEU A 29 21.56 15.71 -0.73
CA LEU A 29 22.55 16.22 -1.68
C LEU A 29 23.48 15.12 -2.18
N PHE A 30 23.42 14.87 -3.49
CA PHE A 30 24.36 14.00 -4.18
C PHE A 30 25.60 14.80 -4.56
N TYR A 31 26.71 14.48 -3.92
CA TYR A 31 27.98 15.18 -4.11
C TYR A 31 28.87 14.31 -5.01
N ARG A 32 29.04 14.72 -6.27
CA ARG A 32 29.90 13.99 -7.20
C ARG A 32 31.34 14.05 -6.72
N MET A 33 31.91 12.87 -6.44
CA MET A 33 33.30 12.76 -6.03
C MET A 33 33.94 11.56 -6.69
N GLY A 34 34.70 11.83 -7.76
CA GLY A 34 35.29 10.75 -8.53
C GLY A 34 34.21 10.12 -9.37
N ASP A 35 34.13 8.79 -9.34
CA ASP A 35 33.09 8.08 -10.07
C ASP A 35 31.80 7.93 -9.25
N PHE A 36 31.84 8.27 -7.95
CA PHE A 36 30.67 8.15 -7.08
C PHE A 36 29.95 9.48 -6.88
N TYR A 37 28.71 9.38 -6.43
CA TYR A 37 28.01 10.49 -5.82
C TYR A 37 27.97 10.22 -4.33
N GLU A 38 28.64 11.05 -3.54
CA GLU A 38 28.65 10.87 -2.08
C GLU A 38 27.46 11.57 -1.37
N LEU A 39 27.16 11.08 -0.17
CA LEU A 39 26.24 11.74 0.77
C LEU A 39 26.97 11.78 2.12
N PHE A 40 26.67 12.78 2.96
CA PHE A 40 27.38 12.92 4.24
C PHE A 40 26.53 13.27 5.45
N TYR A 41 27.00 12.81 6.61
CA TYR A 41 26.28 12.98 7.87
C TYR A 41 24.86 12.45 7.75
N ASP A 42 23.88 13.23 8.19
CA ASP A 42 22.47 12.82 8.16
C ASP A 42 22.04 12.42 6.74
N ASP A 43 22.39 13.22 5.74
CA ASP A 43 22.14 12.86 4.34
C ASP A 43 22.56 11.42 4.07
N ALA A 44 23.68 11.01 4.66
CA ALA A 44 24.17 9.65 4.49
C ALA A 44 23.33 8.65 5.28
N LYS A 45 23.04 8.95 6.54
CA LYS A 45 22.21 8.05 7.37
C LYS A 45 20.82 7.92 6.75
N ARG A 46 20.17 9.05 6.52
CA ARG A 46 18.82 9.06 5.94
C ARG A 46 18.82 8.36 4.58
N ALA A 47 19.78 8.69 3.73
CA ALA A 47 19.91 8.07 2.40
C ALA A 47 20.19 6.57 2.44
N SER A 48 20.95 6.14 3.45
CA SER A 48 21.21 4.72 3.69
C SER A 48 19.91 3.94 3.91
N GLN A 49 18.99 4.52 4.68
CA GLN A 49 17.71 3.88 5.03
C GLN A 49 16.74 3.89 3.86
N LEU A 50 16.67 5.01 3.15
CA LEU A 50 15.76 5.16 2.02
C LEU A 50 16.12 4.29 0.82
N LEU A 51 17.40 3.89 0.71
CA LEU A 51 17.89 3.17 -0.48
C LEU A 51 18.45 1.75 -0.23
N ASP A 52 18.61 1.35 1.03
CA ASP A 52 19.19 0.05 1.37
C ASP A 52 20.68 0.00 1.02
N ILE A 53 21.35 1.16 1.01
CA ILE A 53 22.80 1.23 0.79
C ILE A 53 23.51 1.40 2.12
N SER A 54 24.72 0.84 2.21
CA SER A 54 25.49 0.82 3.47
C SER A 54 25.91 2.20 3.95
N LEU A 55 25.90 2.36 5.27
CA LEU A 55 26.44 3.54 5.92
C LEU A 55 27.88 3.23 6.25
N THR A 56 28.73 4.25 6.20
CA THR A 56 30.14 4.06 6.42
C THR A 56 30.79 5.35 6.90
N LYS A 57 32.09 5.26 7.17
CA LYS A 57 32.87 6.39 7.66
C LYS A 57 33.66 7.00 6.51
N ARG A 58 34.12 8.23 6.73
CA ARG A 58 35.18 8.79 5.91
C ARG A 58 36.16 9.43 6.89
N GLY A 59 37.41 8.96 6.89
CA GLY A 59 38.37 9.28 7.93
C GLY A 59 38.74 10.75 8.09
N ALA A 60 38.94 11.16 9.35
CA ALA A 60 39.43 12.49 9.69
C ALA A 60 40.70 12.36 10.55
N SER A 61 41.58 13.36 10.47
CA SER A 61 42.79 13.46 11.32
C SER A 61 42.41 13.51 12.80
N ALA A 62 41.95 14.68 13.24
CA ALA A 62 41.31 14.87 14.54
C ALA A 62 39.80 14.88 14.37
N GLY A 63 39.08 14.74 15.48
CA GLY A 63 37.61 14.75 15.43
C GLY A 63 37.02 13.42 14.99
N GLU A 64 35.74 13.23 15.31
CA GLU A 64 35.00 12.02 14.94
C GLU A 64 34.94 11.92 13.42
N PRO A 65 35.01 10.69 12.87
CA PRO A 65 34.90 10.54 11.41
C PRO A 65 33.50 10.90 10.90
N ILE A 66 33.43 11.31 9.62
CA ILE A 66 32.19 11.75 9.00
C ILE A 66 31.39 10.59 8.42
N PRO A 67 30.09 10.50 8.73
CA PRO A 67 29.26 9.47 8.11
C PRO A 67 29.19 9.67 6.62
N MET A 68 29.17 8.58 5.86
CA MET A 68 29.13 8.66 4.41
C MET A 68 28.33 7.50 3.85
N ALA A 69 27.60 7.78 2.78
CA ALA A 69 27.09 6.73 1.88
C ALA A 69 27.25 7.24 0.45
N GLY A 70 27.07 6.35 -0.51
CA GLY A 70 27.25 6.74 -1.89
C GLY A 70 26.99 5.64 -2.91
N ILE A 71 26.92 6.05 -4.17
CA ILE A 71 26.61 5.15 -5.26
C ILE A 71 27.36 5.61 -6.51
N PRO A 72 27.68 4.68 -7.43
CA PRO A 72 28.38 5.01 -8.67
C PRO A 72 27.57 5.91 -9.60
N TYR A 73 28.26 6.87 -10.24
CA TYR A 73 27.60 7.91 -11.04
C TYR A 73 26.71 7.39 -12.16
N HIS A 74 26.96 6.15 -12.60
CA HIS A 74 26.24 5.53 -13.70
C HIS A 74 24.99 4.78 -13.23
N ALA A 75 24.96 4.36 -11.97
CA ALA A 75 23.78 3.69 -11.42
C ALA A 75 22.75 4.69 -10.87
N VAL A 76 23.04 5.99 -11.07
CA VAL A 76 22.31 7.08 -10.44
C VAL A 76 20.79 7.08 -10.61
N GLU A 77 20.29 6.66 -11.78
CA GLU A 77 18.84 6.84 -12.09
C GLU A 77 17.92 6.01 -11.21
N ASN A 78 18.21 4.71 -11.12
CA ASN A 78 17.42 3.79 -10.29
C ASN A 78 17.21 4.38 -8.91
N TYR A 79 18.30 4.90 -8.34
CA TYR A 79 18.29 5.48 -7.00
C TYR A 79 17.54 6.81 -6.93
N LEU A 80 17.63 7.62 -7.98
CA LEU A 80 16.81 8.82 -8.07
C LEU A 80 15.35 8.40 -8.11
N ALA A 81 15.08 7.29 -8.80
CA ALA A 81 13.72 6.78 -8.96
C ALA A 81 13.10 6.44 -7.62
N LYS A 82 13.83 5.70 -6.81
CA LYS A 82 13.33 5.31 -5.49
C LYS A 82 12.97 6.58 -4.72
N LEU A 83 13.90 7.53 -4.67
CA LEU A 83 13.75 8.74 -3.86
C LEU A 83 12.60 9.62 -4.34
N VAL A 84 12.44 9.77 -5.64
CA VAL A 84 11.41 10.64 -6.18
C VAL A 84 10.02 10.03 -5.99
N ASN A 85 9.95 8.70 -5.99
CA ASN A 85 8.70 7.99 -5.78
C ASN A 85 8.40 7.81 -4.29
N GLN A 86 9.27 8.35 -3.44
CA GLN A 86 8.98 8.46 -2.02
C GLN A 86 8.84 9.93 -1.63
N GLY A 87 8.73 10.79 -2.63
CA GLY A 87 8.48 12.20 -2.40
C GLY A 87 9.68 13.03 -1.99
N GLU A 88 10.88 12.45 -2.03
CA GLU A 88 12.11 13.16 -1.65
C GLU A 88 12.69 13.88 -2.85
N SER A 89 13.20 15.08 -2.62
CA SER A 89 13.95 15.80 -3.63
C SER A 89 15.44 15.59 -3.41
N VAL A 90 16.21 15.62 -4.49
CA VAL A 90 17.67 15.50 -4.42
C VAL A 90 18.32 16.58 -5.25
N ALA A 91 19.37 17.20 -4.72
CA ALA A 91 20.13 18.20 -5.47
C ALA A 91 21.33 17.50 -6.07
N ILE A 92 21.45 17.51 -7.38
CA ILE A 92 22.54 16.80 -8.07
C ILE A 92 23.73 17.73 -8.31
N CYS A 93 24.79 17.52 -7.53
CA CYS A 93 25.96 18.39 -7.52
C CYS A 93 27.11 17.72 -8.26
N GLU A 94 27.72 18.45 -9.18
CA GLU A 94 28.74 17.90 -10.08
C GLU A 94 30.10 18.58 -9.92
N GLN A 95 31.09 18.05 -10.63
CA GLN A 95 32.41 18.64 -10.73
C GLN A 95 32.44 19.51 -11.99
N ILE A 96 32.68 20.81 -11.82
CA ILE A 96 32.76 21.76 -12.95
C ILE A 96 34.16 21.82 -13.59
N GLY A 97 35.17 22.15 -12.81
CA GLY A 97 36.52 22.31 -13.34
C GLY A 97 37.17 21.00 -13.75
N ASP A 98 38.36 21.10 -14.33
CA ASP A 98 39.20 19.93 -14.59
C ASP A 98 40.14 19.74 -13.38
N PRO A 99 40.01 18.60 -12.67
CA PRO A 99 40.80 18.38 -11.46
C PRO A 99 42.32 18.20 -11.67
N ALA A 100 42.74 17.97 -12.91
CA ALA A 100 44.17 17.84 -13.24
C ALA A 100 44.87 19.20 -13.20
N THR A 101 44.14 20.23 -13.62
CA THR A 101 44.60 21.61 -13.52
C THR A 101 44.12 22.27 -12.21
N SER A 102 43.90 21.45 -11.17
CA SER A 102 43.41 21.93 -9.88
C SER A 102 44.34 21.48 -8.77
N LYS A 103 44.89 22.44 -8.04
CA LYS A 103 45.74 22.15 -6.90
C LYS A 103 44.83 21.91 -5.70
N GLY A 104 43.82 22.78 -5.56
CA GLY A 104 42.79 22.61 -4.53
C GLY A 104 41.61 21.83 -5.09
N PRO A 105 40.60 21.56 -4.23
CA PRO A 105 39.36 20.95 -4.67
C PRO A 105 38.84 21.51 -5.99
N VAL A 106 38.51 20.63 -6.92
CA VAL A 106 37.98 21.02 -8.23
C VAL A 106 36.63 21.72 -8.05
N GLU A 107 36.37 22.73 -8.89
CA GLU A 107 35.14 23.53 -8.75
C GLU A 107 33.94 22.61 -8.85
N ARG A 108 32.95 22.84 -7.98
CA ARG A 108 31.74 22.00 -7.92
C ARG A 108 30.48 22.84 -7.81
N LYS A 109 29.52 22.58 -8.69
CA LYS A 109 28.22 23.27 -8.71
C LYS A 109 27.05 22.28 -8.65
N VAL A 110 25.95 22.72 -8.05
CA VAL A 110 24.68 22.02 -8.17
C VAL A 110 24.09 22.41 -9.52
N VAL A 111 23.96 21.43 -10.43
CA VAL A 111 23.59 21.69 -11.81
C VAL A 111 22.08 21.56 -12.06
N ARG A 112 21.41 20.71 -11.29
CA ARG A 112 19.92 20.65 -11.26
C ARG A 112 19.43 19.99 -9.96
N ILE A 113 18.13 20.12 -9.69
CA ILE A 113 17.49 19.48 -8.55
C ILE A 113 16.31 18.62 -9.00
N VAL A 114 16.38 17.33 -8.69
CA VAL A 114 15.27 16.42 -8.92
C VAL A 114 14.27 16.66 -7.82
N THR A 115 13.02 16.91 -8.21
CA THR A 115 11.89 16.93 -7.27
C THR A 115 10.70 16.24 -7.93
N PRO A 116 9.85 15.56 -7.15
CA PRO A 116 8.66 14.87 -7.67
C PRO A 116 7.75 15.66 -8.63
N GLY A 117 7.77 16.99 -8.54
CA GLY A 117 6.99 17.86 -9.44
C GLY A 117 7.69 18.33 -10.71
N THR A 118 9.01 18.22 -10.75
CA THR A 118 9.80 18.70 -11.89
C THR A 118 10.47 17.59 -12.71
N ILE A 119 10.15 16.33 -12.45
CA ILE A 119 10.79 15.22 -13.17
C ILE A 119 10.31 15.23 -14.61
N SER A 120 11.24 15.02 -15.54
CA SER A 120 10.97 15.07 -16.98
C SER A 120 11.52 13.85 -17.77
N ASP A 121 12.15 12.91 -17.08
CA ASP A 121 12.74 11.75 -17.75
C ASP A 121 11.77 10.58 -17.68
N GLU A 122 11.69 9.80 -18.76
CA GLU A 122 10.69 8.74 -18.92
C GLU A 122 10.71 7.70 -17.80
N ALA A 123 11.91 7.31 -17.40
CA ALA A 123 12.07 6.24 -16.40
C ALA A 123 11.48 6.57 -15.03
N LEU A 124 11.08 7.82 -14.82
CA LEU A 124 10.62 8.30 -13.52
C LEU A 124 9.15 8.71 -13.51
N LEU A 125 8.53 8.81 -14.69
CA LEU A 125 7.14 9.23 -14.84
C LEU A 125 6.30 8.04 -15.30
N GLN A 126 5.00 8.06 -14.99
CA GLN A 126 4.07 7.07 -15.53
C GLN A 126 3.44 7.62 -16.81
N GLU A 127 3.40 6.81 -17.85
CA GLU A 127 3.07 7.27 -19.21
C GLU A 127 1.64 7.77 -19.37
N ARG A 128 0.67 6.96 -18.96
CA ARG A 128 -0.74 7.29 -19.16
C ARG A 128 -1.31 8.24 -18.10
N GLN A 129 -0.42 8.97 -17.41
CA GLN A 129 -0.80 9.83 -16.30
C GLN A 129 0.04 11.10 -16.22
N ASP A 130 -0.61 12.23 -15.96
CA ASP A 130 0.08 13.50 -15.75
C ASP A 130 0.85 13.48 -14.45
N ASN A 131 1.85 14.37 -14.35
CA ASN A 131 2.61 14.59 -13.13
C ASN A 131 2.88 16.09 -13.00
N LEU A 132 2.04 16.78 -12.24
CA LEU A 132 2.08 18.25 -12.14
C LEU A 132 2.80 18.78 -10.90
N LEU A 133 3.34 19.98 -11.04
CA LEU A 133 3.86 20.78 -9.93
C LEU A 133 2.88 21.90 -9.71
N ALA A 134 2.54 22.19 -8.45
CA ALA A 134 1.55 23.22 -8.14
C ALA A 134 1.97 24.13 -6.98
N ALA A 135 1.49 25.36 -7.01
CA ALA A 135 1.71 26.31 -5.92
C ALA A 135 0.37 26.87 -5.42
N ILE A 136 0.27 27.02 -4.10
CA ILE A 136 -0.98 27.36 -3.43
C ILE A 136 -0.73 28.52 -2.48
N TRP A 137 -1.66 29.47 -2.46
CA TRP A 137 -1.47 30.75 -1.77
C TRP A 137 -2.81 31.32 -1.30
N GLN A 138 -2.92 31.62 -0.01
CA GLN A 138 -4.15 32.19 0.54
C GLN A 138 -3.99 33.68 0.86
N ASP A 139 -4.88 34.46 0.28
CA ASP A 139 -4.85 35.91 0.33
C ASP A 139 -5.75 36.37 1.49
N SER A 140 -5.79 37.67 1.73
CA SER A 140 -6.75 38.28 2.66
C SER A 140 -8.24 38.10 2.26
N LYS A 141 -8.48 37.69 1.02
CA LYS A 141 -9.83 37.57 0.46
C LYS A 141 -10.14 36.17 -0.10
N GLY A 142 -9.18 35.53 -0.74
CA GLY A 142 -9.38 34.20 -1.29
C GLY A 142 -8.14 33.36 -1.49
N PHE A 143 -8.11 32.61 -2.60
CA PHE A 143 -7.04 31.66 -2.90
C PHE A 143 -6.38 31.93 -4.24
N GLY A 144 -5.11 31.52 -4.34
CA GLY A 144 -4.36 31.55 -5.59
C GLY A 144 -3.67 30.20 -5.75
N TYR A 145 -3.92 29.55 -6.89
CA TYR A 145 -3.41 28.23 -7.14
C TYR A 145 -2.95 28.15 -8.58
N ALA A 146 -1.77 27.59 -8.81
CA ALA A 146 -1.24 27.47 -10.16
C ALA A 146 -0.69 26.06 -10.37
N THR A 147 -0.63 25.63 -11.63
CA THR A 147 -0.09 24.31 -11.97
C THR A 147 0.84 24.39 -13.17
N LEU A 148 1.85 23.53 -13.18
CA LEU A 148 2.78 23.41 -14.32
C LEU A 148 2.97 21.94 -14.67
N ASP A 149 3.04 21.68 -15.98
CA ASP A 149 3.34 20.36 -16.51
C ASP A 149 4.73 20.44 -17.13
N ILE A 150 5.78 20.38 -16.31
CA ILE A 150 7.11 20.67 -16.79
C ILE A 150 7.51 19.84 -18.01
N SER A 151 7.01 18.61 -18.10
CA SER A 151 7.31 17.75 -19.25
C SER A 151 6.40 18.02 -20.47
N SER A 152 5.72 19.17 -20.49
CA SER A 152 4.99 19.64 -21.69
C SER A 152 4.77 21.16 -21.76
N GLY A 153 4.96 21.86 -20.65
CA GLY A 153 4.88 23.31 -20.63
C GLY A 153 3.52 23.86 -20.24
N ARG A 154 2.48 23.02 -20.27
CA ARG A 154 1.11 23.45 -19.92
C ARG A 154 1.06 24.10 -18.55
N PHE A 155 0.87 25.42 -18.54
CA PHE A 155 1.08 26.25 -17.37
C PHE A 155 -0.18 27.06 -17.14
N ARG A 156 -0.95 26.70 -16.11
CA ARG A 156 -2.27 27.29 -15.87
C ARG A 156 -2.34 28.03 -14.53
N LEU A 157 -3.43 28.78 -14.36
CA LEU A 157 -3.62 29.62 -13.18
C LEU A 157 -5.11 29.78 -12.87
N SER A 158 -5.49 29.60 -11.60
CA SER A 158 -6.87 29.85 -11.16
C SER A 158 -6.86 30.55 -9.79
N GLU A 159 -7.97 31.19 -9.46
CA GLU A 159 -8.12 31.87 -8.17
C GLU A 159 -9.41 31.42 -7.47
N PRO A 160 -9.39 30.21 -6.89
CA PRO A 160 -10.57 29.61 -6.26
C PRO A 160 -11.24 30.47 -5.20
N ALA A 161 -12.57 30.48 -5.21
CA ALA A 161 -13.37 31.43 -4.42
C ALA A 161 -13.30 31.21 -2.91
N ASP A 162 -13.22 29.95 -2.49
CA ASP A 162 -13.45 29.58 -1.10
C ASP A 162 -12.72 28.30 -0.75
N ARG A 163 -12.91 27.84 0.47
CA ARG A 163 -12.34 26.56 0.93
C ARG A 163 -12.74 25.38 0.03
N GLU A 164 -14.01 25.30 -0.35
CA GLU A 164 -14.53 24.07 -0.99
C GLU A 164 -14.14 23.88 -2.47
N THR A 165 -13.94 24.99 -3.18
CA THR A 165 -13.49 24.95 -4.58
C THR A 165 -12.02 24.59 -4.60
N MET A 166 -11.24 25.25 -3.76
CA MET A 166 -9.85 24.91 -3.56
C MET A 166 -9.69 23.40 -3.30
N ALA A 167 -10.61 22.84 -2.53
CA ALA A 167 -10.66 21.40 -2.31
C ALA A 167 -10.94 20.65 -3.61
N ALA A 168 -11.85 21.19 -4.43
CA ALA A 168 -12.19 20.59 -5.72
C ALA A 168 -10.96 20.52 -6.61
N GLU A 169 -10.29 21.66 -6.75
CA GLU A 169 -9.13 21.82 -7.65
C GLU A 169 -8.00 20.87 -7.34
N LEU A 170 -7.61 20.79 -6.07
CA LEU A 170 -6.54 19.89 -5.63
C LEU A 170 -6.89 18.42 -5.86
N GLN A 171 -8.15 18.08 -5.68
CA GLN A 171 -8.64 16.72 -5.91
C GLN A 171 -8.51 16.40 -7.39
N ARG A 172 -8.79 17.40 -8.22
CA ARG A 172 -8.83 17.22 -9.66
C ARG A 172 -7.43 17.11 -10.24
N THR A 173 -6.63 18.14 -9.98
CA THR A 173 -5.28 18.28 -10.52
C THR A 173 -4.27 17.33 -9.88
N ASN A 174 -4.40 17.09 -8.58
CA ASN A 174 -3.61 16.08 -7.89
C ASN A 174 -2.12 16.26 -8.10
N PRO A 175 -1.61 17.48 -7.84
CA PRO A 175 -0.19 17.72 -8.10
C PRO A 175 0.69 16.78 -7.30
N ALA A 176 1.81 16.36 -7.86
CA ALA A 176 2.72 15.44 -7.18
C ALA A 176 3.70 16.20 -6.28
N GLU A 177 3.65 17.53 -6.35
CA GLU A 177 4.46 18.37 -5.48
C GLU A 177 3.83 19.76 -5.33
N LEU A 178 3.59 20.18 -4.08
CA LEU A 178 2.73 21.35 -3.78
C LEU A 178 3.44 22.43 -2.98
N LEU A 179 3.63 23.62 -3.57
CA LEU A 179 4.40 24.69 -2.95
C LEU A 179 3.50 25.67 -2.20
N TYR A 180 3.51 25.64 -0.87
CA TYR A 180 2.65 26.55 -0.10
C TYR A 180 3.43 27.56 0.72
N ALA A 181 2.86 28.75 0.89
CA ALA A 181 3.46 29.79 1.70
C ALA A 181 3.46 29.40 3.18
N GLU A 182 4.47 29.88 3.92
CA GLU A 182 4.58 29.62 5.35
C GLU A 182 3.30 30.00 6.10
N ASP A 183 2.67 31.10 5.70
CA ASP A 183 1.47 31.62 6.38
C ASP A 183 0.14 31.18 5.73
N PHE A 184 0.08 29.92 5.30
CA PHE A 184 -1.13 29.39 4.67
C PHE A 184 -2.14 29.09 5.76
N ALA A 185 -3.24 29.83 5.74
CA ALA A 185 -4.22 29.82 6.84
C ALA A 185 -4.96 28.48 6.99
N GLU A 186 -5.47 27.96 5.88
CA GLU A 186 -6.42 26.85 5.89
C GLU A 186 -5.69 25.52 5.56
N MET A 187 -5.09 24.91 6.58
CA MET A 187 -4.12 23.82 6.37
C MET A 187 -4.71 22.43 6.24
N SER A 188 -5.90 22.20 6.77
CA SER A 188 -6.56 20.90 6.61
C SER A 188 -6.80 20.58 5.14
N LEU A 189 -6.81 21.61 4.30
CA LEU A 189 -6.89 21.48 2.83
C LEU A 189 -5.68 20.77 2.20
N ILE A 190 -4.52 20.89 2.86
CA ILE A 190 -3.23 20.63 2.23
C ILE A 190 -2.40 19.53 2.92
N GLU A 191 -2.45 19.46 4.25
CA GLU A 191 -1.57 18.55 4.99
C GLU A 191 -1.95 17.09 4.81
N GLY A 192 -0.93 16.22 4.88
CA GLY A 192 -1.07 14.80 4.53
C GLY A 192 -0.53 14.54 3.12
N ARG A 193 -0.98 15.35 2.16
CA ARG A 193 -0.61 15.25 0.75
C ARG A 193 0.89 15.03 0.51
N ARG A 194 1.19 14.17 -0.46
CA ARG A 194 2.58 13.86 -0.83
C ARG A 194 3.30 15.09 -1.36
N GLY A 195 4.64 15.07 -1.29
CA GLY A 195 5.47 16.14 -1.80
C GLY A 195 4.99 17.55 -1.45
N LEU A 196 4.90 17.83 -0.17
CA LEU A 196 4.55 19.16 0.31
C LEU A 196 5.83 19.97 0.33
N ARG A 197 5.74 21.27 0.09
CA ARG A 197 6.95 22.11 0.08
C ARG A 197 6.66 23.48 0.67
N ARG A 198 7.12 23.72 1.90
CA ARG A 198 6.79 24.93 2.64
C ARG A 198 7.68 26.08 2.19
N ARG A 199 7.12 27.01 1.43
CA ARG A 199 7.89 28.09 0.85
C ARG A 199 7.76 29.38 1.65
N PRO A 200 8.84 30.17 1.70
CA PRO A 200 8.80 31.44 2.43
C PRO A 200 7.94 32.48 1.73
N LEU A 201 7.19 33.24 2.53
CA LEU A 201 6.21 34.20 2.03
C LEU A 201 6.72 35.08 0.89
N TRP A 202 7.98 35.52 0.99
CA TRP A 202 8.55 36.42 0.00
C TRP A 202 8.50 35.86 -1.42
N GLU A 203 8.43 34.52 -1.56
CA GLU A 203 8.33 33.89 -2.89
C GLU A 203 7.00 34.10 -3.60
N PHE A 204 6.01 34.64 -2.90
CA PHE A 204 4.71 34.89 -3.51
C PHE A 204 4.47 36.37 -3.81
N GLU A 205 5.52 37.18 -3.64
CA GLU A 205 5.49 38.61 -3.97
C GLU A 205 4.93 38.83 -5.39
N ILE A 206 3.98 39.77 -5.50
CA ILE A 206 3.30 40.02 -6.77
C ILE A 206 4.20 40.67 -7.82
N ASP A 207 4.94 41.71 -7.44
CA ASP A 207 5.76 42.45 -8.40
C ASP A 207 6.81 41.53 -8.99
N THR A 208 7.61 40.88 -8.15
CA THR A 208 8.56 39.86 -8.59
C THR A 208 7.89 38.87 -9.54
N ALA A 209 6.75 38.33 -9.12
CA ALA A 209 5.97 37.40 -9.94
C ALA A 209 5.64 37.96 -11.31
N ARG A 210 5.06 39.15 -11.35
CA ARG A 210 4.68 39.82 -12.61
C ARG A 210 5.88 40.02 -13.52
N GLN A 211 6.94 40.59 -12.96
CA GLN A 211 8.19 40.83 -13.66
C GLN A 211 8.87 39.54 -14.13
N GLN A 212 8.85 38.53 -13.27
CA GLN A 212 9.50 37.24 -13.55
C GLN A 212 8.74 36.35 -14.51
N LEU A 213 7.41 36.42 -14.47
CA LEU A 213 6.60 35.71 -15.45
C LEU A 213 6.84 36.34 -16.81
N ASN A 214 6.79 37.67 -16.85
CA ASN A 214 6.98 38.42 -18.09
C ASN A 214 8.33 38.20 -18.76
N LEU A 215 9.40 38.12 -17.95
CA LEU A 215 10.73 37.85 -18.48
C LEU A 215 10.73 36.49 -19.18
N GLN A 216 10.22 35.47 -18.48
CA GLN A 216 10.16 34.11 -19.00
C GLN A 216 9.34 34.00 -20.30
N PHE A 217 8.17 34.64 -20.35
CA PHE A 217 7.31 34.62 -21.54
C PHE A 217 7.82 35.56 -22.60
N GLY A 218 8.55 36.60 -22.18
CA GLY A 218 9.15 37.57 -23.09
C GLY A 218 8.15 38.60 -23.59
N THR A 219 7.33 39.10 -22.68
CA THR A 219 6.34 40.12 -23.01
C THR A 219 6.39 41.23 -21.97
N ARG A 220 5.70 42.32 -22.23
CA ARG A 220 5.80 43.51 -21.36
C ARG A 220 4.79 43.40 -20.21
N ASP A 221 3.55 43.12 -20.56
CA ASP A 221 2.52 42.78 -19.59
C ASP A 221 1.95 41.42 -19.95
N LEU A 222 0.92 40.99 -19.22
CA LEU A 222 0.39 39.64 -19.37
C LEU A 222 -1.08 39.69 -19.80
N VAL A 223 -1.40 40.63 -20.70
CA VAL A 223 -2.77 40.89 -21.07
C VAL A 223 -3.22 39.96 -22.19
N GLY A 224 -2.30 39.61 -23.09
CA GLY A 224 -2.61 38.69 -24.17
C GLY A 224 -2.92 37.28 -23.67
N PHE A 225 -2.34 36.94 -22.52
CA PHE A 225 -2.56 35.66 -21.86
C PHE A 225 -3.89 35.66 -21.10
N GLY A 226 -4.29 36.83 -20.61
CA GLY A 226 -5.56 37.01 -19.92
C GLY A 226 -5.43 36.95 -18.41
N VAL A 227 -4.20 36.93 -17.91
CA VAL A 227 -3.95 36.75 -16.49
C VAL A 227 -3.43 38.02 -15.84
N GLU A 228 -3.70 39.16 -16.45
CA GLU A 228 -3.26 40.46 -15.93
C GLU A 228 -4.11 40.94 -14.74
N ASN A 229 -5.31 40.38 -14.61
CA ASN A 229 -6.22 40.76 -13.52
C ASN A 229 -6.46 39.63 -12.52
N ALA A 230 -5.46 38.76 -12.36
CA ALA A 230 -5.51 37.66 -11.41
C ALA A 230 -4.30 37.71 -10.46
N PRO A 231 -4.17 38.81 -9.69
CA PRO A 231 -3.11 38.99 -8.69
C PRO A 231 -2.75 37.73 -7.89
N ARG A 232 -3.73 37.15 -7.20
CA ARG A 232 -3.48 36.01 -6.30
C ARG A 232 -2.88 34.85 -7.08
N GLY A 233 -3.51 34.55 -8.22
CA GLY A 233 -3.06 33.48 -9.10
C GLY A 233 -1.66 33.74 -9.57
N LEU A 234 -1.44 34.92 -10.18
CA LEU A 234 -0.12 35.35 -10.60
C LEU A 234 0.97 35.09 -9.55
N CYS A 235 0.63 35.23 -8.28
CA CYS A 235 1.60 35.00 -7.21
C CYS A 235 2.05 33.56 -7.17
N ALA A 236 1.09 32.65 -6.96
CA ALA A 236 1.38 31.21 -6.90
C ALA A 236 2.14 30.77 -8.14
N ALA A 237 1.78 31.35 -9.30
CA ALA A 237 2.54 31.15 -10.54
C ALA A 237 3.94 31.71 -10.39
N GLY A 238 4.07 32.86 -9.73
CA GLY A 238 5.38 33.44 -9.45
C GLY A 238 6.30 32.45 -8.79
N CYS A 239 5.84 31.90 -7.66
CA CYS A 239 6.59 30.87 -6.92
C CYS A 239 6.73 29.53 -7.67
N LEU A 240 5.71 29.17 -8.44
CA LEU A 240 5.74 27.95 -9.24
C LEU A 240 6.80 28.05 -10.31
N LEU A 241 7.03 29.26 -10.82
CA LEU A 241 8.02 29.48 -11.87
C LEU A 241 9.42 29.57 -11.29
N GLN A 242 9.58 30.40 -10.26
CA GLN A 242 10.88 30.53 -9.58
C GLN A 242 11.44 29.15 -9.26
N TYR A 243 10.58 28.29 -8.70
CA TYR A 243 10.93 26.92 -8.34
C TYR A 243 11.41 26.17 -9.57
N ALA A 244 10.63 26.25 -10.63
CA ALA A 244 10.91 25.50 -11.85
C ALA A 244 12.30 25.79 -12.35
N LYS A 245 12.66 27.08 -12.36
CA LYS A 245 13.98 27.54 -12.79
C LYS A 245 15.07 27.09 -11.84
N ASP A 246 14.82 27.22 -10.54
CA ASP A 246 15.78 26.79 -9.52
C ASP A 246 16.00 25.27 -9.50
N THR A 247 14.99 24.49 -9.86
CA THR A 247 15.16 23.04 -9.96
C THR A 247 15.92 22.65 -11.21
N GLN A 248 15.49 23.17 -12.37
CA GLN A 248 16.07 22.76 -13.67
C GLN A 248 17.45 23.36 -13.93
N ARG A 249 17.54 24.68 -13.84
CA ARG A 249 18.81 25.42 -14.03
C ARG A 249 19.36 25.43 -15.46
N THR A 250 18.48 25.22 -16.44
CA THR A 250 18.68 25.69 -17.81
C THR A 250 17.50 26.61 -18.10
N THR A 251 17.51 27.27 -19.26
CA THR A 251 16.34 28.04 -19.70
C THR A 251 15.24 27.08 -20.10
N LEU A 252 13.99 27.49 -19.93
CA LEU A 252 12.84 26.64 -20.22
C LEU A 252 12.02 27.28 -21.34
N PRO A 253 12.39 27.02 -22.61
CA PRO A 253 11.70 27.65 -23.74
C PRO A 253 10.30 27.07 -24.06
N HIS A 254 10.02 25.87 -23.56
CA HIS A 254 8.70 25.23 -23.74
C HIS A 254 7.64 25.80 -22.81
N ILE A 255 8.04 26.51 -21.76
CA ILE A 255 7.10 27.21 -20.90
C ILE A 255 6.96 28.62 -21.47
N ARG A 256 6.08 28.75 -22.46
CA ARG A 256 5.96 29.99 -23.22
C ARG A 256 4.63 30.75 -23.03
N SER A 257 3.64 30.12 -22.43
CA SER A 257 2.34 30.76 -22.28
C SER A 257 1.59 30.31 -21.03
N ILE A 258 0.78 31.21 -20.50
CA ILE A 258 -0.09 30.92 -19.36
C ILE A 258 -1.54 31.28 -19.72
N THR A 259 -2.46 30.37 -19.43
CA THR A 259 -3.88 30.66 -19.57
C THR A 259 -4.52 30.45 -18.21
N MET A 260 -5.73 30.97 -18.07
CA MET A 260 -6.42 31.01 -16.79
C MET A 260 -7.73 30.23 -16.85
N GLU A 261 -7.94 29.38 -15.85
CA GLU A 261 -9.16 28.62 -15.74
C GLU A 261 -10.12 29.40 -14.89
N ARG A 262 -11.34 29.58 -15.38
CA ARG A 262 -12.39 30.23 -14.62
C ARG A 262 -13.65 29.39 -14.69
N GLU A 263 -14.27 29.20 -13.53
CA GLU A 263 -15.30 28.18 -13.32
C GLU A 263 -16.44 28.20 -14.35
N GLN A 264 -16.75 29.37 -14.89
CA GLN A 264 -17.87 29.52 -15.82
C GLN A 264 -17.63 28.75 -17.13
N ASP A 265 -16.39 28.41 -17.41
CA ASP A 265 -16.04 27.76 -18.66
C ASP A 265 -16.08 26.25 -18.56
N SER A 266 -16.45 25.73 -17.40
CA SER A 266 -16.59 24.30 -17.22
C SER A 266 -17.58 23.92 -16.13
N ILE A 267 -18.24 22.77 -16.32
CA ILE A 267 -19.03 22.14 -15.27
C ILE A 267 -18.14 21.90 -14.06
N ILE A 268 -18.39 22.64 -12.98
CA ILE A 268 -17.63 22.49 -11.74
C ILE A 268 -18.08 21.20 -11.08
N MET A 269 -17.14 20.53 -10.44
CA MET A 269 -17.43 19.26 -9.79
C MET A 269 -16.62 19.13 -8.50
N ASP A 270 -17.31 19.17 -7.37
CA ASP A 270 -16.66 19.12 -6.07
C ASP A 270 -16.00 17.76 -5.83
N ALA A 271 -15.04 17.75 -4.90
CA ALA A 271 -14.25 16.56 -4.59
C ALA A 271 -15.09 15.29 -4.53
N ALA A 272 -16.18 15.34 -3.77
CA ALA A 272 -17.07 14.20 -3.57
C ALA A 272 -17.68 13.72 -4.88
N THR A 273 -18.20 14.66 -5.65
CA THR A 273 -18.75 14.37 -6.96
C THR A 273 -17.74 13.69 -7.87
N ARG A 274 -16.56 14.27 -8.00
CA ARG A 274 -15.52 13.71 -8.88
C ARG A 274 -15.19 12.27 -8.50
N ARG A 275 -15.17 11.98 -7.19
CA ARG A 275 -14.83 10.65 -6.68
C ARG A 275 -15.98 9.67 -6.78
N ASN A 276 -17.19 10.21 -6.76
CA ASN A 276 -18.39 9.37 -6.74
C ASN A 276 -18.78 8.91 -8.14
N LEU A 277 -18.50 9.75 -9.14
CA LEU A 277 -18.78 9.43 -10.53
C LEU A 277 -17.73 8.50 -11.13
N GLU A 278 -16.67 8.22 -10.37
CA GLU A 278 -15.63 7.28 -10.78
C GLU A 278 -15.12 7.61 -12.17
N ILE A 279 -14.68 8.86 -12.33
CA ILE A 279 -14.27 9.40 -13.62
C ILE A 279 -12.91 8.83 -14.06
N THR A 280 -11.91 8.87 -13.18
CA THR A 280 -10.63 8.23 -13.44
C THR A 280 -10.11 7.34 -12.30
N GLN A 281 -10.80 7.32 -11.16
CA GLN A 281 -10.43 6.47 -10.02
C GLN A 281 -11.70 5.96 -9.36
N ASN A 282 -11.80 4.65 -9.18
CA ASN A 282 -13.01 4.03 -8.64
C ASN A 282 -13.28 4.42 -7.18
N LEU A 283 -14.36 3.88 -6.60
CA LEU A 283 -14.68 4.16 -5.20
C LEU A 283 -13.67 3.58 -4.21
N ALA A 284 -12.92 2.56 -4.62
CA ALA A 284 -11.90 1.93 -3.77
C ALA A 284 -10.45 2.16 -4.28
N GLY A 285 -10.14 3.37 -4.73
CA GLY A 285 -8.77 3.75 -5.09
C GLY A 285 -8.23 3.35 -6.46
N GLY A 286 -8.58 2.17 -6.95
CA GLY A 286 -8.04 1.66 -8.21
C GLY A 286 -8.45 2.46 -9.43
N ALA A 287 -7.85 2.15 -10.59
CA ALA A 287 -8.21 2.81 -11.86
C ALA A 287 -9.21 1.98 -12.65
N GLU A 288 -9.64 0.86 -12.05
CA GLU A 288 -10.49 -0.12 -12.72
C GLU A 288 -11.96 0.26 -12.64
N ASN A 289 -12.70 -0.05 -13.69
CA ASN A 289 -14.15 0.22 -13.77
C ASN A 289 -14.51 1.69 -13.52
N THR A 290 -13.76 2.57 -14.18
CA THR A 290 -14.03 4.00 -14.16
C THR A 290 -14.57 4.39 -15.53
N LEU A 291 -15.05 5.63 -15.65
CA LEU A 291 -15.48 6.17 -16.93
C LEU A 291 -14.38 6.07 -18.00
N ALA A 292 -13.13 6.27 -17.55
CA ALA A 292 -11.97 6.26 -18.44
C ALA A 292 -11.59 4.85 -18.90
N SER A 293 -11.72 3.86 -18.02
CA SER A 293 -11.44 2.47 -18.44
C SER A 293 -12.30 2.08 -19.64
N VAL A 294 -13.51 2.62 -19.69
CA VAL A 294 -14.43 2.42 -20.81
C VAL A 294 -14.05 3.28 -22.01
N LEU A 295 -13.70 4.55 -21.77
CA LEU A 295 -13.51 5.51 -22.85
C LEU A 295 -12.09 5.55 -23.42
N ASP A 296 -11.08 5.34 -22.60
CA ASP A 296 -9.69 5.49 -23.06
C ASP A 296 -9.22 4.27 -23.83
N CYS A 297 -9.37 4.32 -25.15
CA CYS A 297 -8.71 3.38 -26.07
C CYS A 297 -7.81 4.13 -27.02
N THR A 298 -7.35 5.30 -26.57
CA THR A 298 -6.38 6.11 -27.30
C THR A 298 -5.12 5.29 -27.53
N VAL A 299 -4.38 5.66 -28.57
CA VAL A 299 -3.24 4.86 -29.02
C VAL A 299 -1.88 5.42 -28.56
N THR A 300 -1.85 6.70 -28.16
CA THR A 300 -0.62 7.29 -27.60
C THR A 300 -0.83 7.70 -26.14
N PRO A 301 0.28 7.84 -25.40
CA PRO A 301 0.17 8.29 -24.01
C PRO A 301 -0.30 9.74 -23.88
N MET A 302 0.27 10.66 -24.68
CA MET A 302 -0.13 12.07 -24.66
C MET A 302 -1.62 12.29 -24.99
N GLY A 303 -2.22 11.36 -25.72
CA GLY A 303 -3.67 11.37 -25.96
C GLY A 303 -4.45 10.89 -24.75
N SER A 304 -4.03 9.75 -24.19
CA SER A 304 -4.63 9.22 -22.97
C SER A 304 -4.74 10.30 -21.90
N ARG A 305 -3.65 11.04 -21.72
CA ARG A 305 -3.59 12.09 -20.73
C ARG A 305 -4.47 13.26 -21.10
N MET A 306 -4.57 13.57 -22.38
CA MET A 306 -5.46 14.65 -22.83
C MET A 306 -6.91 14.27 -22.54
N LEU A 307 -7.30 13.07 -22.97
CA LEU A 307 -8.64 12.54 -22.69
C LEU A 307 -8.96 12.52 -21.20
N LYS A 308 -8.03 11.99 -20.39
CA LYS A 308 -8.21 11.95 -18.95
C LYS A 308 -8.45 13.37 -18.41
N ARG A 309 -7.71 14.36 -18.91
CA ARG A 309 -7.98 15.74 -18.51
C ARG A 309 -9.36 16.19 -18.97
N TRP A 310 -9.64 16.09 -20.27
CA TRP A 310 -10.96 16.43 -20.85
C TRP A 310 -12.13 15.87 -20.05
N LEU A 311 -12.03 14.60 -19.66
CA LEU A 311 -13.01 13.91 -18.79
C LEU A 311 -13.27 14.63 -17.47
N HIS A 312 -12.25 15.32 -16.93
CA HIS A 312 -12.37 16.05 -15.66
C HIS A 312 -12.73 17.53 -15.81
N MET A 313 -12.74 18.05 -17.03
CA MET A 313 -13.06 19.45 -17.23
C MET A 313 -13.89 19.66 -18.49
N PRO A 314 -15.18 19.28 -18.42
CA PRO A 314 -16.12 19.45 -19.52
C PRO A 314 -16.37 20.91 -19.82
N VAL A 315 -16.21 21.28 -21.08
CA VAL A 315 -16.32 22.68 -21.50
C VAL A 315 -17.78 23.07 -21.68
N ARG A 316 -18.10 24.33 -21.42
CA ARG A 316 -19.45 24.86 -21.59
C ARG A 316 -19.62 25.66 -22.88
N ASP A 317 -18.52 26.05 -23.53
CA ASP A 317 -18.59 26.81 -24.80
C ASP A 317 -19.08 25.95 -25.96
N THR A 318 -20.22 26.36 -26.51
CA THR A 318 -20.92 25.62 -27.56
C THR A 318 -20.05 25.29 -28.77
N ARG A 319 -19.28 26.27 -29.23
CA ARG A 319 -18.57 26.11 -30.51
C ARG A 319 -17.60 24.94 -30.46
N VAL A 320 -16.82 24.85 -29.38
CA VAL A 320 -15.88 23.75 -29.20
C VAL A 320 -16.64 22.45 -29.16
N LEU A 321 -17.69 22.38 -28.34
CA LEU A 321 -18.51 21.18 -28.22
C LEU A 321 -18.99 20.73 -29.60
N LEU A 322 -19.66 21.62 -30.31
CA LEU A 322 -20.21 21.30 -31.62
C LEU A 322 -19.14 20.88 -32.60
N GLU A 323 -18.03 21.62 -32.64
CA GLU A 323 -16.91 21.25 -33.50
C GLU A 323 -16.44 19.85 -33.19
N ARG A 324 -16.19 19.58 -31.92
CA ARG A 324 -15.79 18.24 -31.49
C ARG A 324 -16.76 17.17 -31.95
N GLN A 325 -18.05 17.48 -31.92
CA GLN A 325 -19.06 16.53 -32.36
C GLN A 325 -18.90 16.23 -33.83
N GLN A 326 -18.95 17.27 -34.67
CA GLN A 326 -18.95 17.07 -36.12
C GLN A 326 -17.60 16.56 -36.64
N THR A 327 -16.61 16.50 -35.75
CA THR A 327 -15.35 15.79 -36.01
C THR A 327 -15.51 14.30 -35.68
N ILE A 328 -15.98 14.02 -34.46
CA ILE A 328 -16.19 12.63 -34.02
C ILE A 328 -17.02 11.89 -35.05
N GLY A 329 -18.07 12.54 -35.54
CA GLY A 329 -18.94 11.95 -36.54
C GLY A 329 -18.21 11.73 -37.85
N ALA A 330 -17.65 12.82 -38.38
CA ALA A 330 -16.91 12.79 -39.63
C ALA A 330 -15.85 11.68 -39.66
N LEU A 331 -15.20 11.43 -38.52
CA LEU A 331 -14.12 10.46 -38.42
C LEU A 331 -14.58 9.04 -38.06
N GLN A 332 -15.82 8.69 -38.39
CA GLN A 332 -16.39 7.42 -37.91
C GLN A 332 -15.75 6.19 -38.56
N ASP A 333 -15.45 6.30 -39.86
CA ASP A 333 -14.97 5.18 -40.67
C ASP A 333 -13.44 5.04 -40.65
N PHE A 334 -12.76 6.17 -40.42
CA PHE A 334 -11.30 6.27 -40.54
C PHE A 334 -10.60 5.87 -39.22
N THR A 335 -11.38 5.30 -38.31
CA THR A 335 -10.89 4.86 -37.01
C THR A 335 -10.22 3.48 -37.05
N ALA A 336 -9.84 3.03 -38.25
CA ALA A 336 -8.91 1.93 -38.40
C ALA A 336 -7.71 2.37 -39.23
N GLY A 337 -7.92 3.29 -40.15
CA GLY A 337 -6.84 3.82 -40.98
C GLY A 337 -5.86 4.71 -40.21
N LEU A 338 -6.40 5.52 -39.31
CA LEU A 338 -5.60 6.47 -38.56
C LEU A 338 -4.92 5.82 -37.36
N GLN A 339 -5.71 5.20 -36.48
CA GLN A 339 -5.21 4.71 -35.18
C GLN A 339 -3.80 4.07 -35.17
N PRO A 340 -3.56 3.04 -36.00
CA PRO A 340 -2.26 2.39 -35.92
C PRO A 340 -1.10 3.26 -36.41
N VAL A 341 -1.38 4.23 -37.27
CA VAL A 341 -0.36 5.20 -37.69
C VAL A 341 -0.11 6.26 -36.60
N LEU A 342 -1.13 6.57 -35.82
CA LEU A 342 -0.98 7.48 -34.67
C LEU A 342 -0.15 6.82 -33.59
N ARG A 343 -0.42 5.54 -33.36
CA ARG A 343 0.27 4.76 -32.33
C ARG A 343 1.78 4.99 -32.43
N GLN A 344 2.30 5.01 -33.66
CA GLN A 344 3.75 5.13 -33.91
C GLN A 344 4.32 6.53 -33.64
N VAL A 345 3.46 7.54 -33.55
CA VAL A 345 3.92 8.89 -33.19
C VAL A 345 4.42 8.91 -31.74
N GLY A 346 3.81 8.09 -30.88
CA GLY A 346 4.26 7.92 -29.50
C GLY A 346 4.12 9.17 -28.66
N ASP A 347 4.76 9.17 -27.51
CA ASP A 347 4.69 10.29 -26.56
C ASP A 347 5.58 11.46 -27.01
N LEU A 348 5.27 12.02 -28.16
CA LEU A 348 6.02 13.14 -28.70
C LEU A 348 6.01 14.32 -27.73
N GLU A 349 4.93 14.46 -26.98
CA GLU A 349 4.78 15.60 -26.07
C GLU A 349 6.01 15.74 -25.16
N ARG A 350 6.33 14.67 -24.47
CA ARG A 350 7.43 14.68 -23.51
C ARG A 350 8.79 14.62 -24.20
N ILE A 351 8.87 13.91 -25.32
CA ILE A 351 10.10 13.90 -26.10
C ILE A 351 10.54 15.34 -26.32
N LEU A 352 9.60 16.22 -26.68
CA LEU A 352 9.92 17.62 -26.93
C LEU A 352 10.28 18.38 -25.66
N ALA A 353 9.84 17.88 -24.51
CA ALA A 353 10.19 18.45 -23.22
C ALA A 353 11.67 18.27 -22.98
N ARG A 354 12.14 17.03 -23.14
CA ARG A 354 13.54 16.71 -22.97
C ARG A 354 14.43 17.45 -23.99
N LEU A 355 13.88 17.73 -25.17
CA LEU A 355 14.55 18.58 -26.17
C LEU A 355 14.61 20.04 -25.71
N ALA A 356 13.52 20.52 -25.10
CA ALA A 356 13.49 21.87 -24.56
C ALA A 356 14.55 22.03 -23.47
N LEU A 357 14.71 21.01 -22.65
CA LEU A 357 15.67 21.01 -21.54
C LEU A 357 17.12 20.68 -21.96
N ARG A 358 17.32 20.38 -23.24
CA ARG A 358 18.60 19.85 -23.76
C ARG A 358 19.02 18.60 -22.99
N THR A 359 18.05 17.75 -22.72
CA THR A 359 18.21 16.55 -21.91
C THR A 359 17.83 15.26 -22.64
N ALA A 360 17.41 15.37 -23.90
CA ALA A 360 16.92 14.23 -24.68
C ALA A 360 18.03 13.24 -24.99
N ARG A 361 17.73 11.96 -24.74
CA ARG A 361 18.63 10.85 -25.07
C ARG A 361 18.55 10.52 -26.56
N PRO A 362 19.60 9.90 -27.12
CA PRO A 362 19.56 9.63 -28.56
C PRO A 362 18.26 8.98 -29.01
N ARG A 363 17.77 8.02 -28.25
CA ARG A 363 16.55 7.31 -28.61
C ARG A 363 15.29 8.19 -28.56
N ASP A 364 15.38 9.33 -27.87
CA ASP A 364 14.29 10.28 -27.89
C ASP A 364 14.28 10.91 -29.28
N LEU A 365 15.45 11.25 -29.81
CA LEU A 365 15.52 11.74 -31.19
C LEU A 365 15.07 10.64 -32.16
N ALA A 366 15.48 9.41 -31.90
CA ALA A 366 15.11 8.28 -32.74
C ALA A 366 13.61 8.21 -32.90
N ARG A 367 12.91 8.24 -31.77
CA ARG A 367 11.44 8.13 -31.78
C ARG A 367 10.79 9.39 -32.34
N MET A 368 11.50 10.52 -32.27
CA MET A 368 11.01 11.78 -32.81
C MET A 368 11.00 11.74 -34.32
N ARG A 369 12.10 11.25 -34.90
CA ARG A 369 12.19 11.03 -36.33
C ARG A 369 11.08 10.10 -36.77
N HIS A 370 11.00 8.95 -36.10
CA HIS A 370 10.00 7.94 -36.42
C HIS A 370 8.58 8.47 -36.41
N ALA A 371 8.32 9.42 -35.53
CA ALA A 371 7.02 10.09 -35.47
C ALA A 371 6.83 11.04 -36.66
N PHE A 372 7.87 11.77 -37.04
CA PHE A 372 7.80 12.67 -38.19
C PHE A 372 7.44 11.93 -39.49
N GLN A 373 7.90 10.69 -39.60
CA GLN A 373 7.72 9.89 -40.81
C GLN A 373 6.27 9.47 -41.03
N GLN A 374 5.47 9.55 -39.97
CA GLN A 374 4.04 9.24 -40.03
C GLN A 374 3.20 10.47 -40.41
N LEU A 375 3.82 11.66 -40.42
CA LEU A 375 3.06 12.88 -40.73
C LEU A 375 2.58 13.00 -42.20
N PRO A 376 3.39 12.58 -43.19
CA PRO A 376 2.85 12.58 -44.55
C PRO A 376 1.84 11.45 -44.80
N GLU A 377 1.96 10.36 -44.03
CA GLU A 377 1.00 9.24 -44.10
C GLU A 377 -0.37 9.60 -43.47
N LEU A 378 -0.38 10.52 -42.52
CA LEU A 378 -1.64 11.01 -41.93
C LEU A 378 -2.20 12.19 -42.71
N ARG A 379 -1.34 13.09 -43.16
CA ARG A 379 -1.79 14.24 -43.96
C ARG A 379 -2.59 13.78 -45.16
N ALA A 380 -2.09 12.77 -45.86
CA ALA A 380 -2.79 12.21 -47.02
C ALA A 380 -4.12 11.54 -46.63
N GLN A 381 -4.23 11.08 -45.38
CA GLN A 381 -5.48 10.49 -44.89
C GLN A 381 -6.52 11.55 -44.52
N LEU A 382 -6.10 12.55 -43.75
CA LEU A 382 -7.03 13.53 -43.20
C LEU A 382 -7.55 14.53 -44.24
N GLU A 383 -6.85 14.65 -45.37
CA GLU A 383 -7.28 15.51 -46.46
C GLU A 383 -8.69 15.09 -46.90
N THR A 384 -8.87 13.79 -47.09
CA THR A 384 -10.13 13.19 -47.54
C THR A 384 -11.34 13.61 -46.67
N VAL A 385 -11.16 13.56 -45.35
CA VAL A 385 -12.25 13.82 -44.40
C VAL A 385 -12.82 15.23 -44.54
N ASP A 386 -14.13 15.29 -44.75
CA ASP A 386 -14.86 16.54 -44.91
C ASP A 386 -15.27 17.07 -43.53
N SER A 387 -14.32 17.68 -42.84
CA SER A 387 -14.51 18.15 -41.46
C SER A 387 -13.68 19.41 -41.19
N ALA A 388 -14.36 20.52 -40.98
CA ALA A 388 -13.73 21.83 -40.87
C ALA A 388 -12.65 21.92 -39.78
N PRO A 389 -12.92 21.35 -38.60
CA PRO A 389 -11.90 21.29 -37.54
C PRO A 389 -10.74 20.33 -37.81
N VAL A 390 -11.03 19.19 -38.44
CA VAL A 390 -10.02 18.16 -38.76
C VAL A 390 -8.97 18.69 -39.73
N GLN A 391 -9.40 19.47 -40.72
CA GLN A 391 -8.46 20.16 -41.62
C GLN A 391 -7.62 21.18 -40.84
N ALA A 392 -8.25 21.88 -39.91
CA ALA A 392 -7.57 22.86 -39.04
C ALA A 392 -6.51 22.20 -38.16
N LEU A 393 -6.83 21.00 -37.67
CA LEU A 393 -5.88 20.19 -36.90
C LEU A 393 -4.75 19.64 -37.79
N ARG A 394 -5.12 19.19 -38.99
CA ARG A 394 -4.17 18.71 -40.00
C ARG A 394 -3.16 19.80 -40.38
N GLU A 395 -3.67 21.01 -40.61
CA GLU A 395 -2.84 22.19 -40.80
C GLU A 395 -1.90 22.38 -39.60
N LYS A 396 -2.44 22.19 -38.39
CA LYS A 396 -1.69 22.38 -37.13
C LYS A 396 -0.60 21.33 -36.95
N MET A 397 -0.93 20.09 -37.32
CA MET A 397 -0.02 18.95 -37.23
C MET A 397 1.30 19.19 -37.96
N GLY A 398 1.22 19.66 -39.20
CA GLY A 398 2.39 19.99 -39.99
C GLY A 398 3.11 18.78 -40.56
N GLU A 399 4.36 18.99 -40.97
CA GLU A 399 5.13 17.95 -41.64
C GLU A 399 6.57 17.90 -41.13
N PHE A 400 7.21 19.06 -41.06
CA PHE A 400 8.63 19.17 -40.72
C PHE A 400 9.44 18.27 -41.64
N ALA A 401 9.27 18.53 -42.94
CA ALA A 401 9.97 17.80 -43.99
C ALA A 401 11.47 17.89 -43.74
N GLU A 402 11.93 19.11 -43.45
CA GLU A 402 13.36 19.40 -43.30
C GLU A 402 13.97 18.71 -42.08
N LEU A 403 13.24 18.67 -40.96
CA LEU A 403 13.76 18.12 -39.71
C LEU A 403 13.77 16.60 -39.71
N ARG A 404 12.76 15.99 -40.33
CA ARG A 404 12.72 14.53 -40.50
C ARG A 404 13.97 14.09 -41.26
N ASP A 405 14.36 14.91 -42.22
CA ASP A 405 15.58 14.70 -43.00
C ASP A 405 16.82 14.71 -42.10
N LEU A 406 17.04 15.82 -41.40
CA LEU A 406 18.18 15.97 -40.49
C LEU A 406 18.33 14.78 -39.55
N LEU A 407 17.22 14.28 -39.02
CA LEU A 407 17.32 13.15 -38.11
C LEU A 407 17.64 11.83 -38.84
N GLU A 408 17.32 11.74 -40.13
CA GLU A 408 17.70 10.55 -40.91
C GLU A 408 19.20 10.55 -41.22
N ARG A 409 19.76 11.72 -41.51
CA ARG A 409 21.19 11.86 -41.83
C ARG A 409 22.09 11.88 -40.59
N ALA A 410 21.64 12.55 -39.52
CA ALA A 410 22.47 12.76 -38.33
C ALA A 410 22.67 11.54 -37.44
N ILE A 411 21.63 10.73 -37.26
CA ILE A 411 21.64 9.64 -36.28
C ILE A 411 21.42 8.30 -36.96
N ILE A 412 21.95 7.24 -36.35
CA ILE A 412 21.88 5.89 -36.94
C ILE A 412 20.47 5.28 -36.84
N ASP A 413 20.30 4.15 -37.53
CA ASP A 413 19.07 3.38 -37.55
C ASP A 413 18.42 3.32 -36.18
N THR A 414 19.04 2.59 -35.26
CA THR A 414 18.47 2.32 -33.95
C THR A 414 19.57 2.46 -32.91
N PRO A 415 19.66 3.64 -32.27
CA PRO A 415 20.85 4.04 -31.55
C PRO A 415 20.91 3.45 -30.14
N PRO A 416 22.08 3.59 -29.47
CA PRO A 416 22.18 3.21 -28.08
C PRO A 416 21.35 4.13 -27.19
N VAL A 417 21.33 3.85 -25.88
CA VAL A 417 20.49 4.59 -24.94
C VAL A 417 21.03 5.99 -24.68
N LEU A 418 22.31 6.10 -24.36
CA LEU A 418 22.96 7.38 -24.10
C LEU A 418 23.99 7.64 -25.19
N VAL A 419 24.34 8.91 -25.37
CA VAL A 419 25.50 9.29 -26.19
C VAL A 419 26.78 8.90 -25.49
N ARG A 420 26.87 9.30 -24.22
CA ARG A 420 28.04 9.08 -23.36
C ARG A 420 29.24 8.53 -24.14
N ASP A 421 29.24 7.24 -24.49
CA ASP A 421 30.36 6.65 -25.25
C ASP A 421 29.98 6.23 -26.68
N GLY A 422 29.94 7.22 -27.56
CA GLY A 422 29.89 7.03 -29.01
C GLY A 422 28.80 6.19 -29.64
N GLY A 423 28.91 6.03 -30.96
CA GLY A 423 28.04 5.12 -31.73
C GLY A 423 26.69 5.67 -32.12
N VAL A 424 26.53 6.99 -32.15
CA VAL A 424 25.22 7.62 -32.36
C VAL A 424 25.12 8.31 -33.71
N ILE A 425 26.10 9.14 -34.05
CA ILE A 425 26.06 9.90 -35.29
C ILE A 425 26.45 9.01 -36.47
N ALA A 426 25.57 8.92 -37.47
CA ALA A 426 25.74 8.01 -38.61
C ALA A 426 26.68 8.58 -39.64
N SER A 427 27.22 7.67 -40.45
CA SER A 427 28.24 7.98 -41.44
C SER A 427 27.80 9.08 -42.38
N GLY A 428 28.76 9.90 -42.81
CA GLY A 428 28.52 10.87 -43.88
C GLY A 428 27.81 12.14 -43.47
N TYR A 429 27.41 12.24 -42.21
CA TYR A 429 26.78 13.46 -41.70
C TYR A 429 27.84 14.52 -41.41
N ASN A 430 29.05 14.07 -41.12
CA ASN A 430 30.18 14.96 -40.85
C ASN A 430 31.47 14.27 -41.29
N GLU A 431 32.19 14.88 -42.24
CA GLU A 431 33.39 14.26 -42.81
C GLU A 431 34.49 14.04 -41.79
N GLU A 432 34.67 15.00 -40.89
CA GLU A 432 35.72 14.91 -39.89
C GLU A 432 35.49 13.74 -38.93
N LEU A 433 34.25 13.54 -38.48
CA LEU A 433 33.91 12.34 -37.69
C LEU A 433 34.29 11.09 -38.45
N ASP A 434 34.09 11.11 -39.77
CA ASP A 434 34.44 9.98 -40.62
C ASP A 434 35.97 9.84 -40.80
N GLU A 435 36.69 10.97 -40.88
CA GLU A 435 38.17 10.98 -40.94
C GLU A 435 38.78 10.27 -39.72
N TRP A 436 38.26 10.59 -38.53
CA TRP A 436 38.72 10.01 -37.27
C TRP A 436 38.27 8.58 -37.07
N ARG A 437 37.13 8.22 -37.64
CA ARG A 437 36.68 6.83 -37.61
C ARG A 437 37.47 5.96 -38.57
N ALA A 438 37.97 6.58 -39.65
CA ALA A 438 38.87 5.90 -40.57
C ALA A 438 40.14 5.50 -39.81
N LEU A 439 40.78 6.48 -39.19
CA LEU A 439 41.98 6.25 -38.38
C LEU A 439 41.76 5.15 -37.34
N ALA A 440 40.65 5.21 -36.63
CA ALA A 440 40.31 4.20 -35.61
C ALA A 440 40.25 2.79 -36.21
N ASP A 441 39.44 2.61 -37.24
CA ASP A 441 39.27 1.31 -37.90
C ASP A 441 40.56 0.85 -38.59
N GLY A 442 41.33 1.80 -39.11
CA GLY A 442 42.58 1.51 -39.80
C GLY A 442 43.72 1.16 -38.86
N ALA A 443 43.60 1.51 -37.59
CA ALA A 443 44.57 1.12 -36.57
C ALA A 443 44.21 -0.21 -35.91
N THR A 444 42.90 -0.50 -35.80
CA THR A 444 42.44 -1.75 -35.18
C THR A 444 42.75 -2.96 -36.03
N ASP A 445 42.38 -2.89 -37.31
CA ASP A 445 42.61 -4.01 -38.22
C ASP A 445 44.11 -4.21 -38.45
N TYR A 446 44.85 -3.11 -38.48
CA TYR A 446 46.31 -3.16 -38.53
C TYR A 446 46.91 -3.92 -37.35
N LEU A 447 46.38 -3.67 -36.15
CA LEU A 447 46.83 -4.37 -34.97
C LEU A 447 46.54 -5.88 -35.08
N GLU A 448 45.47 -6.24 -35.78
CA GLU A 448 45.13 -7.65 -35.97
C GLU A 448 46.01 -8.31 -37.04
N ARG A 449 46.46 -7.52 -38.02
CA ARG A 449 47.52 -7.95 -38.92
C ARG A 449 48.80 -8.18 -38.11
N LEU A 450 49.09 -7.26 -37.18
CA LEU A 450 50.22 -7.43 -36.27
C LEU A 450 50.11 -8.71 -35.48
N GLU A 451 48.91 -9.09 -35.07
CA GLU A 451 48.74 -10.34 -34.33
C GLU A 451 49.30 -11.50 -35.14
N VAL A 452 48.85 -11.60 -36.39
CA VAL A 452 49.30 -12.64 -37.29
C VAL A 452 50.81 -12.47 -37.62
N ARG A 453 51.20 -11.26 -38.01
CA ARG A 453 52.61 -10.94 -38.28
C ARG A 453 53.55 -11.48 -37.20
N GLU A 454 53.20 -11.27 -35.94
CA GLU A 454 54.06 -11.66 -34.82
C GLU A 454 53.99 -13.15 -34.53
N ARG A 455 52.81 -13.75 -34.72
CA ARG A 455 52.63 -15.18 -34.48
C ARG A 455 53.50 -16.03 -35.40
N GLU A 456 53.67 -15.57 -36.64
CA GLU A 456 54.63 -16.19 -37.57
C GLU A 456 56.05 -15.98 -37.07
N ARG A 457 56.42 -14.71 -36.96
CA ARG A 457 57.78 -14.30 -36.56
C ARG A 457 58.30 -15.06 -35.33
N THR A 458 57.38 -15.56 -34.51
CA THR A 458 57.71 -16.33 -33.31
C THR A 458 57.41 -17.83 -33.47
N GLY A 459 56.35 -18.15 -34.20
CA GLY A 459 55.91 -19.54 -34.37
C GLY A 459 55.01 -20.01 -33.23
N LEU A 460 55.20 -19.42 -32.06
CA LEU A 460 54.34 -19.66 -30.90
C LEU A 460 52.87 -19.56 -31.33
N ASP A 461 52.17 -20.68 -31.26
CA ASP A 461 50.79 -20.78 -31.78
C ASP A 461 49.77 -20.03 -30.91
N THR A 462 49.97 -20.09 -29.58
CA THR A 462 49.03 -19.48 -28.63
C THR A 462 49.09 -17.95 -28.57
N LEU A 463 50.05 -17.33 -29.27
CA LEU A 463 50.17 -15.87 -29.29
C LEU A 463 48.86 -15.19 -29.70
N LYS A 464 48.38 -14.28 -28.85
CA LYS A 464 47.19 -13.46 -29.14
C LYS A 464 47.58 -11.99 -29.07
N VAL A 465 46.70 -11.14 -29.60
CA VAL A 465 46.74 -9.71 -29.31
C VAL A 465 45.44 -9.38 -28.62
N GLY A 466 45.53 -8.68 -27.50
CA GLY A 466 44.37 -8.38 -26.67
C GLY A 466 44.46 -7.01 -26.03
N PHE A 467 43.35 -6.57 -25.44
CA PHE A 467 43.25 -5.25 -24.80
C PHE A 467 42.55 -5.31 -23.45
N ASN A 468 43.20 -4.73 -22.45
CA ASN A 468 42.69 -4.68 -21.11
C ASN A 468 42.67 -3.20 -20.73
N ALA A 469 41.63 -2.78 -19.99
CA ALA A 469 41.40 -1.35 -19.69
C ALA A 469 42.55 -0.67 -18.93
N VAL A 470 43.15 -1.38 -17.98
CA VAL A 470 44.24 -0.82 -17.19
C VAL A 470 45.50 -0.67 -18.05
N HIS A 471 46.13 -1.79 -18.36
CA HIS A 471 47.44 -1.82 -19.02
C HIS A 471 47.29 -1.38 -20.47
N GLY A 472 46.33 -1.98 -21.16
CA GLY A 472 46.02 -1.61 -22.54
C GLY A 472 46.33 -2.72 -23.51
N TYR A 473 46.92 -2.36 -24.64
CA TYR A 473 47.28 -3.34 -25.66
C TYR A 473 48.51 -4.14 -25.26
N TYR A 474 48.39 -5.45 -25.41
CA TYR A 474 49.43 -6.38 -25.01
C TYR A 474 49.49 -7.54 -26.01
N ILE A 475 50.59 -8.30 -25.98
CA ILE A 475 50.75 -9.52 -26.77
C ILE A 475 50.82 -10.70 -25.81
N GLN A 476 49.80 -11.55 -25.82
CA GLN A 476 49.71 -12.64 -24.84
C GLN A 476 50.36 -13.91 -25.35
N ILE A 477 51.21 -14.50 -24.51
CA ILE A 477 51.83 -15.79 -24.77
C ILE A 477 51.54 -16.67 -23.57
N SER A 478 51.05 -17.88 -23.80
CA SER A 478 50.79 -18.79 -22.68
C SER A 478 52.10 -18.98 -21.90
N ARG A 479 52.00 -19.21 -20.60
CA ARG A 479 53.21 -19.41 -19.79
C ARG A 479 54.03 -20.57 -20.34
N GLY A 480 53.33 -21.58 -20.87
CA GLY A 480 53.97 -22.72 -21.53
C GLY A 480 54.94 -22.40 -22.66
N GLN A 481 54.83 -21.20 -23.23
CA GLN A 481 55.74 -20.73 -24.28
C GLN A 481 56.43 -19.38 -24.00
N SER A 482 56.11 -18.75 -22.87
CA SER A 482 56.56 -17.38 -22.57
C SER A 482 58.09 -17.20 -22.63
N HIS A 483 58.83 -18.24 -22.27
CA HIS A 483 60.30 -18.27 -22.37
C HIS A 483 60.77 -18.06 -23.80
N LEU A 484 60.03 -18.63 -24.76
CA LEU A 484 60.38 -18.54 -26.18
C LEU A 484 60.05 -17.15 -26.77
N ALA A 485 59.58 -16.23 -25.96
CA ALA A 485 59.27 -14.88 -26.44
C ALA A 485 60.55 -14.14 -26.80
N PRO A 486 60.52 -13.35 -27.91
CA PRO A 486 61.65 -12.52 -28.36
C PRO A 486 62.23 -11.56 -27.32
N ILE A 487 63.45 -11.10 -27.57
CA ILE A 487 64.13 -10.13 -26.69
C ILE A 487 63.54 -8.75 -26.95
N ASN A 488 63.00 -8.56 -28.16
CA ASN A 488 62.20 -7.39 -28.52
C ASN A 488 61.06 -7.09 -27.52
N TYR A 489 60.52 -8.13 -26.90
CA TYR A 489 59.30 -8.06 -26.10
C TYR A 489 59.52 -7.60 -24.66
N MET A 490 58.91 -6.47 -24.31
CA MET A 490 58.97 -5.93 -22.94
C MET A 490 57.74 -6.37 -22.13
N ARG A 491 57.95 -7.31 -21.21
CA ARG A 491 56.90 -7.85 -20.35
C ARG A 491 56.24 -6.75 -19.52
N ARG A 492 54.91 -6.70 -19.57
CA ARG A 492 54.14 -5.64 -18.91
C ARG A 492 53.14 -6.18 -17.88
N GLN A 493 52.49 -7.30 -18.19
CA GLN A 493 51.51 -7.90 -17.27
C GLN A 493 51.65 -9.43 -17.23
N THR A 494 51.44 -10.00 -16.05
CA THR A 494 51.52 -11.45 -15.84
C THR A 494 50.21 -11.97 -15.28
N LEU A 495 49.88 -13.20 -15.67
CA LEU A 495 48.71 -13.91 -15.17
C LEU A 495 49.18 -15.31 -14.79
N LYS A 496 48.27 -16.15 -14.32
CA LYS A 496 48.64 -17.49 -13.83
C LYS A 496 49.22 -18.37 -14.94
N ASN A 497 48.51 -18.49 -16.05
CA ASN A 497 48.93 -19.31 -17.20
C ASN A 497 49.31 -18.49 -18.42
N ALA A 498 49.73 -17.23 -18.20
CA ALA A 498 50.06 -16.35 -19.30
C ALA A 498 51.10 -15.30 -18.91
N GLU A 499 51.59 -14.58 -19.92
CA GLU A 499 52.52 -13.47 -19.74
C GLU A 499 52.33 -12.50 -20.90
N ARG A 500 52.00 -11.25 -20.60
CA ARG A 500 51.66 -10.29 -21.64
C ARG A 500 52.75 -9.24 -21.80
N TYR A 501 53.05 -8.88 -23.05
CA TYR A 501 54.18 -8.02 -23.35
C TYR A 501 53.76 -6.80 -24.16
N ILE A 502 54.62 -5.79 -24.21
CA ILE A 502 54.46 -4.65 -25.11
C ILE A 502 55.70 -4.57 -26.02
N ILE A 503 55.52 -3.99 -27.21
CA ILE A 503 56.66 -3.56 -28.06
C ILE A 503 56.39 -2.15 -28.57
N PRO A 504 57.44 -1.38 -28.90
CA PRO A 504 57.25 0.05 -29.17
C PRO A 504 56.45 0.33 -30.43
N GLU A 505 56.18 -0.71 -31.22
CA GLU A 505 55.30 -0.63 -32.37
C GLU A 505 53.84 -0.73 -31.91
N LEU A 506 53.57 -1.71 -31.03
CA LEU A 506 52.22 -1.93 -30.48
C LEU A 506 51.76 -0.67 -29.75
N LYS A 507 52.63 -0.17 -28.89
CA LYS A 507 52.34 1.00 -28.06
C LYS A 507 52.22 2.26 -28.90
N GLU A 508 52.91 2.30 -30.04
CA GLU A 508 52.76 3.41 -30.98
C GLU A 508 51.35 3.42 -31.57
N TYR A 509 50.82 2.25 -31.91
CA TYR A 509 49.51 2.13 -32.55
C TYR A 509 48.35 2.01 -31.56
N GLU A 510 48.64 1.63 -30.31
CA GLU A 510 47.68 1.82 -29.22
C GLU A 510 47.40 3.31 -29.10
N ASP A 511 48.46 4.12 -29.02
CA ASP A 511 48.32 5.57 -28.87
C ASP A 511 47.65 6.26 -30.05
N LYS A 512 47.56 5.61 -31.20
CA LYS A 512 46.88 6.22 -32.34
C LYS A 512 45.43 5.79 -32.39
N VAL A 513 45.17 4.50 -32.17
CA VAL A 513 43.79 3.99 -32.11
C VAL A 513 43.02 4.69 -30.99
N LEU A 514 43.63 4.80 -29.82
CA LEU A 514 43.00 5.47 -28.69
C LEU A 514 42.78 6.94 -28.97
N THR A 515 43.84 7.67 -29.30
CA THR A 515 43.70 9.11 -29.48
C THR A 515 42.65 9.45 -30.54
N SER A 516 42.51 8.58 -31.55
CA SER A 516 41.53 8.81 -32.62
C SER A 516 40.11 8.37 -32.24
N LYS A 517 39.97 7.30 -31.46
CA LYS A 517 38.68 6.91 -30.88
C LYS A 517 38.08 8.03 -30.02
N GLY A 518 38.93 8.65 -29.20
CA GLY A 518 38.52 9.68 -28.28
C GLY A 518 38.17 10.99 -28.97
N LYS A 519 38.86 11.29 -30.06
CA LYS A 519 38.54 12.47 -30.85
C LYS A 519 37.16 12.30 -31.51
N ALA A 520 36.85 11.08 -31.93
CA ALA A 520 35.51 10.75 -32.45
C ALA A 520 34.44 10.98 -31.38
N LEU A 521 34.68 10.45 -30.18
CA LEU A 521 33.74 10.60 -29.05
C LEU A 521 33.36 12.04 -28.81
N ALA A 522 34.36 12.88 -28.50
CA ALA A 522 34.12 14.30 -28.21
C ALA A 522 33.50 15.04 -29.39
N LEU A 523 33.76 14.56 -30.60
CA LEU A 523 33.15 15.12 -31.80
C LEU A 523 31.69 14.71 -31.95
N GLU A 524 31.38 13.44 -31.72
CA GLU A 524 29.97 13.00 -31.67
C GLU A 524 29.22 13.86 -30.67
N LYS A 525 29.83 14.08 -29.51
CA LYS A 525 29.20 14.82 -28.42
C LYS A 525 28.93 16.27 -28.78
N GLN A 526 29.80 16.87 -29.59
CA GLN A 526 29.54 18.21 -30.12
C GLN A 526 28.44 18.12 -31.17
N LEU A 527 28.63 17.25 -32.14
CA LEU A 527 27.66 17.02 -33.21
C LEU A 527 26.26 16.78 -32.66
N TYR A 528 26.19 16.01 -31.58
CA TYR A 528 24.92 15.68 -30.96
C TYR A 528 24.31 16.89 -30.27
N GLU A 529 25.13 17.62 -29.50
CA GLU A 529 24.63 18.82 -28.82
C GLU A 529 24.43 19.98 -29.77
N GLU A 530 24.88 19.83 -31.02
CA GLU A 530 24.61 20.79 -32.09
C GLU A 530 23.25 20.52 -32.75
N LEU A 531 22.72 19.32 -32.58
CA LEU A 531 21.41 18.98 -33.12
C LEU A 531 20.35 19.82 -32.44
N PHE A 532 20.48 19.94 -31.11
CA PHE A 532 19.54 20.74 -30.34
C PHE A 532 19.52 22.16 -30.91
N ASP A 533 20.69 22.75 -31.15
CA ASP A 533 20.83 24.08 -31.75
C ASP A 533 20.05 24.23 -33.07
N LEU A 534 19.99 23.16 -33.86
CA LEU A 534 19.28 23.17 -35.14
C LEU A 534 17.75 22.98 -35.00
N LEU A 535 17.36 22.13 -34.05
CA LEU A 535 15.95 21.75 -33.85
C LEU A 535 15.16 22.71 -32.96
N LEU A 536 15.83 23.25 -31.93
CA LEU A 536 15.19 24.16 -30.95
C LEU A 536 14.47 25.36 -31.58
N PRO A 537 15.04 25.95 -32.64
CA PRO A 537 14.34 27.03 -33.32
C PRO A 537 12.90 26.71 -33.71
N HIS A 538 12.60 25.45 -33.99
CA HIS A 538 11.24 25.02 -34.34
C HIS A 538 10.55 24.30 -33.19
N LEU A 539 10.78 24.76 -31.95
CA LEU A 539 10.17 24.16 -30.77
C LEU A 539 8.69 24.50 -30.71
N GLU A 540 8.36 25.78 -30.87
CA GLU A 540 6.99 26.25 -30.81
C GLU A 540 6.14 25.50 -31.81
N ALA A 541 6.54 25.57 -33.08
CA ALA A 541 5.82 24.87 -34.14
C ALA A 541 5.69 23.39 -33.82
N LEU A 542 6.77 22.79 -33.31
CA LEU A 542 6.81 21.37 -32.94
C LEU A 542 5.92 21.01 -31.77
N GLN A 543 5.78 21.94 -30.82
CA GLN A 543 4.97 21.71 -29.65
C GLN A 543 3.50 21.60 -30.04
N GLN A 544 2.99 22.64 -30.70
CA GLN A 544 1.60 22.68 -31.14
C GLN A 544 1.24 21.56 -32.13
N SER A 545 2.24 20.98 -32.79
CA SER A 545 2.03 19.79 -33.61
C SER A 545 1.71 18.59 -32.72
N ALA A 546 2.58 18.36 -31.74
CA ALA A 546 2.41 17.29 -30.75
C ALA A 546 1.06 17.42 -30.05
N SER A 547 0.62 18.66 -29.86
CA SER A 547 -0.68 18.97 -29.29
C SER A 547 -1.79 18.52 -30.22
N ALA A 548 -1.65 18.82 -31.50
CA ALA A 548 -2.64 18.46 -32.51
C ALA A 548 -2.75 16.95 -32.69
N LEU A 549 -1.61 16.27 -32.63
CA LEU A 549 -1.56 14.81 -32.66
C LEU A 549 -2.25 14.18 -31.44
N ALA A 550 -2.17 14.88 -30.32
CA ALA A 550 -2.76 14.40 -29.07
C ALA A 550 -4.27 14.53 -29.15
N GLU A 551 -4.74 15.72 -29.49
CA GLU A 551 -6.17 15.99 -29.62
C GLU A 551 -6.79 15.04 -30.65
N LEU A 552 -6.09 14.83 -31.75
CA LEU A 552 -6.58 13.95 -32.81
C LEU A 552 -6.69 12.53 -32.27
N ASP A 553 -5.68 12.10 -31.52
CA ASP A 553 -5.68 10.77 -30.92
C ASP A 553 -6.94 10.55 -30.09
N VAL A 554 -7.33 11.60 -29.35
CA VAL A 554 -8.52 11.54 -28.50
C VAL A 554 -9.79 11.49 -29.34
N LEU A 555 -9.95 12.48 -30.21
CA LEU A 555 -11.13 12.57 -31.07
C LEU A 555 -11.33 11.33 -31.95
N VAL A 556 -10.27 10.88 -32.62
CA VAL A 556 -10.30 9.61 -33.37
C VAL A 556 -10.78 8.46 -32.48
N ASN A 557 -10.30 8.42 -31.24
CA ASN A 557 -10.67 7.38 -30.29
C ASN A 557 -12.15 7.47 -29.92
N LEU A 558 -12.55 8.66 -29.50
CA LEU A 558 -13.95 8.91 -29.13
C LEU A 558 -14.90 8.50 -30.26
N ALA A 559 -14.51 8.81 -31.49
CA ALA A 559 -15.30 8.41 -32.67
C ALA A 559 -15.48 6.91 -32.71
N GLU A 560 -14.37 6.19 -32.57
CA GLU A 560 -14.37 4.74 -32.56
C GLU A 560 -15.19 4.20 -31.40
N ARG A 561 -15.02 4.82 -30.23
CA ARG A 561 -15.80 4.48 -29.05
C ARG A 561 -17.31 4.63 -29.33
N ALA A 562 -17.65 5.76 -29.96
CA ALA A 562 -19.04 6.10 -30.29
C ALA A 562 -19.68 5.05 -31.20
N TYR A 563 -18.87 4.44 -32.05
CA TYR A 563 -19.33 3.39 -32.94
C TYR A 563 -19.36 2.07 -32.18
N THR A 564 -18.22 1.65 -31.65
CA THR A 564 -18.09 0.33 -31.01
C THR A 564 -19.17 0.07 -29.96
N LEU A 565 -19.35 1.04 -29.07
CA LEU A 565 -20.22 0.88 -27.90
C LEU A 565 -21.66 1.39 -28.12
N ASN A 566 -21.90 1.95 -29.31
CA ASN A 566 -23.22 2.44 -29.74
C ASN A 566 -23.76 3.63 -28.93
N TYR A 567 -23.16 4.79 -29.18
CA TYR A 567 -23.61 6.03 -28.58
C TYR A 567 -24.22 6.87 -29.69
N THR A 568 -24.91 7.96 -29.31
CA THR A 568 -25.55 8.88 -30.26
C THR A 568 -25.14 10.31 -29.93
N CYS A 569 -25.25 11.20 -30.90
CA CYS A 569 -24.85 12.59 -30.68
C CYS A 569 -25.95 13.31 -29.90
N PRO A 570 -25.58 14.00 -28.82
CA PRO A 570 -26.56 14.79 -28.10
C PRO A 570 -26.69 16.19 -28.68
N THR A 571 -27.84 16.79 -28.46
CA THR A 571 -28.08 18.17 -28.82
C THR A 571 -28.34 18.97 -27.58
N PHE A 572 -28.11 20.27 -27.72
CA PHE A 572 -28.17 21.19 -26.60
C PHE A 572 -29.37 22.09 -26.79
N ILE A 573 -29.89 22.62 -25.68
CA ILE A 573 -31.12 23.38 -25.72
C ILE A 573 -30.90 24.73 -25.04
N ASP A 574 -31.91 25.59 -25.08
CA ASP A 574 -31.81 26.91 -24.44
C ASP A 574 -31.92 26.79 -22.94
N LYS A 575 -33.07 26.28 -22.49
CA LYS A 575 -33.43 26.20 -21.07
C LYS A 575 -32.67 25.06 -20.39
N PRO A 576 -32.56 25.11 -19.05
CA PRO A 576 -32.10 23.94 -18.32
C PRO A 576 -32.97 22.72 -18.59
N GLY A 577 -32.38 21.54 -18.49
CA GLY A 577 -33.15 20.32 -18.70
C GLY A 577 -32.30 19.16 -19.15
N ILE A 578 -32.83 17.95 -18.97
CA ILE A 578 -32.23 16.73 -19.47
C ILE A 578 -33.36 15.87 -20.00
N ARG A 579 -33.36 15.57 -21.30
CA ARG A 579 -34.34 14.65 -21.88
C ARG A 579 -33.64 13.46 -22.48
N ILE A 580 -33.54 12.39 -21.71
CA ILE A 580 -32.88 11.16 -22.14
C ILE A 580 -33.87 10.15 -22.66
N THR A 581 -33.49 9.49 -23.76
CA THR A 581 -34.25 8.41 -24.34
C THR A 581 -33.36 7.16 -24.36
N GLU A 582 -33.71 6.15 -23.57
CA GLU A 582 -32.94 4.91 -23.48
C GLU A 582 -31.55 5.12 -22.86
N GLY A 583 -31.50 5.87 -21.77
CA GLY A 583 -30.23 6.23 -21.14
C GLY A 583 -29.61 5.14 -20.30
N ARG A 584 -28.47 4.61 -20.76
CA ARG A 584 -27.75 3.55 -20.04
C ARG A 584 -26.47 4.07 -19.37
N HIS A 585 -26.04 3.37 -18.32
CA HIS A 585 -24.81 3.71 -17.60
C HIS A 585 -23.56 3.24 -18.34
N PRO A 586 -22.70 4.18 -18.75
CA PRO A 586 -21.59 3.93 -19.67
C PRO A 586 -20.55 2.91 -19.20
N VAL A 587 -20.38 2.78 -17.89
CA VAL A 587 -19.45 1.81 -17.32
C VAL A 587 -20.16 0.54 -16.90
N VAL A 588 -21.36 0.68 -16.33
CA VAL A 588 -22.06 -0.47 -15.77
C VAL A 588 -22.62 -1.37 -16.87
N GLU A 589 -22.85 -0.81 -18.05
CA GLU A 589 -23.30 -1.60 -19.20
C GLU A 589 -22.23 -2.55 -19.75
N GLN A 590 -20.96 -2.22 -19.52
CA GLN A 590 -19.84 -3.01 -20.05
C GLN A 590 -19.38 -4.09 -19.08
N VAL A 591 -19.43 -3.78 -17.79
CA VAL A 591 -19.08 -4.74 -16.74
C VAL A 591 -20.11 -5.87 -16.60
N LEU A 592 -21.35 -5.60 -17.04
CA LEU A 592 -22.40 -6.62 -16.96
C LEU A 592 -22.29 -7.65 -18.09
N ASN A 593 -22.90 -8.81 -17.83
CA ASN A 593 -23.10 -9.88 -18.81
C ASN A 593 -24.53 -9.77 -19.30
N GLU A 594 -25.43 -9.67 -18.32
CA GLU A 594 -26.87 -9.52 -18.51
C GLU A 594 -27.22 -8.17 -19.13
N PRO A 595 -27.82 -8.17 -20.34
CA PRO A 595 -28.20 -6.94 -21.01
C PRO A 595 -28.67 -5.82 -20.09
N PHE A 596 -28.08 -4.64 -20.27
CA PHE A 596 -28.35 -3.52 -19.39
C PHE A 596 -29.64 -2.82 -19.81
N ILE A 597 -30.56 -2.70 -18.87
CA ILE A 597 -31.87 -2.12 -19.14
C ILE A 597 -31.73 -0.64 -19.42
N ALA A 598 -32.13 -0.20 -20.60
CA ALA A 598 -32.16 1.23 -20.95
C ALA A 598 -33.20 1.92 -20.08
N ASN A 599 -33.09 3.23 -19.92
CA ASN A 599 -34.03 3.95 -19.09
C ASN A 599 -34.13 5.43 -19.42
N PRO A 600 -35.36 5.92 -19.63
CA PRO A 600 -35.57 7.32 -19.99
C PRO A 600 -35.35 8.28 -18.83
N LEU A 601 -35.31 9.57 -19.16
CA LEU A 601 -35.35 10.64 -18.16
C LEU A 601 -35.96 11.87 -18.78
N ASN A 602 -36.66 12.65 -17.96
CA ASN A 602 -37.27 13.90 -18.41
C ASN A 602 -37.28 14.93 -17.29
N LEU A 603 -36.28 15.82 -17.31
CA LEU A 603 -36.20 16.91 -16.37
C LEU A 603 -36.31 18.23 -17.12
N SER A 604 -37.04 19.18 -16.56
CA SER A 604 -37.19 20.51 -17.15
C SER A 604 -37.49 21.51 -16.03
N PRO A 605 -37.61 22.81 -16.36
CA PRO A 605 -37.95 23.75 -15.31
C PRO A 605 -39.33 23.46 -14.72
N GLN A 606 -40.19 22.89 -15.55
CA GLN A 606 -41.52 22.47 -15.13
C GLN A 606 -41.44 21.20 -14.26
N ARG A 607 -40.48 20.33 -14.57
CA ARG A 607 -40.32 19.03 -13.89
C ARG A 607 -38.89 18.87 -13.37
N ARG A 608 -38.57 19.64 -12.33
CA ARG A 608 -37.19 19.85 -11.92
C ARG A 608 -36.70 18.98 -10.77
N MET A 609 -37.60 18.31 -10.06
CA MET A 609 -37.20 17.36 -9.00
C MET A 609 -37.90 16.02 -9.17
N LEU A 610 -37.16 14.94 -8.96
CA LEU A 610 -37.72 13.60 -9.04
C LEU A 610 -37.40 12.80 -7.79
N ILE A 611 -38.44 12.48 -7.03
CA ILE A 611 -38.33 11.66 -5.85
C ILE A 611 -38.26 10.18 -6.28
N ILE A 612 -37.09 9.56 -6.11
CA ILE A 612 -36.87 8.18 -6.57
C ILE A 612 -37.05 7.17 -5.43
N THR A 613 -38.21 6.54 -5.40
CA THR A 613 -38.50 5.45 -4.47
C THR A 613 -38.13 4.10 -5.12
N GLY A 614 -38.43 3.00 -4.42
CA GLY A 614 -37.95 1.68 -4.79
C GLY A 614 -37.21 1.11 -3.59
N PRO A 615 -36.67 -0.11 -3.71
CA PRO A 615 -35.88 -0.69 -2.64
C PRO A 615 -34.39 -0.56 -2.97
N ASN A 616 -33.53 -0.77 -1.98
CA ASN A 616 -32.10 -0.88 -2.30
C ASN A 616 -31.85 -2.15 -3.11
N MET A 617 -30.76 -2.15 -3.87
CA MET A 617 -30.44 -3.19 -4.87
C MET A 617 -31.30 -3.07 -6.14
N GLY A 618 -32.36 -2.26 -6.08
CA GLY A 618 -33.33 -2.14 -7.19
C GLY A 618 -32.87 -1.36 -8.41
N GLY A 619 -31.75 -0.65 -8.28
CA GLY A 619 -31.10 0.05 -9.40
C GLY A 619 -31.12 1.56 -9.32
N LYS A 620 -31.46 2.08 -8.13
CA LYS A 620 -31.65 3.53 -7.89
C LYS A 620 -30.41 4.39 -8.13
N SER A 621 -29.27 3.93 -7.63
CA SER A 621 -28.03 4.69 -7.75
C SER A 621 -27.55 4.74 -9.20
N THR A 622 -27.45 3.58 -9.83
CA THR A 622 -27.07 3.53 -11.23
C THR A 622 -27.85 4.57 -12.02
N TYR A 623 -29.16 4.65 -11.81
CA TYR A 623 -29.98 5.63 -12.52
C TYR A 623 -29.47 7.06 -12.28
N MET A 624 -29.29 7.43 -11.02
CA MET A 624 -28.82 8.76 -10.68
C MET A 624 -27.46 9.02 -11.34
N ARG A 625 -26.54 8.06 -11.20
CA ARG A 625 -25.17 8.21 -11.72
C ARG A 625 -25.12 8.36 -13.22
N GLN A 626 -25.79 7.44 -13.92
CA GLN A 626 -25.82 7.50 -15.38
C GLN A 626 -26.40 8.82 -15.88
N THR A 627 -27.23 9.48 -15.07
CA THR A 627 -27.74 10.80 -15.43
C THR A 627 -26.61 11.81 -15.46
N ALA A 628 -25.79 11.84 -14.42
CA ALA A 628 -24.66 12.78 -14.35
C ALA A 628 -23.61 12.47 -15.42
N LEU A 629 -23.35 11.18 -15.63
CA LEU A 629 -22.32 10.74 -16.58
C LEU A 629 -22.72 11.07 -18.01
N ILE A 630 -23.98 10.82 -18.36
CA ILE A 630 -24.50 11.21 -19.68
C ILE A 630 -24.35 12.72 -19.88
N ALA A 631 -24.60 13.49 -18.83
CA ALA A 631 -24.48 14.93 -18.91
C ALA A 631 -23.04 15.33 -19.16
N LEU A 632 -22.13 14.76 -18.37
CA LEU A 632 -20.70 15.14 -18.45
C LEU A 632 -20.10 14.81 -19.82
N MET A 633 -20.41 13.62 -20.34
CA MET A 633 -19.88 13.23 -21.63
C MET A 633 -20.38 14.20 -22.71
N ALA A 634 -21.68 14.46 -22.72
CA ALA A 634 -22.25 15.44 -23.62
C ALA A 634 -21.46 16.74 -23.60
N TYR A 635 -20.99 17.12 -22.41
CA TYR A 635 -20.31 18.40 -22.21
C TYR A 635 -18.78 18.36 -22.29
N ILE A 636 -18.21 17.23 -22.72
CA ILE A 636 -16.83 17.21 -23.23
C ILE A 636 -16.81 17.04 -24.75
N GLY A 637 -17.98 17.17 -25.39
CA GLY A 637 -18.10 17.05 -26.85
C GLY A 637 -18.41 15.65 -27.33
N SER A 638 -18.26 14.67 -26.42
CA SER A 638 -18.42 13.27 -26.77
C SER A 638 -19.85 12.92 -27.17
N TYR A 639 -20.00 11.74 -27.78
CA TYR A 639 -21.30 11.12 -27.97
C TYR A 639 -21.75 10.53 -26.63
N VAL A 640 -22.99 10.02 -26.59
CA VAL A 640 -23.67 9.72 -25.33
C VAL A 640 -24.33 8.33 -25.31
N PRO A 641 -24.22 7.59 -24.20
CA PRO A 641 -24.86 6.27 -24.10
C PRO A 641 -26.40 6.35 -23.97
N ALA A 642 -27.06 6.69 -25.07
CA ALA A 642 -28.51 6.74 -25.10
C ALA A 642 -29.01 6.55 -26.52
N GLN A 643 -30.27 6.88 -26.75
CA GLN A 643 -30.82 6.90 -28.10
C GLN A 643 -30.94 8.35 -28.57
N LYS A 644 -31.59 9.19 -27.77
CA LYS A 644 -31.67 10.63 -28.01
C LYS A 644 -31.49 11.33 -26.68
N VAL A 645 -30.47 12.19 -26.58
CA VAL A 645 -30.26 12.98 -25.38
C VAL A 645 -30.26 14.45 -25.74
N GLU A 646 -31.04 15.22 -24.98
CA GLU A 646 -31.23 16.63 -25.25
C GLU A 646 -31.01 17.37 -23.94
N ILE A 647 -30.04 18.27 -23.89
CA ILE A 647 -29.52 18.74 -22.59
C ILE A 647 -29.27 20.24 -22.54
N GLY A 648 -29.71 20.86 -21.44
CA GLY A 648 -29.54 22.28 -21.24
C GLY A 648 -28.24 22.62 -20.55
N PRO A 649 -27.89 23.91 -20.54
CA PRO A 649 -26.69 24.42 -19.91
C PRO A 649 -26.59 23.98 -18.46
N ILE A 650 -25.41 23.51 -18.07
CA ILE A 650 -25.15 23.06 -16.70
C ILE A 650 -23.89 23.70 -16.19
N ASP A 651 -23.94 24.22 -14.96
CA ASP A 651 -22.80 24.91 -14.34
C ASP A 651 -22.07 24.08 -13.29
N ARG A 652 -22.81 23.22 -12.58
CA ARG A 652 -22.24 22.34 -11.56
C ARG A 652 -22.96 21.01 -11.54
N ILE A 653 -22.31 19.97 -11.01
CA ILE A 653 -22.95 18.66 -10.81
C ILE A 653 -22.65 18.15 -9.40
N PHE A 654 -23.67 18.12 -8.54
CA PHE A 654 -23.48 17.81 -7.11
C PHE A 654 -23.69 16.34 -6.78
N THR A 655 -22.98 15.85 -5.77
CA THR A 655 -23.21 14.49 -5.30
C THR A 655 -23.22 14.37 -3.79
N ARG A 656 -24.38 14.02 -3.28
CA ARG A 656 -24.57 13.68 -1.88
C ARG A 656 -25.09 12.25 -1.89
N VAL A 657 -24.25 11.33 -2.37
CA VAL A 657 -24.58 9.92 -2.31
C VAL A 657 -23.91 9.31 -1.04
N GLY A 658 -24.61 8.40 -0.38
CA GLY A 658 -24.38 8.05 1.04
C GLY A 658 -23.02 7.57 1.51
N ALA A 659 -22.96 7.25 2.80
CA ALA A 659 -21.74 6.74 3.45
C ALA A 659 -20.74 7.86 3.77
N ALA A 660 -20.66 8.23 5.05
CA ALA A 660 -19.61 9.11 5.56
C ALA A 660 -18.26 8.34 5.59
N ASP A 661 -17.49 8.48 6.67
CA ASP A 661 -16.16 7.86 6.76
C ASP A 661 -16.12 6.78 7.85
N PHE A 670 -22.27 11.25 11.45
CA PHE A 670 -21.05 12.01 11.70
C PHE A 670 -21.36 13.50 11.82
N MET A 671 -21.64 14.13 10.65
CA MET A 671 -21.64 15.60 10.44
C MET A 671 -21.26 15.88 8.97
N VAL A 672 -20.35 15.09 8.39
CA VAL A 672 -19.98 15.24 6.97
C VAL A 672 -21.20 15.44 6.08
N GLU A 673 -22.05 14.42 5.99
CA GLU A 673 -23.23 14.46 5.12
C GLU A 673 -24.06 15.74 5.23
N MET A 674 -24.16 16.29 6.43
CA MET A 674 -24.87 17.54 6.66
C MET A 674 -24.20 18.74 6.00
N THR A 675 -22.87 18.72 5.96
CA THR A 675 -22.11 19.82 5.37
C THR A 675 -22.22 19.78 3.85
N GLU A 676 -21.94 18.61 3.26
CA GLU A 676 -22.07 18.41 1.81
C GLU A 676 -23.46 18.82 1.34
N THR A 677 -24.45 18.60 2.20
CA THR A 677 -25.82 19.10 1.96
C THR A 677 -25.86 20.62 2.04
N ALA A 678 -25.25 21.18 3.09
CA ALA A 678 -25.17 22.64 3.24
C ALA A 678 -24.51 23.27 2.02
N ASN A 679 -23.40 22.68 1.59
CA ASN A 679 -22.68 23.09 0.38
C ASN A 679 -23.59 23.19 -0.85
N ILE A 680 -24.46 22.20 -1.03
CA ILE A 680 -25.43 22.19 -2.13
C ILE A 680 -26.38 23.37 -2.02
N LEU A 681 -27.02 23.50 -0.86
CA LEU A 681 -28.03 24.54 -0.65
C LEU A 681 -27.48 25.94 -0.90
N HIS A 682 -26.22 26.16 -0.52
CA HIS A 682 -25.57 27.46 -0.71
C HIS A 682 -25.25 27.77 -2.18
N ASN A 683 -24.53 26.85 -2.82
CA ASN A 683 -23.92 27.10 -4.14
C ASN A 683 -24.70 26.63 -5.37
N ALA A 684 -25.84 25.99 -5.17
CA ALA A 684 -26.62 25.49 -6.31
C ALA A 684 -27.47 26.58 -6.99
N THR A 685 -27.35 26.68 -8.31
CA THR A 685 -28.26 27.45 -9.14
C THR A 685 -29.07 26.53 -10.05
N GLU A 686 -30.08 27.11 -10.67
CA GLU A 686 -31.04 26.37 -11.50
C GLU A 686 -30.44 25.74 -12.75
N TYR A 687 -29.15 25.97 -12.97
CA TYR A 687 -28.45 25.33 -14.07
C TYR A 687 -27.71 24.09 -13.58
N SER A 688 -27.63 23.90 -12.27
CA SER A 688 -26.94 22.75 -11.70
C SER A 688 -27.79 21.49 -11.66
N LEU A 689 -27.11 20.35 -11.63
CA LEU A 689 -27.73 19.05 -11.44
C LEU A 689 -27.32 18.54 -10.06
N VAL A 690 -28.29 18.03 -9.30
CA VAL A 690 -28.05 17.61 -7.93
C VAL A 690 -28.54 16.19 -7.73
N LEU A 691 -27.66 15.31 -7.26
CA LEU A 691 -28.04 13.91 -7.01
C LEU A 691 -27.81 13.54 -5.56
N MET A 692 -28.87 13.12 -4.88
CA MET A 692 -28.79 12.87 -3.44
C MET A 692 -29.31 11.48 -3.06
N ASP A 693 -28.60 10.83 -2.13
CA ASP A 693 -29.05 9.59 -1.50
C ASP A 693 -29.60 9.98 -0.16
N GLU A 694 -28.71 10.14 0.81
CA GLU A 694 -29.13 10.56 2.12
C GLU A 694 -28.51 11.92 2.46
N ILE A 695 -29.39 12.91 2.60
CA ILE A 695 -29.02 14.26 3.03
C ILE A 695 -28.48 14.33 4.47
N GLY A 696 -28.60 13.24 5.22
CA GLY A 696 -28.15 13.19 6.60
C GLY A 696 -29.12 12.48 7.53
N ARG A 697 -28.56 11.61 8.37
CA ARG A 697 -29.36 10.87 9.36
C ARG A 697 -29.79 11.80 10.48
N GLY A 698 -30.83 11.41 11.20
CA GLY A 698 -31.25 12.12 12.42
C GLY A 698 -30.81 11.35 13.63
N THR A 699 -31.34 11.72 14.79
CA THR A 699 -31.19 10.95 16.05
C THR A 699 -32.51 10.46 16.64
N SER A 700 -33.63 10.84 16.01
CA SER A 700 -34.96 10.36 16.41
C SER A 700 -35.72 9.93 15.16
N THR A 701 -37.01 9.66 15.31
CA THR A 701 -37.80 9.02 14.25
C THR A 701 -38.00 9.92 13.03
N TYR A 702 -38.54 11.11 13.26
CA TYR A 702 -38.83 12.06 12.20
C TYR A 702 -37.81 13.19 12.16
N ASP A 703 -36.79 13.04 12.99
CA ASP A 703 -35.71 14.00 13.15
C ASP A 703 -35.07 14.43 11.83
N GLY A 704 -34.32 13.50 11.23
CA GLY A 704 -33.55 13.78 10.04
C GLY A 704 -34.42 13.86 8.82
N LEU A 705 -35.56 13.17 8.87
CA LEU A 705 -36.53 13.19 7.77
C LEU A 705 -37.07 14.59 7.53
N SER A 706 -37.26 15.34 8.61
CA SER A 706 -37.74 16.70 8.54
C SER A 706 -36.76 17.61 7.79
N LEU A 707 -35.47 17.26 7.82
CA LEU A 707 -34.45 17.98 7.06
C LEU A 707 -34.60 17.73 5.56
N ALA A 708 -34.60 16.46 5.18
CA ALA A 708 -34.82 16.05 3.80
C ALA A 708 -35.97 16.81 3.17
N TRP A 709 -37.09 16.87 3.89
CA TRP A 709 -38.28 17.60 3.43
C TRP A 709 -37.94 19.07 3.15
N ALA A 710 -37.42 19.77 4.17
CA ALA A 710 -37.11 21.19 4.07
C ALA A 710 -36.10 21.47 2.96
N CYS A 711 -35.15 20.55 2.77
CA CYS A 711 -34.15 20.69 1.73
C CYS A 711 -34.75 20.49 0.35
N ALA A 712 -35.54 19.44 0.18
CA ALA A 712 -36.23 19.22 -1.09
C ALA A 712 -36.99 20.49 -1.45
N GLU A 713 -37.73 20.99 -0.47
CA GLU A 713 -38.50 22.23 -0.61
C GLU A 713 -37.66 23.40 -1.08
N ASN A 714 -36.49 23.59 -0.46
CA ASN A 714 -35.61 24.70 -0.82
C ASN A 714 -35.03 24.54 -2.23
N LEU A 715 -34.58 23.33 -2.55
CA LEU A 715 -34.11 23.00 -3.91
C LEU A 715 -35.21 23.20 -4.96
N ALA A 716 -36.45 22.85 -4.61
CA ALA A 716 -37.56 22.96 -5.55
C ALA A 716 -38.12 24.37 -5.65
N ASN A 717 -38.41 25.01 -4.51
CA ASN A 717 -39.03 26.35 -4.54
C ASN A 717 -38.07 27.47 -4.91
N LYS A 718 -36.97 27.59 -4.16
CA LYS A 718 -36.04 28.72 -4.31
C LYS A 718 -34.90 28.43 -5.31
N ILE A 719 -34.06 27.43 -5.01
CA ILE A 719 -32.89 27.13 -5.87
C ILE A 719 -33.29 26.76 -7.29
N LYS A 720 -34.33 25.95 -7.41
CA LYS A 720 -34.83 25.45 -8.68
C LYS A 720 -33.75 24.71 -9.48
N ALA A 721 -32.89 23.99 -8.76
CA ALA A 721 -31.92 23.09 -9.39
C ALA A 721 -32.65 21.87 -9.94
N LEU A 722 -32.00 21.19 -10.87
CA LEU A 722 -32.51 19.93 -11.36
C LEU A 722 -32.05 18.86 -10.39
N THR A 723 -32.96 18.29 -9.62
CA THR A 723 -32.61 17.38 -8.54
C THR A 723 -33.04 15.94 -8.80
N LEU A 724 -32.20 15.00 -8.39
CA LEU A 724 -32.56 13.59 -8.35
C LEU A 724 -32.39 13.12 -6.91
N PHE A 725 -33.49 13.04 -6.18
CA PHE A 725 -33.46 12.67 -4.76
C PHE A 725 -34.01 11.25 -4.59
N ALA A 726 -33.11 10.29 -4.37
CA ALA A 726 -33.49 8.92 -4.02
C ALA A 726 -33.67 8.80 -2.51
N THR A 727 -34.69 8.07 -2.08
CA THR A 727 -34.95 7.91 -0.64
C THR A 727 -35.87 6.74 -0.37
N HIS A 728 -35.82 6.23 0.86
CA HIS A 728 -36.71 5.16 1.26
C HIS A 728 -37.90 5.71 2.03
N TYR A 729 -37.75 6.93 2.54
CA TYR A 729 -38.77 7.56 3.38
C TYR A 729 -39.98 7.95 2.53
N PHE A 730 -41.12 7.30 2.77
CA PHE A 730 -42.32 7.53 1.97
C PHE A 730 -42.99 8.85 2.27
N GLU A 731 -42.74 9.36 3.48
CA GLU A 731 -43.21 10.68 3.87
C GLU A 731 -42.82 11.75 2.84
N LEU A 732 -41.81 11.45 2.03
CA LEU A 732 -41.34 12.37 0.99
C LEU A 732 -42.03 12.18 -0.37
N THR A 733 -42.73 11.08 -0.61
CA THR A 733 -43.51 10.94 -1.84
C THR A 733 -44.81 11.75 -1.73
N GLN A 734 -45.04 12.32 -0.55
CA GLN A 734 -46.12 13.28 -0.34
C GLN A 734 -45.77 14.67 -0.94
N LEU A 735 -44.55 14.82 -1.45
CA LEU A 735 -44.08 16.14 -1.93
C LEU A 735 -44.68 16.61 -3.25
N PRO A 736 -44.90 15.71 -4.22
CA PRO A 736 -45.52 16.15 -5.47
C PRO A 736 -46.93 16.72 -5.32
N GLU A 737 -47.63 16.31 -4.26
CA GLU A 737 -48.93 16.86 -3.92
C GLU A 737 -48.77 18.31 -3.45
N LYS A 738 -47.83 18.54 -2.53
CA LYS A 738 -47.64 19.84 -1.91
C LYS A 738 -46.82 20.79 -2.79
N MET A 739 -45.73 20.28 -3.37
CA MET A 739 -44.73 21.12 -4.05
C MET A 739 -44.96 21.23 -5.55
N GLU A 740 -44.64 22.41 -6.10
CA GLU A 740 -44.69 22.64 -7.53
C GLU A 740 -43.40 22.15 -8.20
N GLY A 741 -43.57 21.36 -9.25
CA GLY A 741 -42.45 20.91 -10.06
C GLY A 741 -41.64 19.80 -9.44
N VAL A 742 -42.27 19.02 -8.56
CA VAL A 742 -41.66 17.83 -7.97
C VAL A 742 -42.54 16.65 -8.35
N ALA A 743 -41.94 15.57 -8.83
CA ALA A 743 -42.70 14.42 -9.29
C ALA A 743 -42.21 13.16 -8.63
N ASN A 744 -42.94 12.06 -8.84
CA ASN A 744 -42.61 10.76 -8.28
C ASN A 744 -42.23 9.71 -9.33
N VAL A 745 -41.21 8.94 -9.01
CA VAL A 745 -40.74 7.86 -9.86
C VAL A 745 -40.29 6.73 -8.94
N HIS A 746 -40.05 5.56 -9.49
CA HIS A 746 -39.53 4.44 -8.69
C HIS A 746 -38.92 3.35 -9.55
N LEU A 747 -38.04 2.56 -8.95
CA LEU A 747 -37.47 1.42 -9.67
C LEU A 747 -38.25 0.15 -9.35
N ASP A 748 -38.74 -0.47 -10.41
CA ASP A 748 -39.73 -1.53 -10.32
C ASP A 748 -39.08 -2.82 -9.77
N ALA A 749 -39.77 -3.43 -8.82
CA ALA A 749 -39.40 -4.75 -8.30
C ALA A 749 -40.68 -5.57 -8.12
N LEU A 750 -40.59 -6.90 -8.29
CA LEU A 750 -41.73 -7.79 -8.05
C LEU A 750 -41.38 -9.01 -7.20
N GLU A 751 -42.27 -9.33 -6.27
CA GLU A 751 -42.18 -10.54 -5.47
C GLU A 751 -42.89 -11.69 -6.17
N HIS A 752 -42.12 -12.61 -6.76
CA HIS A 752 -42.69 -13.89 -7.17
C HIS A 752 -42.59 -14.83 -5.97
N GLY A 753 -43.59 -14.73 -5.10
CA GLY A 753 -43.72 -15.58 -3.91
C GLY A 753 -42.52 -15.62 -2.99
N ASP A 754 -41.68 -16.64 -3.19
CA ASP A 754 -40.62 -17.01 -2.25
C ASP A 754 -39.35 -16.14 -2.33
N THR A 755 -39.24 -15.31 -3.37
CA THR A 755 -38.05 -14.45 -3.51
C THR A 755 -38.43 -13.09 -4.13
N ILE A 756 -37.48 -12.40 -4.76
CA ILE A 756 -37.68 -11.02 -5.23
C ILE A 756 -36.70 -10.67 -6.36
N ALA A 757 -37.19 -10.07 -7.43
CA ALA A 757 -36.36 -9.67 -8.57
C ALA A 757 -36.50 -8.20 -8.87
N PHE A 758 -35.47 -7.63 -9.50
CA PHE A 758 -35.41 -6.19 -9.78
C PHE A 758 -35.45 -5.94 -11.29
N MET A 759 -36.40 -5.10 -11.71
CA MET A 759 -36.62 -4.81 -13.12
C MET A 759 -35.58 -3.84 -13.68
N HIS A 760 -35.03 -3.00 -12.81
CA HIS A 760 -34.05 -1.98 -13.20
C HIS A 760 -34.63 -0.98 -14.22
N SER A 761 -35.96 -0.83 -14.23
CA SER A 761 -36.63 0.05 -15.18
C SER A 761 -37.38 1.10 -14.40
N VAL A 762 -37.28 2.35 -14.85
CA VAL A 762 -37.84 3.44 -14.08
C VAL A 762 -39.28 3.65 -14.49
N GLN A 763 -40.18 3.59 -13.51
CA GLN A 763 -41.58 3.84 -13.72
C GLN A 763 -41.98 5.14 -13.05
N ASP A 764 -43.03 5.76 -13.56
CA ASP A 764 -43.61 6.95 -12.93
C ASP A 764 -44.38 6.55 -11.69
N GLY A 765 -44.68 7.54 -10.86
CA GLY A 765 -45.43 7.30 -9.63
C GLY A 765 -44.54 6.68 -8.58
N ALA A 766 -44.85 6.93 -7.31
CA ALA A 766 -44.07 6.37 -6.21
C ALA A 766 -44.32 4.88 -6.11
N ALA A 767 -43.31 4.12 -5.70
CA ALA A 767 -43.42 2.66 -5.61
C ALA A 767 -44.62 2.22 -4.77
N SER A 768 -45.23 1.11 -5.17
CA SER A 768 -46.38 0.53 -4.47
C SER A 768 -46.12 0.31 -2.98
N LYS A 769 -44.89 -0.06 -2.66
CA LYS A 769 -44.45 -0.25 -1.27
C LYS A 769 -42.91 -0.20 -1.14
N SER A 770 -42.42 0.10 0.05
CA SER A 770 -41.02 -0.20 0.37
C SER A 770 -41.00 -1.70 0.69
N TYR A 771 -40.01 -2.39 0.14
CA TYR A 771 -39.90 -3.84 0.33
C TYR A 771 -38.96 -4.12 1.50
N GLY A 772 -39.03 -3.25 2.52
CA GLY A 772 -38.22 -3.41 3.70
C GLY A 772 -38.41 -4.78 4.31
N LEU A 773 -39.67 -5.15 4.53
CA LEU A 773 -40.01 -6.43 5.15
C LEU A 773 -39.65 -7.62 4.29
N ALA A 774 -39.85 -7.49 2.99
CA ALA A 774 -39.58 -8.59 2.06
C ALA A 774 -38.09 -8.88 1.98
N VAL A 775 -37.27 -7.83 2.07
CA VAL A 775 -35.82 -7.98 2.04
C VAL A 775 -35.31 -8.62 3.34
N ALA A 776 -35.82 -8.17 4.48
CA ALA A 776 -35.51 -8.79 5.78
C ALA A 776 -35.87 -10.29 5.78
N ALA A 777 -37.09 -10.59 5.36
CA ALA A 777 -37.53 -11.97 5.19
C ALA A 777 -36.51 -12.71 4.35
N LEU A 778 -36.22 -12.17 3.17
CA LEU A 778 -35.23 -12.77 2.26
C LEU A 778 -33.87 -12.97 2.96
N ALA A 779 -33.47 -12.00 3.77
CA ALA A 779 -32.16 -12.03 4.42
C ALA A 779 -32.05 -13.13 5.48
N GLY A 780 -33.17 -13.73 5.86
CA GLY A 780 -33.18 -14.88 6.77
C GLY A 780 -33.95 -14.65 8.06
N VAL A 781 -34.50 -13.46 8.24
CA VAL A 781 -35.26 -13.15 9.44
C VAL A 781 -36.41 -14.16 9.55
N PRO A 782 -36.59 -14.77 10.74
CA PRO A 782 -37.59 -15.82 10.93
C PRO A 782 -39.01 -15.42 10.53
N LYS A 783 -39.70 -16.35 9.85
CA LYS A 783 -41.08 -16.12 9.40
C LYS A 783 -41.86 -15.69 10.62
N GLU A 784 -41.78 -16.54 11.64
CA GLU A 784 -42.15 -16.21 13.01
C GLU A 784 -42.23 -14.69 13.23
N VAL A 785 -41.10 -14.00 13.10
CA VAL A 785 -41.00 -12.57 13.44
C VAL A 785 -41.49 -11.65 12.32
N ILE A 786 -41.18 -12.00 11.07
CA ILE A 786 -41.68 -11.24 9.92
C ILE A 786 -43.18 -10.97 10.05
N LYS A 787 -43.93 -12.03 10.35
CA LYS A 787 -45.38 -11.97 10.61
C LYS A 787 -45.77 -10.88 11.63
N ARG A 788 -45.04 -10.84 12.74
CA ARG A 788 -45.27 -9.87 13.81
C ARG A 788 -45.19 -8.44 13.29
N ALA A 789 -44.13 -8.19 12.50
CA ALA A 789 -43.89 -6.89 11.87
C ALA A 789 -45.02 -6.51 10.92
N ARG A 790 -45.52 -7.49 10.16
CA ARG A 790 -46.63 -7.25 9.24
C ARG A 790 -47.87 -6.77 9.99
N GLN A 791 -48.11 -7.33 11.18
CA GLN A 791 -49.25 -6.90 12.03
C GLN A 791 -49.03 -5.49 12.59
N LYS A 792 -47.82 -5.22 13.07
CA LYS A 792 -47.47 -3.90 13.60
C LYS A 792 -47.49 -2.83 12.49
N LEU A 793 -47.19 -3.24 11.26
CA LEU A 793 -47.30 -2.33 10.13
C LEU A 793 -48.75 -1.84 10.03
N ARG A 794 -49.66 -2.79 9.82
CA ARG A 794 -51.08 -2.48 9.63
C ARG A 794 -51.60 -1.41 10.60
N GLU A 795 -51.37 -1.60 11.90
CA GLU A 795 -51.87 -0.64 12.91
C GLU A 795 -51.23 0.74 12.76
N LEU A 796 -50.02 0.79 12.23
CA LEU A 796 -49.38 2.08 11.92
C LEU A 796 -50.08 2.77 10.77
N GLU A 797 -50.56 2.00 9.80
CA GLU A 797 -51.24 2.54 8.62
C GLU A 797 -52.73 2.80 8.85
N SER A 798 -53.26 2.37 9.99
CA SER A 798 -54.65 2.63 10.36
C SER A 798 -54.85 4.10 10.75
N ILE A 799 -53.85 4.68 11.40
CA ILE A 799 -53.85 6.11 11.79
C ILE A 799 -53.17 6.98 10.73
N SER A 800 -52.56 6.33 9.73
CA SER A 800 -51.83 7.02 8.65
C SER A 800 -52.73 7.29 7.43
N PHE B 36 17.21 -17.82 -21.72
CA PHE B 36 16.29 -17.38 -22.82
C PHE B 36 14.84 -17.84 -22.57
N TYR B 37 14.66 -19.01 -21.97
CA TYR B 37 13.39 -19.75 -22.12
C TYR B 37 12.15 -19.16 -21.40
N GLU B 38 11.91 -19.50 -20.13
CA GLU B 38 10.63 -19.16 -19.47
C GLU B 38 10.78 -18.41 -18.12
N LEU B 39 10.01 -18.79 -17.09
CA LEU B 39 10.21 -18.37 -15.68
C LEU B 39 9.01 -17.69 -14.99
N PHE B 40 9.18 -17.53 -13.67
CA PHE B 40 8.30 -16.76 -12.80
C PHE B 40 8.23 -15.26 -13.17
N TYR B 41 8.99 -14.84 -14.19
CA TYR B 41 9.04 -13.45 -14.65
C TYR B 41 7.65 -12.87 -14.98
N ASP B 42 6.86 -13.64 -15.72
CA ASP B 42 5.50 -13.23 -16.08
C ASP B 42 4.54 -13.24 -14.87
N ASP B 43 4.58 -14.30 -14.06
CA ASP B 43 3.86 -14.35 -12.73
C ASP B 43 4.55 -13.53 -11.59
N ALA B 44 5.75 -13.01 -11.84
CA ALA B 44 6.45 -12.14 -10.88
C ALA B 44 6.36 -10.67 -11.26
N LYS B 45 6.14 -10.38 -12.55
CA LYS B 45 5.78 -9.03 -12.97
C LYS B 45 4.41 -8.74 -12.35
N ARG B 46 3.60 -9.79 -12.20
CA ARG B 46 2.36 -9.74 -11.42
C ARG B 46 2.59 -9.25 -9.98
N ALA B 47 3.48 -9.94 -9.25
CA ALA B 47 3.71 -9.67 -7.83
C ALA B 47 4.73 -8.54 -7.57
N SER B 48 5.44 -8.12 -8.61
CA SER B 48 6.25 -6.89 -8.54
C SER B 48 5.35 -5.68 -8.75
N GLN B 49 4.41 -5.82 -9.70
CA GLN B 49 3.28 -4.89 -9.82
C GLN B 49 2.63 -4.64 -8.45
N LEU B 50 2.67 -5.66 -7.58
CA LEU B 50 2.10 -5.57 -6.23
C LEU B 50 3.11 -5.80 -5.06
N LEU B 51 4.33 -5.29 -5.26
CA LEU B 51 5.27 -4.95 -4.16
C LEU B 51 6.20 -3.76 -4.49
N ASP B 52 6.31 -3.45 -5.79
CA ASP B 52 6.94 -2.23 -6.33
C ASP B 52 8.46 -2.35 -6.50
N ILE B 53 8.83 -3.19 -7.47
CA ILE B 53 10.22 -3.42 -7.88
C ILE B 53 10.23 -3.85 -9.35
N SER B 54 10.53 -2.92 -10.27
CA SER B 54 10.62 -3.25 -11.70
C SER B 54 11.67 -2.40 -12.41
N PRO B 67 8.34 -7.39 -19.57
CA PRO B 67 8.27 -8.63 -18.80
C PRO B 67 9.51 -8.91 -17.90
N MET B 68 10.15 -7.86 -17.39
CA MET B 68 11.50 -7.98 -16.78
C MET B 68 11.70 -7.26 -15.41
N ALA B 69 10.97 -7.68 -14.38
CA ALA B 69 11.15 -7.15 -13.01
C ALA B 69 11.93 -8.12 -12.13
N GLY B 70 12.52 -7.60 -11.04
CA GLY B 70 13.34 -8.43 -10.16
C GLY B 70 13.76 -7.84 -8.82
N ILE B 71 14.41 -8.68 -8.01
CA ILE B 71 15.00 -8.29 -6.72
C ILE B 71 16.53 -8.54 -6.73
N PRO B 72 17.30 -7.63 -6.10
CA PRO B 72 18.75 -7.87 -5.94
C PRO B 72 19.05 -9.05 -4.99
N TYR B 73 20.27 -9.58 -5.07
CA TYR B 73 20.68 -10.72 -4.25
C TYR B 73 20.75 -10.41 -2.74
N HIS B 74 21.31 -9.25 -2.38
CA HIS B 74 21.60 -8.94 -0.97
C HIS B 74 20.36 -8.80 -0.06
N ALA B 75 19.19 -8.53 -0.66
CA ALA B 75 17.96 -8.34 0.10
C ALA B 75 16.91 -9.42 -0.19
N VAL B 76 17.33 -10.56 -0.74
CA VAL B 76 16.36 -11.58 -1.16
C VAL B 76 15.53 -12.06 0.00
N GLU B 77 16.15 -12.25 1.16
CA GLU B 77 15.45 -12.78 2.35
C GLU B 77 14.40 -11.79 2.85
N ASN B 78 14.65 -10.50 2.69
CA ASN B 78 13.70 -9.46 3.10
C ASN B 78 12.53 -9.30 2.10
N TYR B 79 12.79 -9.61 0.81
CA TYR B 79 11.77 -9.49 -0.25
C TYR B 79 10.86 -10.71 -0.32
N LEU B 80 11.42 -11.89 -0.08
CA LEU B 80 10.62 -13.10 0.15
C LEU B 80 9.75 -12.90 1.39
N ALA B 81 10.28 -12.20 2.38
CA ALA B 81 9.60 -11.92 3.65
C ALA B 81 8.25 -11.20 3.49
N LYS B 82 8.00 -10.59 2.32
CA LYS B 82 6.75 -9.86 2.09
C LYS B 82 5.83 -10.46 1.01
N LEU B 83 6.32 -11.46 0.28
CA LEU B 83 5.51 -12.19 -0.70
C LEU B 83 4.86 -13.36 0.01
N VAL B 84 5.71 -14.08 0.75
CA VAL B 84 5.28 -15.04 1.74
C VAL B 84 4.34 -14.34 2.73
N ASN B 85 4.65 -13.10 3.08
CA ASN B 85 3.78 -12.33 3.99
C ASN B 85 2.34 -12.31 3.49
N GLN B 86 2.17 -11.87 2.24
CA GLN B 86 0.85 -11.77 1.61
C GLN B 86 0.50 -13.03 0.81
N GLY B 87 1.27 -14.10 1.01
CA GLY B 87 0.86 -15.45 0.62
C GLY B 87 1.25 -15.92 -0.77
N GLU B 88 2.55 -16.15 -0.97
CA GLU B 88 3.04 -16.66 -2.26
C GLU B 88 4.02 -17.83 -2.09
N SER B 89 3.62 -19.00 -2.60
CA SER B 89 4.44 -20.22 -2.50
C SER B 89 5.68 -20.11 -3.42
N VAL B 90 6.73 -19.47 -2.88
CA VAL B 90 7.95 -19.20 -3.63
C VAL B 90 8.99 -20.33 -3.51
N ALA B 91 9.90 -20.37 -4.47
CA ALA B 91 11.08 -21.24 -4.47
C ALA B 91 11.81 -20.80 -5.71
N ILE B 92 13.10 -20.46 -5.61
CA ILE B 92 13.67 -19.60 -6.63
C ILE B 92 15.08 -19.93 -7.12
N CYS B 93 15.43 -19.30 -8.24
CA CYS B 93 16.77 -19.29 -8.82
C CYS B 93 16.84 -18.21 -9.92
N GLU B 94 17.88 -17.38 -9.88
CA GLU B 94 18.12 -16.35 -10.92
C GLU B 94 18.48 -17.05 -12.24
N VAL B 110 15.20 -27.07 -8.17
CA VAL B 110 15.32 -25.81 -7.43
C VAL B 110 15.90 -26.04 -6.04
N VAL B 111 16.61 -25.04 -5.54
CA VAL B 111 17.38 -25.15 -4.29
C VAL B 111 16.50 -25.26 -3.04
N ARG B 112 15.70 -24.21 -2.78
CA ARG B 112 14.93 -24.10 -1.54
C ARG B 112 13.44 -23.94 -1.85
N ILE B 113 12.60 -24.40 -0.93
CA ILE B 113 11.14 -24.35 -1.10
C ILE B 113 10.49 -23.75 0.16
N VAL B 114 9.76 -22.64 -0.01
CA VAL B 114 9.09 -21.99 1.13
C VAL B 114 7.63 -21.63 0.85
N THR B 115 6.77 -21.90 1.83
CA THR B 115 5.36 -21.54 1.73
C THR B 115 4.97 -20.61 2.88
N PRO B 116 3.86 -19.87 2.72
CA PRO B 116 3.38 -18.93 3.75
C PRO B 116 2.83 -19.54 5.04
N GLY B 117 2.46 -20.82 4.99
CA GLY B 117 1.91 -21.53 6.15
C GLY B 117 2.94 -22.39 6.87
N THR B 118 4.04 -22.71 6.19
CA THR B 118 5.10 -23.53 6.78
C THR B 118 6.43 -22.79 6.75
N ILE B 119 6.57 -21.78 7.62
CA ILE B 119 7.88 -21.12 7.82
C ILE B 119 8.25 -21.06 9.30
N SER B 120 9.53 -21.23 9.58
CA SER B 120 10.04 -21.14 10.95
C SER B 120 11.20 -20.15 11.12
N ASP B 121 11.73 -19.62 10.01
CA ASP B 121 12.85 -18.70 10.03
C ASP B 121 12.36 -17.37 10.63
N GLU B 122 12.99 -16.90 11.70
CA GLU B 122 12.46 -15.71 12.41
C GLU B 122 12.63 -14.42 11.60
N ALA B 123 13.30 -14.51 10.45
CA ALA B 123 13.32 -13.41 9.48
C ALA B 123 11.99 -13.33 8.74
N LEU B 124 11.49 -14.49 8.30
CA LEU B 124 10.32 -14.57 7.42
C LEU B 124 8.98 -14.59 8.16
N LEU B 125 9.02 -14.59 9.49
CA LEU B 125 7.81 -14.58 10.33
C LEU B 125 7.68 -13.24 11.05
N GLN B 126 6.44 -12.80 11.25
CA GLN B 126 6.20 -11.60 12.04
C GLN B 126 6.32 -11.97 13.51
N GLU B 127 7.23 -11.28 14.19
CA GLU B 127 7.60 -11.56 15.57
C GLU B 127 6.45 -11.89 16.52
N ARG B 128 5.43 -11.04 16.53
CA ARG B 128 4.45 -11.06 17.62
C ARG B 128 3.12 -11.75 17.32
N GLN B 129 3.00 -12.39 16.16
CA GLN B 129 1.71 -12.95 15.74
C GLN B 129 1.82 -14.37 15.18
N ASP B 130 0.81 -15.19 15.46
CA ASP B 130 0.74 -16.56 14.92
C ASP B 130 0.81 -16.57 13.40
N ASN B 131 1.18 -17.71 12.85
CA ASN B 131 1.25 -17.91 11.42
C ASN B 131 0.85 -19.35 11.07
N LEU B 132 -0.44 -19.55 10.79
CA LEU B 132 -0.99 -20.89 10.65
C LEU B 132 -1.10 -21.39 9.20
N LEU B 133 -0.95 -22.69 9.04
CA LEU B 133 -1.32 -23.41 7.82
C LEU B 133 -2.60 -24.16 8.14
N ALA B 134 -3.57 -24.10 7.25
CA ALA B 134 -4.89 -24.71 7.50
C ALA B 134 -5.44 -25.41 6.27
N ALA B 135 -6.37 -26.35 6.48
CA ALA B 135 -7.02 -27.09 5.38
C ALA B 135 -8.52 -27.22 5.59
N ILE B 136 -9.30 -26.94 4.55
CA ILE B 136 -10.77 -26.92 4.64
C ILE B 136 -11.40 -27.77 3.54
N TRP B 137 -12.58 -28.34 3.83
CA TRP B 137 -13.41 -29.01 2.82
C TRP B 137 -14.88 -29.13 3.25
N GLN B 138 -15.80 -29.04 2.27
CA GLN B 138 -17.24 -29.10 2.50
C GLN B 138 -17.80 -30.43 2.02
N ASP B 139 -17.85 -31.38 2.96
CA ASP B 139 -18.48 -32.67 2.78
C ASP B 139 -19.97 -32.49 2.45
N SER B 140 -20.56 -33.52 1.83
CA SER B 140 -22.00 -33.63 1.64
C SER B 140 -22.77 -33.14 2.89
N LYS B 141 -22.30 -33.57 4.06
CA LYS B 141 -22.94 -33.20 5.34
C LYS B 141 -22.40 -31.89 5.91
N GLY B 142 -21.13 -31.86 6.33
CA GLY B 142 -20.57 -30.68 7.03
C GLY B 142 -19.15 -30.29 6.65
N PHE B 143 -18.65 -29.22 7.28
CA PHE B 143 -17.32 -28.67 6.99
C PHE B 143 -16.25 -29.31 7.88
N GLY B 144 -15.11 -29.69 7.29
CA GLY B 144 -13.98 -30.24 8.07
C GLY B 144 -12.76 -29.32 7.98
N TYR B 145 -12.08 -29.07 9.11
CA TYR B 145 -11.10 -27.98 9.18
C TYR B 145 -9.96 -28.25 10.17
N ALA B 146 -8.73 -27.89 9.78
CA ALA B 146 -7.56 -28.12 10.62
C ALA B 146 -6.52 -27.00 10.50
N THR B 147 -5.85 -26.69 11.60
CA THR B 147 -4.92 -25.56 11.68
C THR B 147 -3.65 -25.93 12.44
N LEU B 148 -2.52 -25.89 11.74
CA LEU B 148 -1.21 -26.23 12.31
C LEU B 148 -0.35 -25.00 12.48
N ASP B 149 0.32 -24.90 13.63
CA ASP B 149 1.33 -23.86 13.86
C ASP B 149 2.71 -24.50 13.72
N ILE B 150 3.28 -24.40 12.53
CA ILE B 150 4.54 -25.05 12.21
C ILE B 150 5.67 -24.65 13.16
N SER B 151 5.45 -23.58 13.93
CA SER B 151 6.46 -23.02 14.83
C SER B 151 6.32 -23.50 16.27
N SER B 152 5.20 -24.15 16.61
CA SER B 152 4.99 -24.66 17.96
C SER B 152 4.56 -26.12 17.98
N GLY B 153 4.06 -26.63 16.87
CA GLY B 153 3.50 -27.96 16.81
C GLY B 153 2.10 -27.98 17.40
N ARG B 154 1.46 -26.81 17.38
CA ARG B 154 0.10 -26.66 17.90
C ARG B 154 -0.86 -27.04 16.79
N PHE B 155 -1.57 -28.14 16.97
CA PHE B 155 -2.38 -28.75 15.93
C PHE B 155 -3.84 -28.72 16.35
N ARG B 156 -4.69 -28.15 15.52
CA ARG B 156 -6.13 -28.06 15.82
C ARG B 156 -6.95 -28.75 14.73
N LEU B 157 -8.11 -29.26 15.12
CA LEU B 157 -8.98 -30.02 14.23
C LEU B 157 -10.40 -29.67 14.61
N SER B 158 -11.30 -29.58 13.63
CA SER B 158 -12.68 -29.19 13.94
C SER B 158 -13.68 -29.56 12.84
N GLU B 159 -14.94 -29.69 13.23
CA GLU B 159 -16.02 -30.02 12.31
C GLU B 159 -17.18 -29.04 12.48
N PRO B 160 -17.09 -27.87 11.84
CA PRO B 160 -18.22 -26.94 11.84
C PRO B 160 -19.45 -27.55 11.18
N ALA B 161 -20.63 -27.28 11.74
CA ALA B 161 -21.89 -27.85 11.26
C ALA B 161 -22.49 -26.96 10.17
N ASP B 162 -22.66 -25.69 10.51
CA ASP B 162 -23.29 -24.75 9.61
C ASP B 162 -22.24 -23.85 8.99
N ARG B 163 -22.66 -23.06 8.01
CA ARG B 163 -21.78 -22.12 7.31
C ARG B 163 -21.33 -21.01 8.27
N GLU B 164 -22.24 -20.57 9.12
CA GLU B 164 -21.93 -19.51 10.10
C GLU B 164 -20.83 -19.88 11.09
N THR B 165 -20.67 -21.17 11.39
CA THR B 165 -19.60 -21.66 12.27
C THR B 165 -18.27 -21.64 11.52
N MET B 166 -18.33 -22.00 10.24
CA MET B 166 -17.17 -22.04 9.36
C MET B 166 -16.68 -20.62 9.01
N ALA B 167 -17.56 -19.63 9.15
CA ALA B 167 -17.18 -18.23 9.12
C ALA B 167 -16.37 -17.86 10.36
N ALA B 168 -16.96 -18.15 11.53
CA ALA B 168 -16.37 -17.80 12.83
C ALA B 168 -14.99 -18.43 13.07
N GLU B 169 -14.75 -19.59 12.48
CA GLU B 169 -13.43 -20.22 12.57
C GLU B 169 -12.45 -19.45 11.71
N LEU B 170 -12.75 -19.36 10.41
CA LEU B 170 -11.89 -18.63 9.48
C LEU B 170 -11.57 -17.21 9.96
N GLN B 171 -12.51 -16.57 10.66
CA GLN B 171 -12.27 -15.27 11.29
C GLN B 171 -11.27 -15.38 12.43
N ARG B 172 -11.58 -16.22 13.43
CA ARG B 172 -10.68 -16.41 14.57
C ARG B 172 -9.28 -16.82 14.12
N THR B 173 -9.21 -17.91 13.36
CA THR B 173 -7.95 -18.59 13.06
C THR B 173 -7.05 -17.79 12.09
N ASN B 174 -7.61 -17.42 10.94
CA ASN B 174 -6.93 -16.57 9.95
C ASN B 174 -5.66 -17.18 9.33
N PRO B 175 -5.82 -18.15 8.42
CA PRO B 175 -4.64 -18.74 7.80
C PRO B 175 -3.86 -17.74 6.95
N ALA B 176 -2.54 -17.94 6.90
CA ALA B 176 -1.68 -17.26 5.93
C ALA B 176 -1.54 -18.13 4.68
N GLU B 177 -1.96 -19.39 4.79
CA GLU B 177 -1.95 -20.32 3.67
C GLU B 177 -3.08 -21.33 3.84
N LEU B 178 -4.17 -21.16 3.09
CA LEU B 178 -5.31 -22.08 3.13
C LEU B 178 -5.10 -23.22 2.12
N LEU B 179 -5.70 -24.38 2.38
CA LEU B 179 -5.75 -25.50 1.43
C LEU B 179 -7.19 -25.92 1.23
N TYR B 180 -7.63 -26.08 -0.02
CA TYR B 180 -9.05 -26.41 -0.30
C TYR B 180 -9.23 -27.37 -1.48
N ALA B 181 -10.42 -27.99 -1.55
CA ALA B 181 -10.72 -29.04 -2.53
C ALA B 181 -11.77 -28.61 -3.56
N GLU B 182 -11.94 -29.46 -4.58
CA GLU B 182 -12.89 -29.21 -5.68
C GLU B 182 -14.30 -29.40 -5.15
N ASP B 183 -14.50 -30.52 -4.46
CA ASP B 183 -15.76 -30.83 -3.76
C ASP B 183 -16.31 -29.61 -2.98
N PHE B 184 -15.42 -28.70 -2.58
CA PHE B 184 -15.84 -27.47 -1.88
C PHE B 184 -16.59 -26.50 -2.80
N ALA B 185 -17.87 -26.27 -2.50
CA ALA B 185 -18.74 -25.46 -3.33
C ALA B 185 -19.17 -24.14 -2.69
N GLU B 186 -18.88 -23.93 -1.40
CA GLU B 186 -19.24 -22.67 -0.74
C GLU B 186 -18.09 -21.67 -0.83
N MET B 187 -17.78 -21.25 -2.06
CA MET B 187 -16.62 -20.38 -2.32
C MET B 187 -16.76 -18.99 -1.69
N SER B 188 -17.98 -18.51 -1.52
CA SER B 188 -18.20 -17.20 -0.88
C SER B 188 -17.51 -17.08 0.49
N LEU B 189 -17.29 -18.21 1.16
CA LEU B 189 -16.58 -18.24 2.46
C LEU B 189 -15.08 -17.90 2.34
N ILE B 190 -14.41 -18.44 1.31
CA ILE B 190 -12.94 -18.36 1.19
C ILE B 190 -12.40 -17.78 -0.12
N GLU B 191 -13.27 -17.29 -1.00
CA GLU B 191 -12.84 -16.85 -2.35
C GLU B 191 -11.86 -15.68 -2.33
N GLY B 192 -12.13 -14.68 -1.48
CA GLY B 192 -11.29 -13.49 -1.36
C GLY B 192 -10.36 -13.58 -0.18
N ARG B 193 -9.57 -14.66 -0.15
CA ARG B 193 -8.71 -14.98 0.98
C ARG B 193 -7.23 -14.97 0.57
N ARG B 194 -6.37 -14.58 1.51
CA ARG B 194 -4.92 -14.58 1.30
C ARG B 194 -4.35 -16.00 1.29
N GLY B 195 -3.46 -16.26 0.33
CA GLY B 195 -2.75 -17.53 0.26
C GLY B 195 -3.65 -18.71 -0.01
N LEU B 196 -4.36 -18.69 -1.14
CA LEU B 196 -5.23 -19.79 -1.53
C LEU B 196 -4.42 -20.84 -2.31
N ARG B 197 -4.53 -22.10 -1.91
CA ARG B 197 -3.92 -23.22 -2.62
C ARG B 197 -5.00 -24.28 -2.85
N ARG B 198 -4.89 -25.02 -3.95
CA ARG B 198 -5.92 -26.00 -4.35
C ARG B 198 -5.38 -27.43 -4.33
N ARG B 199 -6.14 -28.35 -3.75
CA ARG B 199 -5.69 -29.72 -3.50
C ARG B 199 -6.66 -30.80 -4.01
N PRO B 200 -6.12 -31.93 -4.49
CA PRO B 200 -6.87 -33.06 -5.07
C PRO B 200 -7.86 -33.82 -4.16
N LEU B 201 -8.37 -34.94 -4.67
CA LEU B 201 -9.16 -35.90 -3.90
C LEU B 201 -8.27 -36.70 -2.97
N TRP B 202 -7.22 -37.34 -3.51
CA TRP B 202 -6.38 -38.27 -2.73
C TRP B 202 -5.88 -37.66 -1.42
N GLU B 203 -5.52 -36.38 -1.45
CA GLU B 203 -4.89 -35.72 -0.30
C GLU B 203 -5.79 -35.75 0.93
N PHE B 204 -7.04 -35.28 0.77
CA PHE B 204 -8.06 -35.47 1.80
C PHE B 204 -8.37 -36.97 1.87
N GLU B 205 -7.67 -37.69 2.75
CA GLU B 205 -7.93 -39.12 2.92
C GLU B 205 -8.16 -39.42 4.39
N ILE B 206 -8.92 -40.49 4.66
CA ILE B 206 -9.30 -40.86 6.03
C ILE B 206 -8.40 -41.98 6.60
N ASP B 207 -7.93 -42.88 5.74
CA ASP B 207 -7.20 -44.08 6.18
C ASP B 207 -5.70 -43.86 6.31
N THR B 208 -5.08 -43.36 5.23
CA THR B 208 -3.66 -42.99 5.27
C THR B 208 -3.48 -41.92 6.33
N ALA B 209 -4.43 -40.99 6.39
CA ALA B 209 -4.49 -39.96 7.44
C ALA B 209 -4.21 -40.55 8.82
N ARG B 210 -5.08 -41.44 9.29
CA ARG B 210 -4.95 -42.07 10.61
C ARG B 210 -3.55 -42.64 10.82
N GLN B 211 -3.15 -43.51 9.90
CA GLN B 211 -1.83 -44.15 9.97
C GLN B 211 -0.72 -43.11 10.00
N GLN B 212 -0.83 -42.10 9.15
CA GLN B 212 0.19 -41.06 9.03
C GLN B 212 0.18 -40.15 10.27
N LEU B 213 -1.03 -39.87 10.77
CA LEU B 213 -1.19 -39.14 12.02
C LEU B 213 -0.59 -39.96 13.16
N ASN B 214 -1.15 -41.14 13.40
CA ASN B 214 -0.71 -42.02 14.49
C ASN B 214 0.79 -42.32 14.47
N LEU B 215 1.36 -42.36 13.25
CA LEU B 215 2.80 -42.49 13.07
C LEU B 215 3.53 -41.24 13.60
N GLN B 216 3.04 -40.05 13.20
CA GLN B 216 3.61 -38.78 13.64
C GLN B 216 3.60 -38.65 15.17
N PHE B 217 2.44 -38.91 15.76
CA PHE B 217 2.24 -38.68 17.17
C PHE B 217 2.87 -39.75 18.05
N GLY B 218 2.23 -40.93 18.14
CA GLY B 218 2.71 -41.96 19.06
C GLY B 218 2.08 -43.34 18.91
N THR B 219 0.88 -43.50 19.47
CA THR B 219 0.25 -44.83 19.55
C THR B 219 -0.46 -45.22 18.24
N ARG B 220 -1.22 -46.32 18.30
CA ARG B 220 -1.86 -46.94 17.13
C ARG B 220 -3.35 -46.52 16.98
N ASP B 221 -3.76 -45.54 17.77
CA ASP B 221 -5.13 -44.98 17.75
C ASP B 221 -5.10 -43.52 18.20
N LEU B 222 -6.10 -42.74 17.81
CA LEU B 222 -6.20 -41.31 18.15
C LEU B 222 -7.30 -40.99 19.16
N VAL B 223 -7.72 -41.97 19.96
CA VAL B 223 -8.75 -41.74 20.97
C VAL B 223 -8.16 -41.02 22.17
N GLY B 224 -6.84 -41.12 22.34
CA GLY B 224 -6.12 -40.38 23.37
C GLY B 224 -6.19 -38.88 23.17
N PHE B 225 -6.15 -38.46 21.90
CA PHE B 225 -6.30 -37.05 21.53
C PHE B 225 -7.77 -36.65 21.50
N GLY B 226 -8.66 -37.63 21.33
CA GLY B 226 -10.10 -37.43 21.37
C GLY B 226 -10.70 -37.04 20.03
N VAL B 227 -10.00 -37.42 18.96
CA VAL B 227 -10.31 -36.96 17.62
C VAL B 227 -10.67 -38.14 16.70
N GLU B 228 -11.06 -39.26 17.31
CA GLU B 228 -11.10 -40.55 16.61
C GLU B 228 -12.35 -40.73 15.75
N ASN B 229 -13.51 -40.45 16.31
CA ASN B 229 -14.80 -40.66 15.62
C ASN B 229 -15.35 -39.40 14.93
N ALA B 230 -14.45 -38.50 14.52
CA ALA B 230 -14.80 -37.29 13.79
C ALA B 230 -13.99 -37.23 12.48
N PRO B 231 -14.54 -37.78 11.39
CA PRO B 231 -13.80 -38.00 10.14
C PRO B 231 -13.49 -36.72 9.37
N ARG B 232 -14.48 -35.86 9.21
CA ARG B 232 -14.35 -34.64 8.41
C ARG B 232 -13.12 -33.83 8.84
N GLY B 233 -12.86 -33.79 10.14
CA GLY B 233 -11.68 -33.12 10.68
C GLY B 233 -10.38 -33.88 10.44
N LEU B 234 -10.46 -35.21 10.52
CA LEU B 234 -9.29 -36.05 10.28
C LEU B 234 -8.81 -35.92 8.84
N CYS B 235 -9.74 -35.74 7.92
CA CYS B 235 -9.41 -35.54 6.51
C CYS B 235 -8.59 -34.28 6.32
N ALA B 236 -9.10 -33.16 6.82
CA ALA B 236 -8.37 -31.89 6.82
C ALA B 236 -6.96 -32.13 7.33
N ALA B 237 -6.87 -32.58 8.58
CA ALA B 237 -5.58 -32.91 9.21
C ALA B 237 -4.69 -33.74 8.30
N GLY B 238 -5.27 -34.79 7.70
CA GLY B 238 -4.54 -35.68 6.79
C GLY B 238 -3.88 -34.95 5.63
N CYS B 239 -4.63 -34.05 5.00
CA CYS B 239 -4.09 -33.22 3.92
C CYS B 239 -3.01 -32.28 4.45
N LEU B 240 -3.27 -31.70 5.61
CA LEU B 240 -2.42 -30.65 6.18
C LEU B 240 -1.03 -31.19 6.52
N LEU B 241 -0.97 -32.25 7.31
CA LEU B 241 0.30 -32.84 7.73
C LEU B 241 1.12 -33.27 6.52
N GLN B 242 0.46 -33.88 5.54
CA GLN B 242 1.15 -34.42 4.38
C GLN B 242 1.66 -33.32 3.45
N TYR B 243 0.95 -32.20 3.40
CA TYR B 243 1.43 -31.00 2.74
C TYR B 243 2.60 -30.36 3.50
N ALA B 244 2.58 -30.42 4.83
CA ALA B 244 3.56 -29.72 5.67
C ALA B 244 4.90 -30.44 5.75
N LYS B 245 4.88 -31.77 5.79
CA LYS B 245 6.12 -32.57 5.76
C LYS B 245 6.80 -32.47 4.40
N ASP B 246 6.00 -32.32 3.35
CA ASP B 246 6.48 -32.22 1.98
C ASP B 246 7.33 -30.97 1.78
N THR B 247 6.80 -29.81 2.20
CA THR B 247 7.53 -28.54 2.09
C THR B 247 8.81 -28.59 2.91
N GLN B 248 8.76 -29.29 4.04
CA GLN B 248 9.88 -29.39 4.95
C GLN B 248 11.01 -30.32 4.47
N ARG B 249 10.63 -31.44 3.87
CA ARG B 249 11.59 -32.52 3.56
C ARG B 249 12.45 -32.84 4.79
N THR B 250 11.77 -32.99 5.92
CA THR B 250 12.38 -33.48 7.16
C THR B 250 11.26 -33.86 8.15
N THR B 251 11.59 -34.71 9.11
CA THR B 251 10.59 -35.15 10.09
C THR B 251 10.22 -33.98 11.00
N LEU B 252 9.08 -34.11 11.67
CA LEU B 252 8.56 -33.03 12.50
C LEU B 252 8.22 -33.57 13.90
N PRO B 253 9.26 -33.70 14.75
CA PRO B 253 9.09 -34.31 16.07
C PRO B 253 8.28 -33.44 17.04
N HIS B 254 8.39 -32.12 16.88
CA HIS B 254 7.66 -31.18 17.71
C HIS B 254 6.13 -31.30 17.57
N ILE B 255 5.65 -31.67 16.39
CA ILE B 255 4.22 -31.92 16.18
C ILE B 255 3.88 -33.27 16.82
N ARG B 256 3.59 -33.24 18.12
CA ARG B 256 3.43 -34.46 18.90
C ARG B 256 2.00 -34.73 19.35
N SER B 257 1.09 -33.78 19.14
CA SER B 257 -0.30 -33.96 19.57
C SER B 257 -1.29 -33.18 18.70
N ILE B 258 -2.58 -33.42 18.97
CA ILE B 258 -3.67 -32.76 18.25
C ILE B 258 -4.95 -32.75 19.10
N THR B 259 -5.67 -31.63 19.09
CA THR B 259 -6.90 -31.53 19.86
C THR B 259 -8.02 -30.92 19.04
N MET B 260 -9.24 -31.08 19.54
CA MET B 260 -10.43 -30.61 18.87
C MET B 260 -11.22 -29.78 19.87
N GLU B 261 -11.36 -28.49 19.58
CA GLU B 261 -12.15 -27.60 20.43
C GLU B 261 -13.62 -27.99 20.28
N ARG B 262 -14.31 -28.05 21.41
CA ARG B 262 -15.74 -28.35 21.40
C ARG B 262 -16.49 -27.05 21.70
N GLU B 263 -17.16 -26.55 20.67
CA GLU B 263 -17.89 -25.27 20.68
C GLU B 263 -18.52 -24.99 22.04
N GLN B 264 -19.37 -25.93 22.47
CA GLN B 264 -20.08 -25.86 23.76
C GLN B 264 -19.25 -25.34 24.94
N ASP B 265 -17.91 -25.45 24.86
CA ASP B 265 -17.05 -24.93 25.93
C ASP B 265 -16.85 -23.42 25.82
N SER B 266 -16.21 -22.99 24.74
CA SER B 266 -15.87 -21.58 24.54
C SER B 266 -17.11 -20.70 24.35
N ILE B 267 -16.98 -19.39 24.62
CA ILE B 267 -18.02 -18.40 24.31
C ILE B 267 -18.01 -18.14 22.82
N ILE B 268 -19.18 -18.28 22.19
CA ILE B 268 -19.27 -18.36 20.75
C ILE B 268 -19.44 -16.95 20.18
N MET B 269 -18.51 -16.57 19.28
CA MET B 269 -18.52 -15.26 18.63
C MET B 269 -18.33 -15.45 17.14
N ASP B 270 -19.27 -14.93 16.35
CA ASP B 270 -19.20 -14.98 14.89
C ASP B 270 -18.28 -13.90 14.35
N ALA B 271 -18.01 -13.95 13.05
CA ALA B 271 -17.04 -13.05 12.43
C ALA B 271 -17.41 -11.59 12.63
N ALA B 272 -18.64 -11.24 12.23
CA ALA B 272 -19.15 -9.88 12.38
C ALA B 272 -19.05 -9.39 13.82
N THR B 273 -19.29 -10.30 14.77
CA THR B 273 -19.13 -9.98 16.17
C THR B 273 -17.65 -9.84 16.52
N ARG B 274 -16.85 -10.73 15.96
CA ARG B 274 -15.43 -10.78 16.27
C ARG B 274 -14.67 -9.56 15.71
N ARG B 275 -15.14 -9.06 14.57
CA ARG B 275 -14.60 -7.84 13.95
C ARG B 275 -15.05 -6.59 14.68
N ASN B 276 -16.36 -6.48 14.90
CA ASN B 276 -16.96 -5.28 15.49
C ASN B 276 -16.39 -4.92 16.87
N LEU B 277 -16.03 -5.94 17.64
CA LEU B 277 -15.37 -5.70 18.93
C LEU B 277 -13.91 -5.27 18.77
N GLU B 278 -13.33 -5.50 17.59
CA GLU B 278 -11.91 -5.24 17.34
C GLU B 278 -11.05 -5.85 18.45
N ILE B 279 -10.89 -7.18 18.42
CA ILE B 279 -10.19 -7.91 19.49
C ILE B 279 -8.69 -7.93 19.24
N THR B 280 -8.29 -8.53 18.13
CA THR B 280 -6.89 -8.54 17.69
C THR B 280 -6.66 -7.58 16.52
N GLN B 281 -7.72 -7.32 15.75
CA GLN B 281 -7.62 -6.51 14.54
C GLN B 281 -8.71 -5.43 14.51
N ASN B 282 -8.30 -4.19 14.27
CA ASN B 282 -9.24 -3.09 14.02
C ASN B 282 -9.91 -3.24 12.64
N LEU B 283 -10.88 -2.36 12.35
CA LEU B 283 -11.70 -2.46 11.14
C LEU B 283 -10.88 -2.21 9.86
N ALA B 284 -9.88 -1.33 9.96
CA ALA B 284 -9.05 -0.99 8.82
C ALA B 284 -8.10 -2.15 8.44
N GLY B 285 -7.51 -2.79 9.43
CA GLY B 285 -6.60 -3.90 9.15
C GLY B 285 -5.51 -4.15 10.17
N GLY B 286 -5.17 -3.15 10.97
CA GLY B 286 -4.04 -3.26 11.90
C GLY B 286 -4.42 -3.80 13.27
N ALA B 287 -3.40 -4.05 14.10
CA ALA B 287 -3.59 -4.33 15.52
C ALA B 287 -3.42 -3.03 16.32
N GLU B 288 -3.45 -1.90 15.63
CA GLU B 288 -3.50 -0.58 16.25
C GLU B 288 -4.87 -0.43 16.89
N ASN B 289 -4.96 0.45 17.89
CA ASN B 289 -6.26 0.92 18.39
C ASN B 289 -7.24 -0.22 18.66
N THR B 290 -6.73 -1.30 19.27
CA THR B 290 -7.50 -2.52 19.48
C THR B 290 -7.32 -3.03 20.90
N LEU B 291 -8.15 -4.00 21.29
CA LEU B 291 -8.15 -4.53 22.66
C LEU B 291 -6.83 -5.22 22.99
N ALA B 292 -6.28 -5.93 22.03
CA ALA B 292 -4.96 -6.53 22.19
C ALA B 292 -3.96 -5.44 22.51
N SER B 293 -3.89 -4.43 21.64
CA SER B 293 -2.92 -3.34 21.79
C SER B 293 -2.89 -2.78 23.22
N VAL B 294 -4.05 -2.65 23.84
CA VAL B 294 -4.13 -2.12 25.21
C VAL B 294 -3.78 -3.17 26.27
N LEU B 295 -4.06 -4.45 25.99
CA LEU B 295 -3.80 -5.51 26.98
C LEU B 295 -2.43 -6.19 26.81
N ASP B 296 -1.93 -6.27 25.58
CA ASP B 296 -0.68 -6.97 25.30
C ASP B 296 0.53 -6.15 25.72
N CYS B 297 0.91 -6.29 26.98
CA CYS B 297 2.16 -5.73 27.49
C CYS B 297 3.07 -6.88 27.90
N THR B 298 3.01 -7.95 27.14
CA THR B 298 3.81 -9.15 27.39
C THR B 298 5.27 -8.93 27.00
N VAL B 299 6.16 -9.68 27.65
CA VAL B 299 7.60 -9.50 27.52
C VAL B 299 8.31 -10.57 26.67
N THR B 300 7.56 -11.53 26.14
CA THR B 300 8.08 -12.52 25.19
C THR B 300 7.12 -12.62 24.01
N PRO B 301 7.64 -12.87 22.80
CA PRO B 301 6.73 -12.97 21.66
C PRO B 301 5.74 -14.13 21.80
N MET B 302 6.23 -15.28 22.24
CA MET B 302 5.37 -16.44 22.48
C MET B 302 4.20 -16.12 23.41
N GLY B 303 4.45 -15.23 24.38
CA GLY B 303 3.39 -14.74 25.26
C GLY B 303 2.40 -13.84 24.55
N SER B 304 2.92 -12.96 23.69
CA SER B 304 2.05 -12.10 22.90
C SER B 304 1.08 -12.97 22.12
N ARG B 305 1.63 -13.94 21.39
CA ARG B 305 0.81 -14.86 20.61
C ARG B 305 -0.26 -15.51 21.49
N MET B 306 0.17 -16.08 22.60
CA MET B 306 -0.73 -16.80 23.50
C MET B 306 -1.85 -15.89 23.98
N LEU B 307 -1.52 -14.66 24.36
CA LEU B 307 -2.52 -13.73 24.84
C LEU B 307 -3.62 -13.51 23.80
N LYS B 308 -3.23 -13.39 22.54
CA LYS B 308 -4.20 -13.18 21.47
C LYS B 308 -5.08 -14.40 21.25
N ARG B 309 -4.47 -15.59 21.20
CA ARG B 309 -5.26 -16.83 21.07
C ARG B 309 -6.26 -16.96 22.21
N TRP B 310 -5.87 -16.48 23.38
CA TRP B 310 -6.74 -16.48 24.55
C TRP B 310 -7.92 -15.53 24.38
N LEU B 311 -7.65 -14.32 23.88
CA LEU B 311 -8.71 -13.32 23.75
C LEU B 311 -9.84 -13.80 22.84
N HIS B 312 -9.49 -14.55 21.80
CA HIS B 312 -10.47 -15.10 20.87
C HIS B 312 -11.13 -16.40 21.38
N MET B 313 -10.74 -16.86 22.56
CA MET B 313 -11.23 -18.15 23.05
C MET B 313 -11.63 -18.06 24.53
N PRO B 314 -12.53 -17.12 24.87
CA PRO B 314 -13.02 -17.06 26.24
C PRO B 314 -13.82 -18.32 26.53
N VAL B 315 -13.81 -18.76 27.79
CA VAL B 315 -14.24 -20.11 28.16
C VAL B 315 -15.29 -20.10 29.27
N ARG B 316 -16.11 -21.15 29.34
CA ARG B 316 -17.23 -21.21 30.30
C ARG B 316 -16.97 -21.99 31.58
N ASP B 317 -15.90 -22.78 31.62
CA ASP B 317 -15.53 -23.50 32.85
C ASP B 317 -15.05 -22.49 33.89
N THR B 318 -16.00 -21.96 34.66
CA THR B 318 -15.73 -20.88 35.61
C THR B 318 -14.66 -21.26 36.64
N ARG B 319 -14.37 -22.55 36.76
CA ARG B 319 -13.31 -23.04 37.66
C ARG B 319 -11.94 -22.74 37.04
N VAL B 320 -11.78 -23.04 35.75
CA VAL B 320 -10.54 -22.74 35.02
C VAL B 320 -10.23 -21.24 35.08
N LEU B 321 -11.29 -20.42 35.14
CA LEU B 321 -11.15 -18.97 35.26
C LEU B 321 -10.74 -18.57 36.66
N LEU B 322 -11.51 -18.99 37.66
CA LEU B 322 -11.23 -18.68 39.07
C LEU B 322 -9.76 -18.94 39.40
N GLU B 323 -9.22 -20.03 38.86
CA GLU B 323 -7.79 -20.35 38.96
C GLU B 323 -6.93 -19.19 38.44
N ARG B 324 -7.26 -18.70 37.24
CA ARG B 324 -6.54 -17.58 36.63
C ARG B 324 -6.70 -16.28 37.40
N GLN B 325 -7.83 -16.12 38.08
CA GLN B 325 -8.08 -14.91 38.86
C GLN B 325 -7.25 -14.89 40.14
N GLN B 326 -7.16 -16.02 40.82
CA GLN B 326 -6.32 -16.14 42.03
C GLN B 326 -4.84 -16.11 41.70
N THR B 327 -4.52 -16.46 40.46
CA THR B 327 -3.14 -16.39 39.99
C THR B 327 -2.75 -14.92 39.81
N ILE B 328 -3.53 -14.20 38.99
CA ILE B 328 -3.32 -12.77 38.76
C ILE B 328 -3.25 -12.01 40.08
N GLY B 329 -4.04 -12.44 41.05
CA GLY B 329 -3.99 -11.88 42.40
C GLY B 329 -2.62 -12.05 43.05
N ALA B 330 -2.19 -13.30 43.22
CA ALA B 330 -0.94 -13.60 43.92
C ALA B 330 0.27 -12.95 43.26
N LEU B 331 0.26 -12.90 41.94
CA LEU B 331 1.39 -12.40 41.16
C LEU B 331 1.45 -10.87 41.07
N GLN B 332 0.45 -10.18 41.60
CA GLN B 332 0.31 -8.74 41.35
C GLN B 332 1.45 -7.91 41.95
N ASP B 333 2.12 -8.45 42.96
CA ASP B 333 3.19 -7.73 43.68
C ASP B 333 4.57 -7.94 43.03
N PHE B 334 4.79 -9.16 42.52
CA PHE B 334 6.08 -9.55 41.94
C PHE B 334 6.27 -9.05 40.50
N THR B 335 5.22 -8.49 39.90
CA THR B 335 5.31 -7.80 38.60
C THR B 335 6.58 -6.99 38.37
N ALA B 336 7.02 -6.30 39.41
CA ALA B 336 8.18 -5.42 39.33
C ALA B 336 9.43 -6.10 38.76
N GLY B 337 9.89 -7.15 39.42
CA GLY B 337 11.13 -7.83 39.06
C GLY B 337 10.95 -9.25 38.60
N LEU B 338 9.74 -9.60 38.17
CA LEU B 338 9.46 -10.91 37.57
C LEU B 338 9.54 -10.79 36.05
N GLN B 339 9.33 -9.58 35.54
CA GLN B 339 9.30 -9.31 34.09
C GLN B 339 10.68 -9.09 33.43
N PRO B 340 11.60 -8.36 34.10
CA PRO B 340 12.88 -8.12 33.43
C PRO B 340 13.70 -9.40 33.26
N VAL B 341 13.44 -10.38 34.12
CA VAL B 341 13.94 -11.75 33.96
C VAL B 341 13.21 -12.48 32.82
N LEU B 342 11.89 -12.45 32.83
CA LEU B 342 11.08 -13.09 31.78
C LEU B 342 11.29 -12.49 30.39
N ARG B 343 11.61 -11.20 30.31
CA ARG B 343 11.92 -10.61 29.02
C ARG B 343 13.08 -11.37 28.36
N GLN B 344 14.00 -11.87 29.20
CA GLN B 344 15.18 -12.59 28.72
C GLN B 344 14.95 -14.06 28.33
N VAL B 345 13.74 -14.59 28.51
CA VAL B 345 13.42 -15.93 28.03
C VAL B 345 13.23 -15.95 26.51
N GLY B 346 12.79 -14.82 25.95
CA GLY B 346 12.69 -14.66 24.50
C GLY B 346 11.66 -15.58 23.86
N ASP B 347 11.80 -15.78 22.55
CA ASP B 347 10.86 -16.60 21.78
C ASP B 347 11.31 -18.05 21.75
N LEU B 348 11.39 -18.64 22.94
CA LEU B 348 11.85 -20.02 23.12
C LEU B 348 11.00 -21.02 22.34
N GLU B 349 9.68 -20.80 22.36
CA GLU B 349 8.72 -21.63 21.63
C GLU B 349 9.12 -21.78 20.15
N ARG B 350 9.61 -20.70 19.53
CA ARG B 350 10.01 -20.75 18.11
C ARG B 350 11.42 -21.26 17.90
N ILE B 351 12.31 -20.96 18.85
CA ILE B 351 13.67 -21.49 18.83
C ILE B 351 13.58 -23.01 18.87
N LEU B 352 12.77 -23.53 19.78
CA LEU B 352 12.54 -24.97 19.89
C LEU B 352 12.02 -25.60 18.59
N ALA B 353 11.18 -24.88 17.86
CA ALA B 353 10.71 -25.39 16.56
C ALA B 353 11.83 -25.46 15.54
N ARG B 354 12.77 -24.50 15.58
CA ARG B 354 13.93 -24.53 14.69
C ARG B 354 14.92 -25.64 15.09
N LEU B 355 14.91 -26.00 16.37
CA LEU B 355 15.64 -27.17 16.88
C LEU B 355 15.02 -28.48 16.36
N ALA B 356 13.70 -28.61 16.42
CA ALA B 356 13.02 -29.79 15.90
C ALA B 356 13.31 -29.96 14.41
N LEU B 357 13.20 -28.86 13.66
CA LEU B 357 13.40 -28.88 12.21
C LEU B 357 14.90 -28.91 11.83
N ARG B 358 15.76 -28.89 12.86
CA ARG B 358 17.23 -28.95 12.71
C ARG B 358 17.81 -27.82 11.87
N THR B 359 17.21 -26.63 11.99
CA THR B 359 17.64 -25.46 11.25
C THR B 359 18.08 -24.33 12.18
N ALA B 360 18.12 -24.63 13.48
CA ALA B 360 18.45 -23.64 14.51
C ALA B 360 19.90 -23.17 14.40
N ARG B 361 20.08 -21.87 14.19
CA ARG B 361 21.40 -21.29 13.95
C ARG B 361 22.12 -21.05 15.28
N PRO B 362 23.45 -20.77 15.24
CA PRO B 362 24.19 -20.57 16.48
C PRO B 362 23.45 -19.66 17.48
N ARG B 363 23.05 -18.50 17.00
CA ARG B 363 22.39 -17.51 17.85
C ARG B 363 21.03 -17.97 18.35
N ASP B 364 20.46 -19.00 17.73
CA ASP B 364 19.26 -19.67 18.26
C ASP B 364 19.61 -20.46 19.51
N LEU B 365 20.72 -21.19 19.47
CA LEU B 365 21.15 -22.00 20.61
C LEU B 365 21.71 -21.12 21.73
N ALA B 366 22.40 -20.05 21.35
CA ALA B 366 22.94 -19.08 22.30
C ALA B 366 21.81 -18.49 23.14
N ARG B 367 20.75 -18.09 22.45
CA ARG B 367 19.58 -17.51 23.11
C ARG B 367 18.74 -18.56 23.84
N MET B 368 18.77 -19.79 23.38
CA MET B 368 18.14 -20.90 24.11
C MET B 368 18.84 -21.07 25.45
N ARG B 369 20.17 -21.05 25.44
CA ARG B 369 20.97 -21.12 26.65
C ARG B 369 20.67 -19.95 27.58
N HIS B 370 20.60 -18.76 27.01
CA HIS B 370 20.35 -17.55 27.79
C HIS B 370 19.07 -17.69 28.60
N ALA B 371 18.06 -18.32 28.00
CA ALA B 371 16.80 -18.63 28.67
C ALA B 371 17.02 -19.55 29.86
N PHE B 372 17.84 -20.58 29.67
CA PHE B 372 18.10 -21.54 30.75
C PHE B 372 18.70 -20.88 31.99
N GLN B 373 19.45 -19.79 31.79
CA GLN B 373 19.98 -19.00 32.91
C GLN B 373 18.86 -18.38 33.76
N GLN B 374 17.70 -18.12 33.15
CA GLN B 374 16.62 -17.40 33.82
C GLN B 374 15.72 -18.29 34.66
N LEU B 375 15.91 -19.60 34.59
CA LEU B 375 15.00 -20.53 35.26
C LEU B 375 15.15 -20.58 36.79
N PRO B 376 16.39 -20.71 37.31
CA PRO B 376 16.54 -20.77 38.77
C PRO B 376 16.10 -19.46 39.41
N GLU B 377 16.33 -18.35 38.72
CA GLU B 377 15.89 -17.05 39.19
C GLU B 377 14.37 -16.97 39.24
N LEU B 378 13.71 -17.36 38.14
CA LEU B 378 12.26 -17.46 38.10
C LEU B 378 11.75 -18.48 39.12
N ARG B 379 12.43 -19.62 39.24
CA ARG B 379 12.10 -20.61 40.26
C ARG B 379 12.13 -19.95 41.62
N ALA B 380 13.23 -19.26 41.92
CA ALA B 380 13.38 -18.64 43.23
C ALA B 380 12.30 -17.58 43.49
N GLN B 381 11.94 -16.82 42.47
CA GLN B 381 10.91 -15.80 42.63
C GLN B 381 9.51 -16.40 42.80
N LEU B 382 9.21 -17.44 42.03
CA LEU B 382 7.89 -18.10 42.09
C LEU B 382 7.76 -19.06 43.26
N GLU B 383 8.84 -19.27 44.01
CA GLU B 383 8.79 -20.06 45.24
C GLU B 383 7.95 -19.32 46.29
N THR B 384 8.24 -18.03 46.45
CA THR B 384 7.50 -17.12 47.35
C THR B 384 5.98 -17.18 47.13
N VAL B 385 5.58 -17.10 45.85
CA VAL B 385 4.19 -17.00 45.45
C VAL B 385 3.32 -18.12 46.03
N ASP B 386 2.48 -17.74 46.98
CA ASP B 386 1.53 -18.64 47.62
C ASP B 386 0.32 -18.82 46.70
N SER B 387 0.47 -19.69 45.70
CA SER B 387 -0.65 -19.99 44.80
C SER B 387 -0.48 -21.36 44.11
N ALA B 388 -1.35 -22.30 44.47
CA ALA B 388 -1.29 -23.68 43.98
C ALA B 388 -1.09 -23.79 42.47
N PRO B 389 -1.87 -23.05 41.67
CA PRO B 389 -1.67 -23.10 40.23
C PRO B 389 -0.39 -22.40 39.74
N VAL B 390 0.09 -21.38 40.44
CA VAL B 390 1.35 -20.71 40.10
C VAL B 390 2.53 -21.65 40.30
N GLN B 391 2.43 -22.49 41.32
CA GLN B 391 3.46 -23.47 41.62
C GLN B 391 3.48 -24.59 40.59
N ALA B 392 2.30 -25.02 40.11
CA ALA B 392 2.23 -25.97 39.00
C ALA B 392 3.04 -25.46 37.81
N LEU B 393 2.92 -24.17 37.52
CA LEU B 393 3.66 -23.52 36.44
C LEU B 393 5.15 -23.36 36.75
N ARG B 394 5.51 -23.37 38.02
CA ARG B 394 6.90 -23.28 38.45
C ARG B 394 7.63 -24.59 38.18
N GLU B 395 6.99 -25.69 38.58
CA GLU B 395 7.44 -27.04 38.28
C GLU B 395 7.57 -27.28 36.78
N LYS B 396 6.46 -27.02 36.08
CA LYS B 396 6.39 -27.17 34.62
C LYS B 396 7.43 -26.32 33.86
N MET B 397 7.89 -25.22 34.48
CA MET B 397 8.94 -24.40 33.88
C MET B 397 10.28 -25.11 33.85
N GLY B 398 10.50 -26.01 34.81
CA GLY B 398 11.73 -26.81 34.89
C GLY B 398 12.98 -25.99 35.09
N GLU B 399 14.12 -26.67 35.20
CA GLU B 399 15.43 -26.01 35.26
C GLU B 399 16.29 -26.37 34.06
N PHE B 400 16.34 -27.66 33.71
CA PHE B 400 17.21 -28.17 32.66
C PHE B 400 18.66 -27.69 32.87
N ALA B 401 19.19 -27.85 34.07
CA ALA B 401 20.47 -27.24 34.45
C ALA B 401 21.66 -27.90 33.74
N GLU B 402 21.55 -29.20 33.51
CA GLU B 402 22.58 -29.97 32.77
C GLU B 402 22.79 -29.47 31.34
N LEU B 403 21.70 -29.15 30.65
CA LEU B 403 21.77 -28.60 29.30
C LEU B 403 22.30 -27.18 29.34
N ARG B 404 21.92 -26.41 30.35
CA ARG B 404 22.46 -25.07 30.53
C ARG B 404 23.98 -25.12 30.52
N ASP B 405 24.52 -26.08 31.27
CA ASP B 405 25.96 -26.29 31.33
C ASP B 405 26.54 -26.78 30.00
N LEU B 406 25.89 -27.76 29.37
CA LEU B 406 26.34 -28.26 28.06
C LEU B 406 26.56 -27.11 27.06
N LEU B 407 25.55 -26.25 26.92
CA LEU B 407 25.60 -25.15 25.94
C LEU B 407 26.58 -24.04 26.30
N GLU B 408 26.75 -23.77 27.60
CA GLU B 408 27.74 -22.77 28.08
C GLU B 408 29.15 -23.21 27.72
N ARG B 409 29.42 -24.49 27.93
CA ARG B 409 30.70 -25.11 27.59
C ARG B 409 30.85 -25.30 26.07
N ALA B 410 29.76 -25.66 25.40
CA ALA B 410 29.81 -26.04 23.99
C ALA B 410 29.84 -24.87 23.00
N ILE B 411 29.44 -23.67 23.42
CA ILE B 411 29.32 -22.53 22.50
C ILE B 411 29.79 -21.22 23.14
N ILE B 412 30.47 -20.36 22.36
CA ILE B 412 31.13 -19.15 22.91
C ILE B 412 30.15 -18.03 23.28
N ASP B 413 30.68 -16.93 23.82
CA ASP B 413 29.90 -15.72 24.18
C ASP B 413 28.76 -15.47 23.17
N THR B 414 29.11 -14.78 22.08
CA THR B 414 28.18 -14.45 21.02
C THR B 414 28.70 -15.04 19.72
N PRO B 415 28.18 -16.20 19.31
CA PRO B 415 28.59 -16.82 18.05
C PRO B 415 28.09 -16.06 16.82
N PRO B 416 28.62 -16.41 15.63
CA PRO B 416 28.19 -15.78 14.39
C PRO B 416 26.77 -16.16 13.97
N VAL B 417 26.25 -15.46 12.95
CA VAL B 417 24.90 -15.71 12.43
C VAL B 417 24.75 -17.17 11.96
N LEU B 418 25.76 -17.68 11.28
CA LEU B 418 25.73 -19.02 10.68
C LEU B 418 26.91 -19.89 11.15
N VAL B 419 26.77 -21.20 11.00
CA VAL B 419 27.88 -22.14 11.28
C VAL B 419 28.92 -22.18 10.16
N ARG B 420 28.47 -22.02 8.91
CA ARG B 420 29.29 -22.23 7.70
C ARG B 420 30.79 -22.00 7.88
N ASP B 421 31.15 -20.85 8.45
CA ASP B 421 32.55 -20.43 8.52
C ASP B 421 33.13 -20.55 9.95
N GLY B 422 32.84 -21.70 10.57
CA GLY B 422 33.37 -22.03 11.90
C GLY B 422 33.11 -20.98 12.97
N GLY B 423 34.00 -20.92 13.96
CA GLY B 423 33.94 -19.88 14.98
C GLY B 423 32.79 -19.97 15.96
N VAL B 424 32.15 -21.14 16.06
CA VAL B 424 30.98 -21.31 16.93
C VAL B 424 31.29 -22.10 18.19
N ILE B 425 31.95 -23.25 18.04
CA ILE B 425 32.17 -24.15 19.16
C ILE B 425 33.32 -23.64 20.04
N ALA B 426 33.03 -23.43 21.32
CA ALA B 426 33.97 -22.78 22.24
C ALA B 426 35.13 -23.70 22.60
N SER B 427 36.30 -23.09 22.78
CA SER B 427 37.53 -23.83 23.03
C SER B 427 37.51 -24.40 24.44
N GLY B 428 37.89 -25.67 24.55
CA GLY B 428 37.76 -26.43 25.78
C GLY B 428 36.79 -27.58 25.61
N TYR B 429 35.70 -27.35 24.87
CA TYR B 429 34.62 -28.34 24.75
C TYR B 429 35.12 -29.66 24.21
N ASN B 430 35.82 -29.59 23.08
CA ASN B 430 36.40 -30.77 22.43
C ASN B 430 37.90 -30.54 22.24
N GLU B 431 38.70 -31.53 22.65
CA GLU B 431 40.16 -31.38 22.69
C GLU B 431 40.78 -31.43 21.29
N GLU B 432 40.28 -32.30 20.44
CA GLU B 432 40.76 -32.38 19.06
C GLU B 432 40.74 -30.99 18.44
N LEU B 433 39.53 -30.40 18.41
CA LEU B 433 39.29 -29.08 17.80
C LEU B 433 40.23 -27.98 18.29
N ASP B 434 40.57 -28.03 19.58
CA ASP B 434 41.51 -27.07 20.17
C ASP B 434 42.87 -27.17 19.49
N GLU B 435 43.37 -28.41 19.39
CA GLU B 435 44.70 -28.66 18.85
C GLU B 435 44.81 -28.16 17.42
N TRP B 436 43.85 -28.55 16.56
CA TRP B 436 43.79 -28.07 15.17
C TRP B 436 43.85 -26.56 15.05
N ARG B 437 43.08 -25.85 15.89
CA ARG B 437 43.11 -24.39 15.93
C ARG B 437 44.50 -23.85 16.23
N ALA B 438 45.19 -24.49 17.17
CA ALA B 438 46.55 -24.11 17.55
C ALA B 438 47.54 -24.38 16.42
N LEU B 439 47.31 -25.46 15.67
CA LEU B 439 48.09 -25.75 14.47
C LEU B 439 47.84 -24.68 13.41
N ALA B 440 46.57 -24.32 13.23
CA ALA B 440 46.18 -23.29 12.26
C ALA B 440 46.62 -21.89 12.70
N ASP B 441 46.50 -21.60 14.00
CA ASP B 441 47.14 -20.42 14.59
C ASP B 441 48.64 -20.57 14.51
N GLY B 442 49.11 -21.82 14.65
CA GLY B 442 50.51 -22.16 14.45
C GLY B 442 51.02 -21.74 13.09
N ALA B 443 50.32 -22.18 12.04
CA ALA B 443 50.69 -21.80 10.67
C ALA B 443 50.50 -20.31 10.40
N THR B 444 49.39 -19.74 10.87
CA THR B 444 49.15 -18.30 10.77
C THR B 444 50.31 -17.51 11.36
N ASP B 445 50.89 -18.05 12.43
CA ASP B 445 52.02 -17.43 13.13
C ASP B 445 53.26 -17.30 12.23
N TYR B 446 53.76 -18.43 11.73
CA TYR B 446 54.98 -18.41 10.93
C TYR B 446 54.89 -17.45 9.76
N LEU B 447 53.74 -17.44 9.10
CA LEU B 447 53.53 -16.58 7.94
C LEU B 447 53.56 -15.09 8.29
N GLU B 448 53.10 -14.75 9.50
CA GLU B 448 53.30 -13.40 10.04
C GLU B 448 54.79 -13.15 10.27
N ARG B 449 55.48 -14.14 10.84
CA ARG B 449 56.93 -14.08 11.00
C ARG B 449 57.59 -13.90 9.65
N LEU B 450 57.21 -14.75 8.69
CA LEU B 450 57.75 -14.68 7.32
C LEU B 450 57.60 -13.28 6.69
N GLU B 451 56.47 -12.64 6.94
CA GLU B 451 56.23 -11.27 6.43
C GLU B 451 57.32 -10.36 6.97
N VAL B 452 57.47 -10.35 8.29
CA VAL B 452 58.51 -9.56 8.94
C VAL B 452 59.88 -10.01 8.47
N ARG B 453 60.12 -11.32 8.50
CA ARG B 453 61.37 -11.93 8.03
C ARG B 453 61.80 -11.33 6.70
N GLU B 454 60.85 -11.32 5.75
CA GLU B 454 61.13 -10.90 4.37
C GLU B 454 61.20 -9.38 4.16
N ARG B 455 60.37 -8.62 4.88
CA ARG B 455 60.33 -7.16 4.71
C ARG B 455 61.65 -6.49 5.10
N GLU B 456 62.12 -6.77 6.32
CA GLU B 456 63.38 -6.20 6.81
C GLU B 456 64.61 -6.78 6.09
N ARG B 457 64.53 -8.04 5.68
CA ARG B 457 65.63 -8.71 4.96
C ARG B 457 65.90 -8.12 3.58
N THR B 458 64.83 -7.79 2.85
CA THR B 458 64.96 -7.16 1.53
C THR B 458 65.01 -5.62 1.62
N GLY B 459 64.46 -5.06 2.69
CA GLY B 459 64.44 -3.59 2.87
C GLY B 459 63.24 -2.91 2.23
N LEU B 460 62.48 -3.66 1.45
CA LEU B 460 61.29 -3.17 0.77
C LEU B 460 60.18 -3.03 1.80
N ASP B 461 59.86 -1.79 2.18
CA ASP B 461 58.85 -1.56 3.22
C ASP B 461 57.41 -1.89 2.79
N THR B 462 57.19 -2.08 1.49
CA THR B 462 55.85 -2.33 0.93
C THR B 462 55.49 -3.81 0.71
N LEU B 463 56.42 -4.72 1.00
CA LEU B 463 56.17 -6.16 0.94
C LEU B 463 55.04 -6.55 1.90
N LYS B 464 54.15 -7.43 1.45
CA LYS B 464 53.02 -7.89 2.26
C LYS B 464 52.73 -9.35 1.95
N VAL B 465 52.33 -10.12 2.96
CA VAL B 465 51.77 -11.44 2.74
C VAL B 465 50.25 -11.29 2.71
N GLY B 466 49.62 -11.76 1.64
CA GLY B 466 48.18 -11.61 1.44
C GLY B 466 47.51 -12.95 1.18
N PHE B 467 46.23 -12.93 0.82
CA PHE B 467 45.50 -14.18 0.57
C PHE B 467 44.20 -14.00 -0.20
N ASN B 468 43.91 -14.96 -1.07
CA ASN B 468 42.59 -15.14 -1.69
C ASN B 468 42.44 -16.57 -2.20
N ALA B 469 41.21 -16.96 -2.54
CA ALA B 469 40.94 -18.33 -3.01
C ALA B 469 41.56 -18.61 -4.38
N VAL B 470 41.83 -17.55 -5.15
CA VAL B 470 42.39 -17.66 -6.52
C VAL B 470 43.81 -18.22 -6.48
N HIS B 471 44.69 -17.51 -5.79
CA HIS B 471 46.13 -17.81 -5.77
C HIS B 471 46.63 -18.43 -4.47
N GLY B 472 45.78 -18.46 -3.45
CA GLY B 472 46.18 -18.87 -2.10
C GLY B 472 47.02 -17.77 -1.48
N TYR B 473 47.95 -18.16 -0.62
CA TYR B 473 48.86 -17.20 0.01
C TYR B 473 49.82 -16.65 -1.03
N TYR B 474 50.23 -15.41 -0.84
CA TYR B 474 51.10 -14.72 -1.79
C TYR B 474 51.84 -13.56 -1.11
N ILE B 475 53.03 -13.25 -1.62
CA ILE B 475 53.78 -12.07 -1.21
C ILE B 475 53.54 -10.98 -2.25
N GLN B 476 53.35 -9.74 -1.80
CA GLN B 476 53.03 -8.64 -2.71
C GLN B 476 53.91 -7.41 -2.52
N ILE B 477 54.82 -7.21 -3.46
CA ILE B 477 55.59 -5.98 -3.54
C ILE B 477 54.81 -5.03 -4.44
N SER B 478 54.92 -3.74 -4.18
CA SER B 478 54.33 -2.73 -5.06
C SER B 478 55.15 -2.60 -6.34
N ARG B 479 54.57 -2.00 -7.38
CA ARG B 479 55.34 -1.60 -8.56
C ARG B 479 56.37 -0.58 -8.09
N GLY B 480 57.41 -0.37 -8.89
CA GLY B 480 58.40 0.68 -8.61
C GLY B 480 59.43 0.16 -7.64
N GLN B 481 58.96 -0.40 -6.54
CA GLN B 481 59.78 -1.26 -5.68
C GLN B 481 59.83 -2.69 -6.24
N SER B 482 59.03 -2.99 -7.27
CA SER B 482 58.90 -4.35 -7.81
C SER B 482 60.16 -4.89 -8.48
N HIS B 483 61.01 -3.98 -8.96
CA HIS B 483 62.24 -4.36 -9.65
C HIS B 483 63.23 -5.04 -8.71
N LEU B 484 63.20 -4.70 -7.43
CA LEU B 484 64.06 -5.33 -6.41
C LEU B 484 63.52 -6.67 -5.89
N ALA B 485 62.76 -7.39 -6.71
CA ALA B 485 62.20 -8.67 -6.30
C ALA B 485 63.28 -9.77 -6.31
N PRO B 486 63.42 -10.51 -5.19
CA PRO B 486 64.33 -11.64 -5.08
C PRO B 486 64.34 -12.62 -6.25
N ILE B 487 65.46 -13.32 -6.41
CA ILE B 487 65.71 -14.21 -7.54
C ILE B 487 64.73 -15.40 -7.61
N ASN B 488 64.40 -15.96 -6.44
CA ASN B 488 63.56 -17.16 -6.35
C ASN B 488 62.06 -16.86 -6.33
N TYR B 489 61.72 -15.56 -6.22
CA TYR B 489 60.33 -15.11 -6.23
C TYR B 489 59.62 -15.35 -7.57
N MET B 490 58.88 -16.46 -7.65
CA MET B 490 58.06 -16.75 -8.82
C MET B 490 56.92 -15.74 -8.93
N ARG B 491 56.91 -14.96 -10.01
CA ARG B 491 55.83 -14.02 -10.27
C ARG B 491 54.58 -14.78 -10.69
N ARG B 492 53.41 -14.16 -10.48
CA ARG B 492 52.14 -14.84 -10.67
C ARG B 492 51.00 -13.93 -11.15
N GLN B 493 51.03 -12.64 -10.80
CA GLN B 493 49.88 -11.75 -10.98
C GLN B 493 50.29 -10.27 -10.89
N THR B 494 50.25 -9.57 -12.02
CA THR B 494 50.59 -8.14 -12.05
C THR B 494 49.35 -7.30 -11.92
N LEU B 495 49.44 -6.24 -11.11
CA LEU B 495 48.32 -5.31 -10.94
C LEU B 495 48.70 -3.91 -11.40
N LYS B 496 47.74 -3.00 -11.33
CA LYS B 496 47.99 -1.63 -11.73
C LYS B 496 49.23 -1.09 -11.03
N ASN B 497 49.40 -1.40 -9.74
CA ASN B 497 50.52 -0.88 -8.96
C ASN B 497 51.17 -1.87 -7.98
N ALA B 498 50.94 -3.16 -8.19
CA ALA B 498 51.52 -4.21 -7.36
C ALA B 498 51.87 -5.43 -8.18
N GLU B 499 52.75 -6.28 -7.63
CA GLU B 499 53.13 -7.56 -8.26
C GLU B 499 53.09 -8.64 -7.19
N ARG B 500 52.52 -9.79 -7.52
CA ARG B 500 52.32 -10.86 -6.53
C ARG B 500 53.08 -12.11 -6.87
N TYR B 501 53.71 -12.70 -5.85
CA TYR B 501 54.65 -13.79 -6.03
C TYR B 501 54.31 -14.97 -5.13
N ILE B 502 54.90 -16.12 -5.42
CA ILE B 502 54.90 -17.24 -4.48
C ILE B 502 56.30 -17.82 -4.34
N ILE B 503 56.54 -18.48 -3.21
CA ILE B 503 57.80 -19.16 -2.93
C ILE B 503 57.47 -20.55 -2.38
N PRO B 504 58.40 -21.52 -2.47
CA PRO B 504 58.04 -22.92 -2.16
C PRO B 504 57.47 -23.11 -0.74
N GLU B 505 58.13 -22.50 0.24
CA GLU B 505 57.75 -22.50 1.66
C GLU B 505 56.32 -22.02 1.87
N LEU B 506 56.01 -20.84 1.34
CA LEU B 506 54.66 -20.22 1.46
C LEU B 506 53.54 -21.21 1.12
N LYS B 507 53.61 -21.84 -0.04
CA LYS B 507 52.63 -22.86 -0.45
C LYS B 507 52.63 -24.08 0.48
N GLU B 508 53.80 -24.41 1.03
CA GLU B 508 53.93 -25.50 1.98
C GLU B 508 53.12 -25.20 3.25
N TYR B 509 53.32 -24.00 3.79
CA TYR B 509 52.57 -23.54 4.95
C TYR B 509 51.11 -23.21 4.61
N GLU B 510 50.84 -22.85 3.36
CA GLU B 510 49.48 -22.62 2.89
C GLU B 510 48.66 -23.89 3.05
N ASP B 511 49.25 -25.01 2.65
CA ASP B 511 48.67 -26.33 2.91
C ASP B 511 48.40 -26.51 4.40
N LYS B 512 49.38 -26.15 5.22
CA LYS B 512 49.24 -26.22 6.68
C LYS B 512 48.00 -25.47 7.18
N VAL B 513 47.93 -24.17 6.90
CA VAL B 513 46.79 -23.34 7.33
C VAL B 513 45.45 -23.92 6.86
N LEU B 514 45.33 -24.18 5.56
CA LEU B 514 44.07 -24.65 4.97
C LEU B 514 43.65 -26.04 5.45
N THR B 515 44.58 -26.98 5.46
CA THR B 515 44.25 -28.34 5.90
C THR B 515 43.93 -28.37 7.41
N SER B 516 44.64 -27.56 8.20
CA SER B 516 44.32 -27.39 9.65
C SER B 516 42.91 -26.85 9.85
N LYS B 517 42.69 -25.63 9.33
CA LYS B 517 41.36 -24.99 9.38
C LYS B 517 40.27 -25.98 8.95
N GLY B 518 40.46 -26.62 7.79
CA GLY B 518 39.48 -27.55 7.25
C GLY B 518 39.14 -28.74 8.13
N LYS B 519 40.12 -29.24 8.88
CA LYS B 519 39.89 -30.38 9.78
C LYS B 519 39.18 -29.95 11.06
N ALA B 520 39.48 -28.73 11.54
CA ALA B 520 38.82 -28.14 12.71
C ALA B 520 37.40 -27.66 12.36
N LEU B 521 37.29 -26.97 11.23
CA LEU B 521 36.02 -26.41 10.74
C LEU B 521 34.99 -27.50 10.45
N ALA B 522 35.45 -28.64 9.94
CA ALA B 522 34.57 -29.78 9.64
C ALA B 522 34.22 -30.59 10.89
N LEU B 523 34.93 -30.34 12.00
CA LEU B 523 34.62 -30.98 13.27
C LEU B 523 33.68 -30.09 14.07
N GLU B 524 33.85 -28.77 13.95
CA GLU B 524 32.89 -27.84 14.54
C GLU B 524 31.50 -28.26 14.13
N LYS B 525 31.32 -28.51 12.84
CA LYS B 525 30.01 -28.85 12.28
C LYS B 525 29.50 -30.20 12.78
N GLN B 526 30.41 -31.10 13.13
CA GLN B 526 30.04 -32.40 13.71
C GLN B 526 29.67 -32.26 15.18
N LEU B 527 30.52 -31.56 15.92
CA LEU B 527 30.24 -31.24 17.32
C LEU B 527 28.97 -30.39 17.46
N TYR B 528 28.68 -29.60 16.43
CA TYR B 528 27.46 -28.79 16.39
C TYR B 528 26.25 -29.67 16.11
N GLU B 529 26.24 -30.35 14.97
CA GLU B 529 25.16 -31.30 14.65
C GLU B 529 24.95 -32.30 15.79
N GLU B 530 26.02 -32.58 16.55
CA GLU B 530 25.92 -33.41 17.76
C GLU B 530 24.99 -32.78 18.78
N LEU B 531 25.17 -31.50 19.07
CA LEU B 531 24.35 -30.80 20.08
C LEU B 531 22.88 -31.16 19.92
N PHE B 532 22.40 -31.18 18.68
CA PHE B 532 20.99 -31.47 18.38
C PHE B 532 20.58 -32.86 18.84
N ASP B 533 21.47 -33.83 18.69
CA ASP B 533 21.20 -35.22 19.09
C ASP B 533 21.24 -35.33 20.62
N LEU B 534 21.96 -34.40 21.25
CA LEU B 534 22.02 -34.31 22.71
C LEU B 534 20.80 -33.59 23.30
N LEU B 535 20.31 -32.55 22.62
CA LEU B 535 19.19 -31.74 23.13
C LEU B 535 17.83 -32.29 22.75
N LEU B 536 17.69 -32.76 21.51
CA LEU B 536 16.38 -33.19 20.97
C LEU B 536 15.66 -34.28 21.77
N PRO B 537 16.38 -35.12 22.53
CA PRO B 537 15.67 -36.10 23.35
C PRO B 537 14.70 -35.46 24.35
N HIS B 538 15.05 -34.28 24.86
CA HIS B 538 14.24 -33.59 25.87
C HIS B 538 13.08 -32.75 25.28
N LEU B 539 13.10 -32.51 23.96
CA LEU B 539 12.12 -31.64 23.29
C LEU B 539 10.74 -31.68 23.93
N GLU B 540 10.27 -32.89 24.21
CA GLU B 540 9.08 -33.13 25.04
C GLU B 540 8.88 -32.08 26.13
N ALA B 541 9.80 -32.07 27.10
CA ALA B 541 9.70 -31.23 28.28
C ALA B 541 10.01 -29.80 27.93
N LEU B 542 11.01 -29.61 27.06
CA LEU B 542 11.40 -28.28 26.60
C LEU B 542 10.21 -27.47 26.10
N GLN B 543 9.32 -28.13 25.36
CA GLN B 543 8.12 -27.48 24.82
C GLN B 543 7.15 -27.05 25.92
N GLN B 544 7.01 -27.89 26.95
CA GLN B 544 6.13 -27.59 28.06
C GLN B 544 6.71 -26.51 28.97
N SER B 545 8.02 -26.32 28.90
CA SER B 545 8.70 -25.21 29.58
C SER B 545 8.36 -23.90 28.89
N ALA B 546 8.54 -23.86 27.58
CA ALA B 546 8.20 -22.70 26.78
C ALA B 546 6.69 -22.47 26.70
N SER B 547 5.89 -23.51 26.99
CA SER B 547 4.45 -23.32 27.16
C SER B 547 4.20 -22.68 28.53
N ALA B 548 4.83 -23.21 29.56
CA ALA B 548 4.65 -22.70 30.91
C ALA B 548 5.15 -21.28 31.01
N LEU B 549 6.26 -21.00 30.33
CA LEU B 549 6.88 -19.68 30.35
C LEU B 549 5.98 -18.66 29.68
N ALA B 550 5.59 -18.94 28.44
CA ALA B 550 4.68 -18.08 27.69
C ALA B 550 3.40 -17.76 28.48
N GLU B 551 2.93 -18.74 29.26
CA GLU B 551 1.76 -18.54 30.11
C GLU B 551 2.05 -17.59 31.27
N LEU B 552 3.25 -17.69 31.86
CA LEU B 552 3.67 -16.76 32.91
C LEU B 552 3.67 -15.34 32.37
N ASP B 553 4.33 -15.16 31.24
CA ASP B 553 4.34 -13.87 30.53
C ASP B 553 2.93 -13.30 30.50
N VAL B 554 1.99 -14.09 29.99
CA VAL B 554 0.59 -13.67 29.85
C VAL B 554 -0.05 -13.33 31.19
N LEU B 555 0.03 -14.27 32.14
CA LEU B 555 -0.57 -14.06 33.46
C LEU B 555 0.07 -12.87 34.21
N VAL B 556 1.40 -12.89 34.31
CA VAL B 556 2.15 -11.79 34.94
C VAL B 556 1.85 -10.44 34.29
N ASN B 557 1.49 -10.45 33.02
CA ASN B 557 1.02 -9.26 32.32
C ASN B 557 -0.42 -8.88 32.73
N LEU B 558 -1.36 -9.80 32.55
CA LEU B 558 -2.75 -9.61 32.97
C LEU B 558 -2.92 -9.15 34.43
N ALA B 559 -1.93 -9.38 35.26
CA ALA B 559 -1.95 -8.91 36.65
C ALA B 559 -1.37 -7.52 36.78
N GLU B 560 -0.43 -7.18 35.91
CA GLU B 560 0.15 -5.84 35.89
C GLU B 560 -0.80 -4.86 35.26
N ARG B 561 -1.44 -5.29 34.17
CA ARG B 561 -2.46 -4.48 33.51
C ARG B 561 -3.57 -4.10 34.49
N ALA B 562 -4.06 -5.08 35.23
CA ALA B 562 -5.10 -4.86 36.21
C ALA B 562 -4.69 -3.80 37.24
N TYR B 563 -3.42 -3.80 37.61
CA TYR B 563 -2.91 -2.87 38.61
C TYR B 563 -2.84 -1.44 38.11
N THR B 564 -2.19 -1.25 36.96
CA THR B 564 -1.92 0.10 36.45
C THR B 564 -3.02 0.63 35.51
N LEU B 565 -4.09 -0.13 35.30
CA LEU B 565 -5.29 0.37 34.62
C LEU B 565 -6.52 0.37 35.53
N ASN B 566 -6.29 0.04 36.81
CA ASN B 566 -7.34 -0.04 37.82
C ASN B 566 -8.56 -0.85 37.38
N TYR B 567 -8.32 -2.12 37.04
CA TYR B 567 -9.39 -3.08 36.75
C TYR B 567 -9.82 -3.80 38.04
N THR B 568 -11.12 -4.07 38.18
CA THR B 568 -11.62 -4.86 39.32
C THR B 568 -11.71 -6.33 38.96
N CYS B 569 -11.84 -7.18 39.96
CA CYS B 569 -12.00 -8.61 39.74
C CYS B 569 -13.48 -8.97 39.70
N PRO B 570 -13.98 -9.39 38.53
CA PRO B 570 -15.38 -9.83 38.43
C PRO B 570 -15.66 -11.06 39.27
N THR B 571 -16.86 -11.13 39.84
CA THR B 571 -17.28 -12.25 40.66
C THR B 571 -18.55 -12.84 40.07
N PHE B 572 -18.47 -14.07 39.58
CA PHE B 572 -19.50 -14.65 38.71
C PHE B 572 -20.78 -14.96 39.48
N ILE B 573 -21.92 -14.94 38.79
CA ILE B 573 -23.20 -15.38 39.39
C ILE B 573 -23.74 -16.54 38.56
N ASP B 574 -24.70 -17.28 39.12
CA ASP B 574 -25.21 -18.50 38.48
C ASP B 574 -26.44 -18.27 37.57
N LYS B 575 -27.26 -17.27 37.88
CA LYS B 575 -28.29 -16.79 36.94
C LYS B 575 -27.62 -15.91 35.88
N PRO B 576 -28.17 -15.88 34.65
CA PRO B 576 -27.68 -14.89 33.68
C PRO B 576 -27.92 -13.46 34.15
N GLY B 577 -26.96 -12.59 33.86
CA GLY B 577 -27.06 -11.18 34.20
C GLY B 577 -25.73 -10.50 34.37
N ILE B 578 -25.68 -9.22 34.03
CA ILE B 578 -24.46 -8.40 34.15
C ILE B 578 -24.74 -7.26 35.12
N ARG B 579 -23.77 -6.92 35.97
CA ARG B 579 -23.94 -5.80 36.89
C ARG B 579 -22.67 -4.93 37.05
N ILE B 580 -22.33 -4.23 35.96
CA ILE B 580 -21.20 -3.33 35.90
C ILE B 580 -21.47 -2.10 36.77
N THR B 581 -20.42 -1.58 37.39
CA THR B 581 -20.50 -0.40 38.23
C THR B 581 -19.30 0.50 37.90
N GLU B 582 -19.58 1.67 37.32
CA GLU B 582 -18.53 2.56 36.79
C GLU B 582 -17.63 1.81 35.82
N GLY B 583 -18.21 1.39 34.70
CA GLY B 583 -17.48 0.58 33.74
C GLY B 583 -17.09 1.38 32.50
N ARG B 584 -15.94 1.03 31.93
CA ARG B 584 -15.39 1.75 30.79
C ARG B 584 -14.98 0.83 29.63
N HIS B 585 -14.85 1.43 28.44
CA HIS B 585 -14.34 0.72 27.27
C HIS B 585 -12.83 0.69 27.39
N PRO B 586 -12.24 -0.53 27.54
CA PRO B 586 -10.81 -0.65 27.87
C PRO B 586 -9.87 0.00 26.87
N VAL B 587 -10.31 0.13 25.61
CA VAL B 587 -9.48 0.69 24.54
C VAL B 587 -9.60 2.21 24.39
N VAL B 588 -10.79 2.74 24.67
CA VAL B 588 -11.10 4.16 24.42
C VAL B 588 -10.54 5.01 25.56
N GLU B 589 -10.73 4.54 26.80
CA GLU B 589 -10.22 5.23 27.99
C GLU B 589 -8.70 5.38 27.99
N GLN B 590 -8.03 4.81 26.99
CA GLN B 590 -6.59 5.00 26.84
C GLN B 590 -6.27 5.98 25.70
N VAL B 591 -6.88 5.78 24.54
CA VAL B 591 -6.62 6.67 23.39
C VAL B 591 -7.23 8.07 23.62
N LEU B 592 -8.41 8.13 24.25
CA LEU B 592 -9.01 9.42 24.60
C LEU B 592 -8.17 10.16 25.64
N ASN B 593 -7.91 11.44 25.37
CA ASN B 593 -7.12 12.31 26.23
C ASN B 593 -8.00 13.25 27.06
N GLU B 594 -9.31 13.04 26.99
CA GLU B 594 -10.28 13.71 27.88
C GLU B 594 -10.68 12.64 28.90
N PRO B 595 -11.17 13.05 30.10
CA PRO B 595 -11.63 12.06 31.10
C PRO B 595 -12.79 11.18 30.64
N PHE B 596 -12.65 9.86 30.77
CA PHE B 596 -13.71 8.94 30.37
C PHE B 596 -14.83 8.92 31.43
N ILE B 597 -16.05 9.08 30.93
CA ILE B 597 -17.26 9.05 31.72
C ILE B 597 -17.71 7.59 31.89
N ALA B 598 -17.46 7.03 33.06
CA ALA B 598 -17.83 5.63 33.32
C ALA B 598 -19.35 5.48 33.41
N ASN B 599 -19.83 4.28 33.13
CA ASN B 599 -21.27 4.03 33.16
C ASN B 599 -21.64 2.75 33.89
N PRO B 600 -22.82 2.76 34.54
CA PRO B 600 -23.35 1.60 35.20
C PRO B 600 -24.12 0.72 34.21
N LEU B 601 -24.36 -0.53 34.59
CA LEU B 601 -25.26 -1.41 33.83
C LEU B 601 -25.81 -2.48 34.76
N ASN B 602 -27.11 -2.72 34.69
CA ASN B 602 -27.76 -3.80 35.42
C ASN B 602 -28.68 -4.59 34.50
N LEU B 603 -28.46 -5.89 34.42
CA LEU B 603 -29.29 -6.74 33.59
C LEU B 603 -29.58 -8.06 34.28
N SER B 604 -30.48 -8.02 35.26
CA SER B 604 -31.07 -9.24 35.81
C SER B 604 -32.04 -9.82 34.76
N PRO B 605 -32.60 -11.02 35.02
CA PRO B 605 -33.69 -11.46 34.14
C PRO B 605 -35.02 -10.76 34.43
N GLN B 606 -35.05 -9.94 35.48
CA GLN B 606 -36.11 -8.94 35.65
C GLN B 606 -35.84 -7.72 34.76
N ARG B 607 -34.58 -7.48 34.40
CA ARG B 607 -34.21 -6.41 33.47
C ARG B 607 -33.43 -6.95 32.26
N ARG B 608 -34.16 -7.57 31.34
CA ARG B 608 -33.56 -8.35 30.24
C ARG B 608 -33.10 -7.52 29.05
N MET B 609 -33.69 -6.35 28.86
CA MET B 609 -33.42 -5.54 27.66
C MET B 609 -33.52 -4.04 27.95
N LEU B 610 -32.48 -3.30 27.57
CA LEU B 610 -32.46 -1.85 27.71
C LEU B 610 -32.64 -1.17 26.36
N ILE B 611 -33.68 -0.33 26.24
CA ILE B 611 -33.92 0.44 25.02
C ILE B 611 -33.14 1.75 25.09
N ILE B 612 -32.13 1.87 24.23
CA ILE B 612 -31.26 3.03 24.26
C ILE B 612 -31.66 3.99 23.14
N THR B 613 -32.18 5.15 23.55
CA THR B 613 -32.53 6.24 22.64
C THR B 613 -31.64 7.48 22.90
N GLY B 614 -31.87 8.53 22.12
CA GLY B 614 -31.03 9.71 22.16
C GLY B 614 -29.98 9.56 21.09
N PRO B 615 -29.11 10.56 20.95
CA PRO B 615 -28.16 10.62 19.85
C PRO B 615 -27.08 9.55 19.94
N ASN B 616 -26.78 8.92 18.81
CA ASN B 616 -25.73 7.91 18.76
C ASN B 616 -24.34 8.56 18.82
N MET B 617 -23.79 8.95 17.67
CA MET B 617 -22.53 9.69 17.64
C MET B 617 -21.42 8.97 18.42
N GLY B 618 -21.37 7.65 18.30
CA GLY B 618 -20.34 6.84 18.95
C GLY B 618 -20.59 6.51 20.41
N GLY B 619 -21.19 7.43 21.15
CA GLY B 619 -21.53 7.22 22.57
C GLY B 619 -22.31 5.94 22.87
N LYS B 620 -23.32 5.67 22.06
CA LYS B 620 -24.15 4.45 22.20
C LYS B 620 -23.37 3.19 21.86
N SER B 621 -22.79 3.18 20.66
CA SER B 621 -22.07 2.01 20.16
C SER B 621 -20.76 1.75 20.90
N THR B 622 -20.54 2.50 21.99
CA THR B 622 -19.40 2.29 22.88
C THR B 622 -19.90 1.59 24.12
N TYR B 623 -20.83 2.23 24.84
CA TYR B 623 -21.49 1.61 25.99
C TYR B 623 -21.87 0.16 25.69
N MET B 624 -22.36 -0.07 24.47
CA MET B 624 -22.72 -1.40 24.01
C MET B 624 -21.45 -2.23 23.86
N ARG B 625 -20.51 -1.76 23.05
CA ARG B 625 -19.26 -2.48 22.82
C ARG B 625 -18.42 -2.68 24.09
N GLN B 626 -18.43 -1.71 25.00
CA GLN B 626 -17.70 -1.86 26.26
C GLN B 626 -18.29 -2.97 27.11
N THR B 627 -19.60 -3.17 27.02
CA THR B 627 -20.26 -4.27 27.72
C THR B 627 -19.72 -5.60 27.22
N ALA B 628 -19.79 -5.83 25.90
CA ALA B 628 -19.36 -7.10 25.34
C ALA B 628 -17.91 -7.39 25.72
N LEU B 629 -17.09 -6.35 25.84
CA LEU B 629 -15.68 -6.55 26.17
C LEU B 629 -15.48 -6.83 27.65
N ILE B 630 -16.28 -6.21 28.52
CA ILE B 630 -16.21 -6.50 29.95
C ILE B 630 -16.62 -7.94 30.25
N ALA B 631 -17.46 -8.52 29.40
CA ALA B 631 -17.81 -9.93 29.50
C ALA B 631 -16.65 -10.79 28.96
N LEU B 632 -16.31 -10.55 27.69
CA LEU B 632 -15.11 -11.12 27.06
C LEU B 632 -13.94 -11.19 28.05
N MET B 633 -13.58 -10.04 28.60
CA MET B 633 -12.47 -9.97 29.54
C MET B 633 -12.74 -10.76 30.82
N ALA B 634 -13.97 -10.74 31.31
CA ALA B 634 -14.33 -11.54 32.47
C ALA B 634 -14.07 -13.00 32.16
N TYR B 635 -14.73 -13.50 31.14
CA TYR B 635 -14.71 -14.93 30.82
C TYR B 635 -13.39 -15.41 30.21
N ILE B 636 -12.38 -14.54 30.26
CA ILE B 636 -11.03 -14.90 29.89
C ILE B 636 -10.14 -14.94 31.14
N GLY B 637 -10.75 -14.72 32.31
CA GLY B 637 -10.04 -14.76 33.58
C GLY B 637 -9.49 -13.42 34.04
N SER B 638 -9.12 -12.57 33.08
CA SER B 638 -8.58 -11.25 33.36
C SER B 638 -9.51 -10.40 34.23
N TYR B 639 -8.92 -9.41 34.90
CA TYR B 639 -9.67 -8.42 35.66
C TYR B 639 -10.38 -7.52 34.65
N VAL B 640 -11.38 -6.77 35.10
CA VAL B 640 -12.19 -5.97 34.18
C VAL B 640 -12.24 -4.49 34.55
N PRO B 641 -12.28 -3.60 33.54
CA PRO B 641 -12.26 -2.13 33.73
C PRO B 641 -13.54 -1.56 34.34
N ALA B 642 -13.61 -1.57 35.67
CA ALA B 642 -14.80 -1.14 36.40
C ALA B 642 -14.51 -1.13 37.89
N GLN B 643 -15.53 -0.82 38.71
CA GLN B 643 -15.37 -0.85 40.17
C GLN B 643 -15.83 -2.17 40.75
N LYS B 644 -16.92 -2.67 40.21
CA LYS B 644 -17.41 -3.99 40.57
C LYS B 644 -18.08 -4.58 39.33
N VAL B 645 -18.05 -5.89 39.19
CA VAL B 645 -18.74 -6.55 38.11
C VAL B 645 -19.18 -7.91 38.58
N GLU B 646 -20.49 -8.11 38.64
CA GLU B 646 -21.06 -9.43 38.79
C GLU B 646 -21.58 -9.81 37.43
N ILE B 647 -21.20 -10.98 36.94
CA ILE B 647 -21.61 -11.43 35.63
C ILE B 647 -22.05 -12.88 35.65
N GLY B 648 -23.07 -13.19 34.87
CA GLY B 648 -23.61 -14.54 34.80
C GLY B 648 -23.01 -15.32 33.65
N PRO B 649 -23.42 -16.59 33.49
CA PRO B 649 -22.97 -17.34 32.33
C PRO B 649 -23.44 -16.67 31.05
N ILE B 650 -22.57 -16.70 30.03
CA ILE B 650 -22.92 -16.25 28.69
C ILE B 650 -22.55 -17.37 27.73
N ASP B 651 -23.47 -17.75 26.85
CA ASP B 651 -23.19 -18.81 25.87
C ASP B 651 -22.73 -18.25 24.53
N ARG B 652 -23.27 -17.10 24.15
CA ARG B 652 -22.93 -16.42 22.89
C ARG B 652 -22.91 -14.89 23.07
N ILE B 653 -21.96 -14.22 22.41
CA ILE B 653 -21.96 -12.76 22.32
C ILE B 653 -22.29 -12.33 20.90
N PHE B 654 -23.33 -11.53 20.74
CA PHE B 654 -23.72 -10.99 19.44
C PHE B 654 -23.58 -9.48 19.43
N THR B 655 -22.88 -8.96 18.41
CA THR B 655 -22.74 -7.52 18.18
C THR B 655 -23.05 -7.16 16.73
N ARG B 656 -24.25 -6.65 16.51
CA ARG B 656 -24.63 -6.02 15.25
C ARG B 656 -24.51 -4.50 15.48
N VAL B 657 -23.28 -4.00 15.38
CA VAL B 657 -22.96 -2.62 15.72
C VAL B 657 -21.99 -1.96 14.74
N GLY B 658 -22.32 -0.74 14.31
CA GLY B 658 -21.44 0.08 13.47
C GLY B 658 -21.75 0.05 11.98
N ALA B 659 -20.73 0.35 11.17
CA ALA B 659 -20.87 0.39 9.71
C ALA B 659 -20.88 -1.01 9.11
N ALA B 660 -20.72 -1.09 7.78
CA ALA B 660 -20.75 -2.36 7.05
C ALA B 660 -22.18 -2.90 6.98
N ASP B 661 -22.84 -2.93 5.81
CA ASP B 661 -22.30 -2.57 4.47
C ASP B 661 -21.34 -3.65 3.94
N ASP B 662 -21.48 -4.02 2.66
CA ASP B 662 -20.77 -5.19 2.12
C ASP B 662 -19.35 -4.87 1.57
N LEU B 663 -19.16 -4.18 0.44
CA LEU B 663 -20.16 -3.81 -0.57
C LEU B 663 -19.95 -4.70 -1.82
N ALA B 664 -19.17 -5.76 -1.65
CA ALA B 664 -18.66 -6.58 -2.75
C ALA B 664 -19.68 -7.52 -3.40
N SER B 665 -20.74 -7.86 -2.67
CA SER B 665 -21.72 -8.86 -3.13
C SER B 665 -22.98 -8.25 -3.76
N GLY B 666 -22.99 -6.93 -3.98
CA GLY B 666 -24.12 -6.24 -4.62
C GLY B 666 -25.34 -6.05 -3.71
N ARG B 667 -25.29 -6.68 -2.54
CA ARG B 667 -26.30 -6.52 -1.51
C ARG B 667 -25.87 -5.37 -0.60
N SER B 668 -26.85 -4.66 -0.06
CA SER B 668 -26.58 -3.39 0.62
C SER B 668 -26.43 -3.53 2.12
N THR B 669 -25.96 -2.45 2.73
CA THR B 669 -26.23 -2.20 4.12
C THR B 669 -27.75 -2.24 4.24
N PHE B 670 -28.24 -2.61 5.42
CA PHE B 670 -29.64 -3.03 5.63
C PHE B 670 -29.76 -4.53 5.32
N MET B 671 -29.66 -4.89 4.04
CA MET B 671 -29.67 -6.31 3.66
C MET B 671 -28.61 -7.07 4.45
N VAL B 672 -27.48 -6.39 4.72
CA VAL B 672 -26.47 -6.92 5.65
C VAL B 672 -27.00 -6.93 7.09
N GLU B 673 -27.38 -5.76 7.60
CA GLU B 673 -27.90 -5.62 8.98
C GLU B 673 -28.96 -6.65 9.34
N MET B 674 -29.91 -6.85 8.43
CA MET B 674 -30.98 -7.82 8.64
C MET B 674 -30.46 -9.25 8.69
N THR B 675 -29.55 -9.59 7.77
CA THR B 675 -28.93 -10.91 7.77
C THR B 675 -28.11 -11.14 9.05
N GLU B 676 -27.51 -10.07 9.58
CA GLU B 676 -26.85 -10.15 10.87
C GLU B 676 -27.88 -10.29 11.97
N THR B 677 -28.98 -9.54 11.87
CA THR B 677 -30.08 -9.65 12.84
C THR B 677 -30.80 -11.00 12.73
N ALA B 678 -30.83 -11.57 11.54
CA ALA B 678 -31.40 -12.90 11.33
C ALA B 678 -30.60 -13.92 12.10
N ASN B 679 -29.28 -13.84 11.95
CA ASN B 679 -28.37 -14.70 12.70
C ASN B 679 -28.65 -14.62 14.20
N ILE B 680 -28.75 -13.39 14.71
CA ILE B 680 -28.99 -13.17 16.13
C ILE B 680 -30.25 -13.91 16.58
N LEU B 681 -31.39 -13.54 16.00
CA LEU B 681 -32.70 -14.06 16.44
C LEU B 681 -32.76 -15.59 16.39
N HIS B 682 -32.18 -16.17 15.34
CA HIS B 682 -32.18 -17.62 15.17
C HIS B 682 -31.38 -18.36 16.24
N ASN B 683 -30.24 -17.81 16.65
CA ASN B 683 -29.27 -18.53 17.49
C ASN B 683 -29.17 -18.07 18.94
N ALA B 684 -29.69 -16.88 19.23
CA ALA B 684 -29.52 -16.29 20.56
C ALA B 684 -30.35 -17.04 21.56
N THR B 685 -29.71 -17.46 22.65
CA THR B 685 -30.37 -18.15 23.74
C THR B 685 -30.57 -17.18 24.89
N GLU B 686 -31.32 -17.59 25.91
CA GLU B 686 -31.51 -16.80 27.14
C GLU B 686 -30.21 -16.57 27.90
N TYR B 687 -29.13 -17.19 27.40
CA TYR B 687 -27.79 -17.09 27.98
C TYR B 687 -26.87 -16.18 27.16
N SER B 688 -27.43 -15.45 26.21
CA SER B 688 -26.62 -14.66 25.30
C SER B 688 -26.72 -13.18 25.57
N LEU B 689 -25.65 -12.48 25.21
CA LEU B 689 -25.58 -11.03 25.21
C LEU B 689 -25.91 -10.59 23.80
N VAL B 690 -26.69 -9.53 23.64
CA VAL B 690 -27.11 -9.06 22.31
C VAL B 690 -26.95 -7.55 22.20
N LEU B 691 -26.13 -7.11 21.26
CA LEU B 691 -25.93 -5.67 21.04
C LEU B 691 -26.46 -5.28 19.67
N MET B 692 -27.39 -4.30 19.64
CA MET B 692 -28.16 -3.94 18.44
C MET B 692 -28.15 -2.43 18.17
N ASP B 693 -27.10 -1.95 17.52
CA ASP B 693 -27.03 -0.54 17.16
C ASP B 693 -28.17 -0.18 16.19
N GLU B 694 -28.97 0.80 16.61
CA GLU B 694 -30.03 1.39 15.80
C GLU B 694 -30.34 0.69 14.48
N ILE B 695 -30.99 -0.47 14.55
CA ILE B 695 -31.40 -1.16 13.34
C ILE B 695 -32.71 -0.63 12.83
N GLY B 696 -32.89 -0.70 11.51
CA GLY B 696 -34.08 -0.20 10.84
C GLY B 696 -33.88 1.02 9.96
N ARG B 697 -32.65 1.54 9.88
CA ARG B 697 -32.37 2.70 9.03
C ARG B 697 -32.21 2.23 7.59
N GLY B 698 -32.48 3.11 6.64
CA GLY B 698 -32.38 2.77 5.22
C GLY B 698 -33.59 1.99 4.71
N THR B 699 -34.74 2.22 5.34
CA THR B 699 -36.04 1.78 4.79
C THR B 699 -37.14 2.70 5.31
N SER B 700 -38.32 2.60 4.73
CA SER B 700 -39.43 3.49 5.06
C SER B 700 -39.64 3.54 6.56
N THR B 701 -39.98 4.71 7.08
CA THR B 701 -40.12 4.88 8.54
C THR B 701 -40.98 3.80 9.16
N TYR B 702 -42.01 3.35 8.46
CA TYR B 702 -42.91 2.31 9.00
C TYR B 702 -42.29 0.91 8.94
N ASP B 703 -41.82 0.48 7.78
CA ASP B 703 -41.18 -0.84 7.66
C ASP B 703 -40.05 -1.07 8.68
N GLY B 704 -39.34 0.00 9.03
CA GLY B 704 -38.21 -0.10 9.94
C GLY B 704 -38.62 -0.11 11.39
N LEU B 705 -39.65 0.68 11.71
CA LEU B 705 -40.24 0.70 13.05
C LEU B 705 -40.91 -0.63 13.37
N SER B 706 -41.66 -1.14 12.39
CA SER B 706 -42.28 -2.45 12.48
C SER B 706 -41.25 -3.56 12.72
N LEU B 707 -40.12 -3.50 12.01
CA LEU B 707 -39.04 -4.47 12.17
C LEU B 707 -38.29 -4.33 13.50
N ALA B 708 -38.06 -3.10 13.94
CA ALA B 708 -37.44 -2.85 15.23
C ALA B 708 -38.38 -3.30 16.35
N TRP B 709 -39.67 -3.03 16.18
CA TRP B 709 -40.68 -3.52 17.12
C TRP B 709 -40.69 -5.04 17.10
N ALA B 710 -40.96 -5.62 15.93
CA ALA B 710 -40.99 -7.07 15.76
C ALA B 710 -39.75 -7.74 16.33
N CYS B 711 -38.60 -7.10 16.19
CA CYS B 711 -37.35 -7.64 16.73
C CYS B 711 -37.31 -7.62 18.25
N ALA B 712 -37.45 -6.43 18.81
CA ALA B 712 -37.45 -6.26 20.27
C ALA B 712 -38.49 -7.19 20.93
N GLU B 713 -39.61 -7.40 20.25
CA GLU B 713 -40.69 -8.26 20.76
C GLU B 713 -40.22 -9.70 20.91
N ASN B 714 -39.61 -10.22 19.86
CA ASN B 714 -39.11 -11.60 19.86
C ASN B 714 -37.90 -11.78 20.76
N LEU B 715 -37.07 -10.75 20.89
CA LEU B 715 -35.91 -10.80 21.79
C LEU B 715 -36.35 -10.65 23.25
N ALA B 716 -37.32 -9.79 23.51
CA ALA B 716 -37.81 -9.55 24.87
C ALA B 716 -38.72 -10.67 25.41
N ASN B 717 -39.21 -11.56 24.54
CA ASN B 717 -40.11 -12.65 24.98
C ASN B 717 -39.64 -14.06 24.62
N LYS B 718 -39.62 -14.39 23.33
CA LYS B 718 -39.33 -15.76 22.88
C LYS B 718 -37.92 -16.23 23.28
N ILE B 719 -36.98 -15.30 23.31
CA ILE B 719 -35.58 -15.60 23.60
C ILE B 719 -35.21 -15.18 25.01
N LYS B 720 -35.64 -13.98 25.41
CA LYS B 720 -35.34 -13.38 26.73
C LYS B 720 -33.88 -12.87 26.88
N ALA B 721 -33.08 -12.95 25.82
CA ALA B 721 -31.63 -12.72 25.89
C ALA B 721 -31.25 -11.37 26.49
N LEU B 722 -30.07 -11.32 27.10
CA LEU B 722 -29.57 -10.08 27.70
C LEU B 722 -29.19 -9.11 26.60
N THR B 723 -30.07 -8.14 26.34
CA THR B 723 -29.94 -7.28 25.18
C THR B 723 -29.76 -5.81 25.53
N LEU B 724 -28.89 -5.14 24.77
CA LEU B 724 -28.89 -3.69 24.69
C LEU B 724 -29.37 -3.36 23.28
N PHE B 725 -30.52 -2.69 23.22
CA PHE B 725 -31.19 -2.39 21.96
C PHE B 725 -31.17 -0.89 21.69
N ALA B 726 -30.19 -0.45 20.88
CA ALA B 726 -30.09 0.93 20.47
C ALA B 726 -31.11 1.23 19.37
N THR B 727 -31.75 2.38 19.48
CA THR B 727 -32.69 2.82 18.47
C THR B 727 -32.91 4.33 18.53
N HIS B 728 -33.30 4.87 17.39
CA HIS B 728 -33.67 6.28 17.25
C HIS B 728 -35.19 6.46 17.38
N TYR B 729 -35.92 5.41 17.00
CA TYR B 729 -37.38 5.39 17.09
C TYR B 729 -37.89 5.76 18.50
N PHE B 730 -38.68 6.82 18.59
CA PHE B 730 -39.33 7.16 19.86
C PHE B 730 -40.46 6.18 20.17
N GLU B 731 -41.09 5.66 19.13
CA GLU B 731 -42.20 4.73 19.29
C GLU B 731 -41.78 3.50 20.10
N LEU B 732 -40.55 3.04 19.93
CA LEU B 732 -40.05 1.88 20.70
C LEU B 732 -39.92 2.14 22.21
N THR B 733 -40.02 3.39 22.65
CA THR B 733 -39.98 3.68 24.08
C THR B 733 -41.33 3.44 24.78
N GLN B 734 -42.15 2.54 24.22
CA GLN B 734 -43.42 2.18 24.83
C GLN B 734 -43.44 0.70 25.23
N LEU B 735 -42.33 -0.01 25.07
CA LEU B 735 -42.27 -1.43 25.45
C LEU B 735 -42.17 -1.63 26.96
N PRO B 736 -41.60 -0.65 27.69
CA PRO B 736 -41.71 -0.74 29.17
C PRO B 736 -43.15 -0.70 29.70
N GLU B 737 -44.09 -0.18 28.90
CA GLU B 737 -45.50 -0.15 29.25
C GLU B 737 -46.26 -1.34 28.65
N LYS B 738 -45.68 -2.00 27.65
CA LYS B 738 -46.36 -3.09 26.95
C LYS B 738 -45.70 -4.45 27.18
N MET B 739 -44.57 -4.49 27.89
CA MET B 739 -43.82 -5.73 28.07
C MET B 739 -43.14 -5.82 29.42
N GLU B 740 -43.03 -7.05 29.90
CA GLU B 740 -42.34 -7.33 31.15
C GLU B 740 -40.85 -7.29 30.85
N GLY B 741 -40.08 -6.76 31.80
CA GLY B 741 -38.62 -6.87 31.80
C GLY B 741 -37.84 -6.08 30.76
N VAL B 742 -38.41 -4.99 30.26
CA VAL B 742 -37.74 -4.14 29.27
C VAL B 742 -37.81 -2.70 29.75
N ALA B 743 -36.68 -1.99 29.75
CA ALA B 743 -36.62 -0.62 30.29
C ALA B 743 -35.90 0.36 29.37
N ASN B 744 -36.06 1.65 29.67
CA ASN B 744 -35.59 2.74 28.83
C ASN B 744 -34.36 3.40 29.42
N VAL B 745 -33.34 3.60 28.58
CA VAL B 745 -32.21 4.48 28.91
C VAL B 745 -31.90 5.35 27.70
N HIS B 746 -31.21 6.46 27.93
CA HIS B 746 -30.91 7.40 26.86
C HIS B 746 -29.57 8.08 27.07
N LEU B 747 -29.05 8.68 26.00
CA LEU B 747 -27.85 9.53 26.08
C LEU B 747 -28.23 10.99 25.86
N ASP B 748 -27.74 11.85 26.73
CA ASP B 748 -28.01 13.29 26.66
C ASP B 748 -27.01 13.97 25.73
N ALA B 749 -27.26 15.24 25.45
CA ALA B 749 -26.25 16.14 24.89
C ALA B 749 -26.45 17.50 25.55
N LEU B 750 -25.38 18.26 25.73
CA LEU B 750 -25.51 19.63 26.21
C LEU B 750 -25.12 20.62 25.11
N GLU B 751 -25.90 21.69 24.99
CA GLU B 751 -25.80 22.60 23.85
C GLU B 751 -25.06 23.90 24.21
N HIS B 752 -23.86 23.76 24.76
CA HIS B 752 -23.12 24.91 25.27
C HIS B 752 -22.55 25.79 24.15
N GLY B 753 -21.92 26.90 24.55
CA GLY B 753 -21.25 27.84 23.63
C GLY B 753 -21.70 27.80 22.18
N ASP B 754 -20.82 27.34 21.30
CA ASP B 754 -21.08 27.22 19.85
C ASP B 754 -21.03 25.78 19.33
N THR B 755 -20.83 24.81 20.21
CA THR B 755 -20.88 23.40 19.83
C THR B 755 -21.98 22.73 20.65
N ILE B 756 -22.29 21.50 20.31
CA ILE B 756 -23.08 20.65 21.18
C ILE B 756 -22.15 19.56 21.68
N ALA B 757 -22.12 19.40 23.00
CA ALA B 757 -21.28 18.38 23.64
C ALA B 757 -22.05 17.08 23.73
N PHE B 758 -21.60 16.06 23.01
CA PHE B 758 -22.25 14.76 23.10
C PHE B 758 -21.73 13.99 24.28
N MET B 759 -22.36 14.27 25.42
CA MET B 759 -22.32 13.43 26.61
C MET B 759 -22.31 11.97 26.27
N HIS B 760 -21.54 11.19 27.02
CA HIS B 760 -21.51 9.75 26.86
C HIS B 760 -21.99 9.10 28.15
N SER B 761 -22.83 9.83 28.88
CA SER B 761 -23.34 9.39 30.16
C SER B 761 -24.74 8.81 29.95
N VAL B 762 -24.95 7.58 30.42
CA VAL B 762 -26.26 6.91 30.25
C VAL B 762 -27.18 7.17 31.43
N GLN B 763 -28.16 8.03 31.21
CA GLN B 763 -29.18 8.35 32.20
C GLN B 763 -30.36 7.38 32.01
N ASP B 764 -31.27 7.34 32.96
CA ASP B 764 -32.46 6.47 32.86
C ASP B 764 -33.56 7.13 32.05
N GLY B 765 -34.51 6.33 31.56
CA GLY B 765 -35.65 6.84 30.81
C GLY B 765 -35.38 7.03 29.33
N ALA B 766 -36.42 7.33 28.57
CA ALA B 766 -36.29 7.59 27.13
C ALA B 766 -35.69 8.97 26.92
N ALA B 767 -35.47 9.36 25.67
CA ALA B 767 -34.99 10.69 25.34
C ALA B 767 -36.18 11.60 25.07
N SER B 768 -36.12 12.82 25.60
CA SER B 768 -37.15 13.84 25.34
C SER B 768 -36.72 14.86 24.28
N LYS B 769 -35.57 14.63 23.66
CA LYS B 769 -35.02 15.56 22.67
C LYS B 769 -34.30 14.83 21.53
N SER B 770 -34.45 15.38 20.33
CA SER B 770 -33.77 14.90 19.13
C SER B 770 -32.81 15.97 18.61
N TYR B 771 -31.54 15.61 18.44
CA TYR B 771 -30.49 16.59 18.14
C TYR B 771 -30.03 16.61 16.66
N GLY B 772 -30.92 16.21 15.75
CA GLY B 772 -30.63 16.26 14.32
C GLY B 772 -30.52 17.68 13.82
N LEU B 773 -31.64 18.39 13.84
CA LEU B 773 -31.68 19.78 13.37
C LEU B 773 -30.58 20.60 14.01
N ALA B 774 -30.32 20.34 15.29
CA ALA B 774 -29.27 21.02 16.04
C ALA B 774 -27.88 20.86 15.38
N VAL B 775 -27.57 19.65 14.90
CA VAL B 775 -26.32 19.40 14.17
C VAL B 775 -26.32 20.07 12.79
N ALA B 776 -27.46 20.03 12.11
CA ALA B 776 -27.64 20.72 10.82
C ALA B 776 -27.28 22.19 10.90
N ALA B 777 -27.73 22.87 11.96
CA ALA B 777 -27.40 24.28 12.17
C ALA B 777 -25.89 24.47 12.23
N LEU B 778 -25.20 23.54 12.86
CA LEU B 778 -23.74 23.62 13.00
C LEU B 778 -22.98 23.22 11.74
N ALA B 779 -23.65 22.58 10.79
CA ALA B 779 -23.00 22.11 9.57
C ALA B 779 -23.07 23.12 8.43
N GLY B 780 -23.82 24.21 8.65
CA GLY B 780 -23.92 25.29 7.67
C GLY B 780 -25.24 25.35 6.93
N VAL B 781 -26.19 24.50 7.31
CA VAL B 781 -27.46 24.44 6.62
C VAL B 781 -28.28 25.70 6.93
N PRO B 782 -28.60 26.48 5.88
CA PRO B 782 -29.26 27.79 6.00
C PRO B 782 -30.36 27.89 7.07
N LYS B 783 -30.27 28.93 7.90
CA LYS B 783 -31.24 29.18 8.98
C LYS B 783 -32.68 29.00 8.52
N GLU B 784 -33.01 29.59 7.38
CA GLU B 784 -34.35 29.47 6.79
C GLU B 784 -34.82 28.01 6.64
N VAL B 785 -33.93 27.12 6.19
CA VAL B 785 -34.31 25.72 5.91
C VAL B 785 -34.50 24.92 7.19
N ILE B 786 -33.64 25.15 8.17
CA ILE B 786 -33.79 24.51 9.49
C ILE B 786 -35.05 25.00 10.18
N LYS B 787 -35.35 26.29 10.04
CA LYS B 787 -36.59 26.86 10.55
C LYS B 787 -37.79 26.15 9.90
N ARG B 788 -37.70 25.91 8.60
CA ARG B 788 -38.76 25.22 7.87
C ARG B 788 -38.78 23.74 8.18
N ALA B 789 -37.61 23.18 8.49
CA ALA B 789 -37.52 21.79 8.93
C ALA B 789 -38.19 21.63 10.28
N ARG B 790 -37.85 22.53 11.21
CA ARG B 790 -38.41 22.50 12.57
C ARG B 790 -39.92 22.45 12.55
N GLN B 791 -40.52 23.19 11.61
CA GLN B 791 -41.96 23.20 11.44
C GLN B 791 -42.48 21.80 11.09
N LYS B 792 -41.88 21.18 10.08
CA LYS B 792 -42.34 19.89 9.58
C LYS B 792 -42.13 18.79 10.61
N LEU B 793 -41.11 18.95 11.45
CA LEU B 793 -40.85 17.98 12.51
C LEU B 793 -42.03 17.98 13.47
N ARG B 794 -42.27 19.15 14.07
CA ARG B 794 -43.40 19.38 14.97
C ARG B 794 -44.67 18.70 14.45
N GLU B 795 -45.00 18.94 13.17
CA GLU B 795 -46.25 18.46 12.57
C GLU B 795 -46.24 16.96 12.24
N LEU B 796 -45.05 16.36 12.10
CA LEU B 796 -44.95 14.91 11.91
C LEU B 796 -44.99 14.18 13.26
N GLU B 797 -44.43 14.81 14.28
CA GLU B 797 -44.35 14.22 15.62
C GLU B 797 -45.70 14.24 16.35
N SER B 798 -46.55 15.23 16.06
CA SER B 798 -47.88 15.34 16.69
C SER B 798 -49.01 14.63 15.91
N ILE B 799 -48.65 13.49 15.32
CA ILE B 799 -49.59 12.39 15.07
C ILE B 799 -49.14 11.20 15.95
N SER B 800 -47.85 11.20 16.31
CA SER B 800 -47.22 10.15 17.11
C SER B 800 -47.01 10.63 18.56
PB ADP E . -29.65 0.93 -5.38
O1B ADP E . -29.10 0.33 -4.11
O2B ADP E . -28.97 2.22 -5.76
O3B ADP E . -31.16 0.94 -5.46
PA ADP E . -27.95 0.16 -7.50
O1A ADP E . -28.22 1.35 -8.38
O2A ADP E . -26.71 0.15 -6.66
O3A ADP E . -29.21 -0.10 -6.54
O5' ADP E . -28.01 -1.15 -8.42
C5' ADP E . -27.76 -2.43 -7.84
C4' ADP E . -27.29 -3.39 -8.93
O4' ADP E . -28.26 -3.44 -9.98
C3' ADP E . -25.96 -2.96 -9.56
O3' ADP E . -24.91 -3.81 -9.11
C2' ADP E . -26.17 -3.08 -11.06
O2' ADP E . -25.31 -4.09 -11.60
C1' ADP E . -27.63 -3.45 -11.27
N9 ADP E . -28.34 -2.49 -12.15
C8 ADP E . -28.70 -1.23 -11.82
N7 ADP E . -29.33 -0.62 -12.85
C5 ADP E . -29.39 -1.50 -13.86
C6 ADP E . -29.94 -1.50 -15.23
N6 ADP E . -30.54 -0.39 -15.71
N1 ADP E . -29.79 -2.62 -15.96
C2 ADP E . -29.19 -3.73 -15.48
N3 ADP E . -28.67 -3.80 -14.24
C4 ADP E . -28.74 -2.73 -13.39
CL CL F . -35.61 0.44 1.10
CL CL G . -2.96 23.11 -25.03
CL CL H . 41.48 -19.20 5.31
#